data_8XMO
#
_entry.id   8XMO
#
_cell.length_a   1.00
_cell.length_b   1.00
_cell.length_c   1.00
_cell.angle_alpha   90.00
_cell.angle_beta   90.00
_cell.angle_gamma   90.00
#
_symmetry.space_group_name_H-M   'P 1'
#
loop_
_entity.id
_entity.type
_entity.pdbx_description
1 polymer 'Sodium channel subunit beta-2'
2 polymer 'Sodium channel protein type 9 subunit alpha'
3 polymer 'Sodium channel subunit beta-1'
4 branched 2-acetamido-2-deoxy-beta-D-glucopyranose-(1-4)-2-acetamido-2-deoxy-beta-D-glucopyranose
5 non-polymer 2-acetamido-2-deoxy-beta-D-glucopyranose
6 non-polymer 1-O-OCTADECYL-SN-GLYCERO-3-PHOSPHOCHOLINE
7 non-polymer 1,2-DIOLEOYL-SN-GLYCERO-3-PHOSPHOCHOLINE
#
loop_
_entity_poly.entity_id
_entity_poly.type
_entity_poly.pdbx_seq_one_letter_code
_entity_poly.pdbx_strand_id
1 'polypeptide(L)'
;MHRDAWLPRPAFSLTGLSLFFSLVPPGRSMEVTVPATLNVLNGSDARLPCTFNSCYTVNHKQFSLNWTYQECNNCSEEMF
LQFRMKIINLKLERFQDRVEFSGNPSKYDVSVMLRNVQPEDEGIYNCYIMNPPDRHRGHGKIHLQVLMEEPPERDSTVAV
IVGASVGGFLAVVILVLMVVKCVRRKKEQKLSTDDLKTEEEGKTDGEGNPDDGAKLEHHHHHHHHHH
;
C
2 'polypeptide(L)'
;MASWSHPQFEKGGGARGGSGGGSWSHPQFEKGFDYKDDDDKGTMAMLPPPGPQSFVHFTKQSLALIEQRIAERKSKEPKE
EKKDDDEEAPKPSSDLEAGKQLPFIYGDIPPGMVSEPLEDLDPYYADKKTFIVLNKGKTIFRFNATPALYMLSPFSPLRR
ISIKILVHSLFSMLIMCTILTNCIFMTMNNPPDWTKNVKYTFTGIYTFESLVKILARGFCVGEFTFLRDPWNWLDFVVIV
FAYLTEFVNLGNVSALRTFRVLRALKTISVIPGLKTIVGALIQSVKKLSDVMILTVFCLSVFALIGLQLFMGNLKHKCFR
NSLENNETLESIMNTLESEEDFRKYFYYLEGSKDALLCGFSTDSGQCPEGYTCVKIGRNPDYGYTSFDTFSWAFLALFRL
MTQDYWENLYQQTLRAAGKTYMIFFVVVIFLGSFYLINLILAVVAMAYEEQNQANIEEAKQKELEFQQMLDRLKKEQEEA
EAIAAAAAEYTSIRRSRIMGLSESSSETSKLSSKSAKERRNRRKKKNQKKLSSGEEKGDAEKLSKSESEDSIRRKSFHLG
VEGHRRAHEKRLSTPNQSPLSIRGSLFSARRSSRTSLFSFKGRGRDIGSETEFADDEHSIFGDNESRRGSLFVPHRPQER
RSSNISQASRSPPMLPVNGKMHSAVDCNGVVSLVDGRSALMLPNGQLLPEVIIDKATSDDSGTTNQIHKKRRCSSYLLSE
DMLNDPNLRQRAMSRASILTNTVEELEESRQKCPPWWYRFAHKFLIWNCSPYWIKFKKCIYFIVMDPFVDLAITICIVLN
TLFMAMEHHPMTEEFKNVLAIRNLVFTGIFAAEMVLKLIAMDPYEYFQVGWNIFDSLIVTLSLVELFLADVEGLSVLRSF
RLLRVFKLAKSWPTLNMLIKIIGNSVGAFGNLTLVLAIIVFIFAVVGMQLFGKSYKECVCKINDDCTLPRWHMNDFFHSF
LIVFRVLCGEWIETMWDCMEVAGQAMCLIVYMMVMVIGNLVVLNLFLALLLSSFSSDNLTAIEEDPDANNLQIAVTRIKK
GINYVKQTLREFILKAFSKKPKISREIRQAEDLNTKKENYISNHTLAEMSKGHNFLKEKDKISGFGSSVDKHLMEDSDGQ
SFIHNPSLTVTVPIAPGESDLENMNAEELSSDSDSEYSKVRLNRSSSSECSTVDNPLPGEGEEAEAEPMNSDEPEACFTD
GCVWRFSCCQVNIESGKGKIWWNIRKTCYKIVEHSWFESFIVLMILLSSGALAFEDIYIERKKTIKIILEYADKIFTYIF
ILEMLLKWIAYGYKTYFTNAWCWLDFLIVDVSLVTLVANTLGYSDLGPIKSLRTLRALRPLRALSRFEGMRVVVNALIGA
IPSIMNVLLVCLIFWLIFSIMGVNLFAGKFYECINTTDGSRFPASQVPNRSECFALMNVSQNVRWKNLKVNFDNVGLGYL
SLLQVATFKGWTIIMYAAVDSVNVDKQPKYEYSLYMYIYFVVFIIFGSFFTLNLFICVIIDNFNQQKKKLGGQDIFMTEE
QKKYYNAMKKLGSKKPQKPIPRPGNKIQGCIFDLVTNQAFDISIMVLICLNMVTMMVEKEGQSQHMTEVLYWINVVFIIL
FTGECVLKLISLRHYYFTVGWNIFDFVVVIISIVGMFLADLIETYFVSPTLFRVIRLARIGRILRLVKGAKGIRTLLFAL
MMSLPALFNIGLLLFLVMFIYAIFGMSNFAYVKKEDGINDMFNFETFGNSMICLFQITTSAGWDGLLAPILNSKPPDCDP
KKVHPGSSVEGDCGNPSVGIFYFVSYIIISFLVVVNMYIAVILENFSVATEESTEPLSEDDFEMFYEVWEKFDPDATQFI
EFSKLSDFAAALDPPLLIAKPNKVQLIAMDLPMVSGDRIHCLDILFAFTKRVLGESGEMDSLRSQMEERFMSANPSKVSY
EPITTTLKRKQEDVSATVIQRAYRRYRLRQNVKNISSIYIKDGDRDDDLLNKKDMAFDNVNENSSPEKTDATSSTTSPPS
YDSVTKPDKEKYEQDRTEKEDKGKDSKESKK
;
A
3 'polypeptide(L)'
;MGRLLALVVGAALVSSACGGCVEVDSETEAVYGMTFKILCISCKRRSETNAETFTEWTFRQKGTEEFVKILRYENEVLQL
EEDERFEGRVVWNGSRGTKDLQDLSIFITNVTYNHSGDYECHVYRLLFFENYEHNTSVVKKIHIEVVDKANRDMASIVSE
IMMYVLIVVLTIWLVAEMIYCYKKIAAATETAAQENASEYLAITSESKENCTGVQVAELEHHHHHHHHHH
;
B
#
loop_
_chem_comp.id
_chem_comp.type
_chem_comp.name
_chem_comp.formula
LPE non-polymer 1-O-OCTADECYL-SN-GLYCERO-3-PHOSPHOCHOLINE 'C26 H57 N O6 P 1'
NAG D-saccharide, beta linking 2-acetamido-2-deoxy-beta-D-glucopyranose 'C8 H15 N O6'
PCW non-polymer 1,2-DIOLEOYL-SN-GLYCERO-3-PHOSPHOCHOLINE 'C44 H85 N O8 P 1'
#
# COMPACT_ATOMS: atom_id res chain seq x y z
N MET A 30 -32.25 10.85 -16.02
CA MET A 30 -33.60 10.55 -15.57
C MET A 30 -34.48 10.12 -16.73
N GLU A 31 -34.50 8.82 -17.03
CA GLU A 31 -35.37 8.30 -18.07
C GLU A 31 -36.80 8.30 -17.57
N VAL A 32 -37.75 8.56 -18.47
CA VAL A 32 -39.16 8.63 -18.15
C VAL A 32 -39.87 7.50 -18.88
N THR A 33 -40.59 6.67 -18.13
CA THR A 33 -41.29 5.51 -18.67
C THR A 33 -42.77 5.84 -18.82
N VAL A 34 -43.20 6.10 -20.05
CA VAL A 34 -44.59 6.48 -20.32
C VAL A 34 -45.05 5.78 -21.58
N PRO A 35 -46.35 5.46 -21.66
CA PRO A 35 -46.91 4.95 -22.91
C PRO A 35 -47.18 6.08 -23.89
N ALA A 36 -46.59 5.99 -25.08
CA ALA A 36 -46.67 7.09 -26.04
C ALA A 36 -48.11 7.34 -26.46
N THR A 37 -48.88 6.28 -26.70
CA THR A 37 -50.27 6.40 -27.12
C THR A 37 -51.16 5.75 -26.06
N LEU A 38 -52.22 6.46 -25.68
CA LEU A 38 -53.15 5.98 -24.68
C LEU A 38 -54.57 6.07 -25.23
N ASN A 39 -55.22 4.92 -25.39
CA ASN A 39 -56.61 4.85 -25.77
C ASN A 39 -57.42 4.37 -24.57
N VAL A 40 -58.38 5.19 -24.15
CA VAL A 40 -59.23 4.86 -23.02
C VAL A 40 -60.68 5.01 -23.46
N LEU A 41 -61.53 4.09 -23.00
CA LEU A 41 -62.93 4.11 -23.38
C LEU A 41 -63.64 5.29 -22.74
N ASN A 42 -64.57 5.89 -23.49
CA ASN A 42 -65.29 7.07 -23.02
C ASN A 42 -66.11 6.75 -21.78
N GLY A 43 -66.03 7.62 -20.78
CA GLY A 43 -66.72 7.43 -19.54
C GLY A 43 -66.02 6.52 -18.54
N SER A 44 -64.95 5.85 -18.96
CA SER A 44 -64.23 4.96 -18.07
CA SER A 44 -64.21 4.96 -18.08
C SER A 44 -63.12 5.73 -17.34
N ASP A 45 -62.32 4.99 -16.58
CA ASP A 45 -61.19 5.54 -15.86
C ASP A 45 -59.93 5.47 -16.70
N ALA A 46 -59.13 6.53 -16.65
CA ALA A 46 -57.91 6.64 -17.44
C ALA A 46 -56.71 6.68 -16.50
N ARG A 47 -55.86 5.67 -16.59
CA ARG A 47 -54.59 5.64 -15.86
C ARG A 47 -53.51 6.21 -16.77
N LEU A 48 -52.90 7.31 -16.33
CA LEU A 48 -51.92 8.01 -17.15
C LEU A 48 -50.57 7.92 -16.43
N PRO A 49 -49.79 6.89 -16.70
CA PRO A 49 -48.60 6.63 -15.89
C PRO A 49 -47.39 7.41 -16.35
N CYS A 50 -46.91 8.30 -15.47
CA CYS A 50 -45.57 8.85 -15.60
C CYS A 50 -44.72 8.28 -14.48
N THR A 51 -43.56 7.75 -14.85
CA THR A 51 -42.60 7.19 -13.91
C THR A 51 -41.20 7.55 -14.39
N PHE A 52 -40.25 7.46 -13.46
CA PHE A 52 -38.85 7.72 -13.75
C PHE A 52 -37.98 6.80 -12.92
N ASN A 53 -36.72 6.61 -13.33
CA ASN A 53 -35.74 5.93 -12.51
C ASN A 53 -34.62 6.91 -12.21
N SER A 54 -34.68 7.52 -11.04
CA SER A 54 -33.65 8.42 -10.56
C SER A 54 -32.87 7.73 -9.47
N CYS A 55 -31.54 7.71 -9.61
CA CYS A 55 -30.70 7.00 -8.66
C CYS A 55 -30.64 7.71 -7.32
N TYR A 56 -31.00 8.98 -7.27
CA TYR A 56 -30.92 9.73 -6.03
C TYR A 56 -32.21 9.60 -5.26
N THR A 57 -32.09 9.49 -3.94
CA THR A 57 -33.28 9.42 -3.10
C THR A 57 -34.10 10.69 -3.28
N VAL A 58 -35.35 10.52 -3.68
CA VAL A 58 -36.23 11.67 -3.87
C VAL A 58 -36.55 12.24 -2.50
N ASN A 59 -36.32 13.54 -2.36
CA ASN A 59 -36.62 14.22 -1.11
C ASN A 59 -37.61 15.34 -1.40
N HIS A 60 -38.66 15.43 -0.59
CA HIS A 60 -39.78 16.29 -0.92
C HIS A 60 -39.44 17.77 -0.83
N LYS A 61 -38.31 18.11 -0.22
CA LYS A 61 -37.99 19.53 -0.03
C LYS A 61 -37.36 20.16 -1.25
N GLN A 62 -37.01 19.40 -2.29
CA GLN A 62 -36.68 20.00 -3.58
C GLN A 62 -37.45 19.42 -4.74
N PHE A 63 -37.84 18.14 -4.70
CA PHE A 63 -38.33 17.48 -5.89
C PHE A 63 -39.60 18.13 -6.39
N SER A 64 -39.69 18.29 -7.71
CA SER A 64 -40.79 19.00 -8.31
C SER A 64 -41.41 18.18 -9.43
N LEU A 65 -42.73 18.25 -9.54
CA LEU A 65 -43.49 17.63 -10.60
C LEU A 65 -44.26 18.72 -11.33
N ASN A 66 -44.14 18.77 -12.65
CA ASN A 66 -44.85 19.75 -13.45
C ASN A 66 -45.79 19.02 -14.40
N TRP A 67 -47.09 19.11 -14.14
CA TRP A 67 -48.10 18.37 -14.88
C TRP A 67 -48.81 19.32 -15.85
N THR A 68 -48.48 19.21 -17.13
CA THR A 68 -49.05 20.07 -18.16
C THR A 68 -49.64 19.22 -19.27
N TYR A 69 -50.51 19.85 -20.06
CA TYR A 69 -51.17 19.19 -21.19
C TYR A 69 -51.35 20.20 -22.30
N GLN A 70 -51.31 19.75 -23.55
CA GLN A 70 -51.58 20.61 -24.69
C GLN A 70 -52.25 19.80 -25.77
N GLU A 71 -53.20 20.42 -26.48
CA GLU A 71 -53.99 19.69 -27.47
C GLU A 71 -53.37 19.52 -28.84
N CYS A 72 -53.27 20.62 -29.58
CA CYS A 72 -52.65 20.56 -30.88
C CYS A 72 -51.28 21.17 -30.67
N ASN A 73 -50.35 20.84 -31.53
CA ASN A 73 -48.99 21.35 -31.36
C ASN A 73 -48.99 22.87 -31.40
N ASN A 74 -49.78 23.43 -32.32
CA ASN A 74 -49.88 24.89 -32.42
C ASN A 74 -50.45 25.54 -31.18
N CYS A 75 -51.48 24.94 -30.59
CA CYS A 75 -52.14 25.52 -29.42
C CYS A 75 -51.30 25.43 -28.14
N SER A 76 -51.54 26.33 -27.20
CA SER A 76 -50.70 26.41 -26.00
C SER A 76 -50.71 25.34 -24.91
N GLU A 77 -49.57 25.14 -24.26
CA GLU A 77 -49.45 24.21 -23.14
C GLU A 77 -50.16 24.81 -21.92
N GLU A 78 -50.79 23.95 -21.13
CA GLU A 78 -51.50 24.41 -19.92
C GLU A 78 -51.12 23.52 -18.75
N MET A 79 -50.97 24.13 -17.58
CA MET A 79 -50.56 23.40 -16.38
C MET A 79 -51.76 23.13 -15.49
N PHE A 80 -51.85 21.91 -14.94
CA PHE A 80 -52.95 21.54 -14.06
C PHE A 80 -52.53 21.02 -12.70
N LEU A 81 -51.43 20.28 -12.59
CA LEU A 81 -50.92 19.79 -11.31
C LEU A 81 -49.44 20.10 -11.20
N GLN A 82 -48.98 20.09 -9.96
CA GLN A 82 -47.57 20.28 -9.76
C GLN A 82 -47.24 19.64 -8.45
N PHE A 83 -46.05 19.90 -7.93
CA PHE A 83 -45.66 19.46 -6.61
C PHE A 83 -44.43 20.25 -6.21
N ARG A 84 -44.60 21.21 -5.30
CA ARG A 84 -43.47 21.95 -4.75
C ARG A 84 -43.13 21.45 -3.36
N MET A 85 -44.09 21.51 -2.45
CA MET A 85 -43.96 20.94 -1.10
C MET A 85 -45.00 19.88 -0.84
N LYS A 86 -46.18 20.04 -1.44
CA LYS A 86 -47.32 19.15 -1.30
C LYS A 86 -48.04 19.17 -2.64
N ILE A 87 -48.93 18.21 -2.85
CA ILE A 87 -49.56 18.08 -4.16
C ILE A 87 -50.55 19.23 -4.37
N ILE A 88 -50.32 20.02 -5.41
CA ILE A 88 -51.12 21.20 -5.70
C ILE A 88 -51.97 20.92 -6.93
N ASN A 89 -53.28 21.09 -6.79
CA ASN A 89 -54.22 20.99 -7.91
C ASN A 89 -54.84 22.37 -8.10
N LEU A 90 -54.72 22.90 -9.32
CA LEU A 90 -55.25 24.22 -9.64
C LEU A 90 -56.74 24.21 -10.02
N LYS A 91 -57.34 23.02 -10.19
CA LYS A 91 -58.79 22.91 -10.34
C LYS A 91 -59.30 23.65 -11.57
N LEU A 92 -58.80 23.30 -12.75
CA LEU A 92 -59.13 24.09 -13.95
C LEU A 92 -60.48 23.86 -14.60
N GLU A 93 -60.85 24.74 -15.53
CA GLU A 93 -62.11 24.54 -16.25
C GLU A 93 -61.95 23.33 -17.16
N ARG A 94 -62.92 22.41 -17.13
CA ARG A 94 -62.89 21.19 -17.95
C ARG A 94 -61.94 20.16 -17.36
N PHE A 95 -61.25 20.54 -16.28
CA PHE A 95 -60.37 19.62 -15.58
C PHE A 95 -60.85 19.64 -14.15
N GLN A 96 -61.97 20.32 -13.92
CA GLN A 96 -62.50 20.45 -12.57
C GLN A 96 -63.01 19.15 -11.99
N ASP A 97 -62.82 18.96 -10.69
CA ASP A 97 -63.27 17.74 -10.02
C ASP A 97 -63.17 16.46 -10.83
N ARG A 98 -62.11 16.30 -11.63
CA ARG A 98 -61.96 15.03 -12.33
C ARG A 98 -60.54 14.52 -12.21
N VAL A 99 -59.63 15.36 -11.72
CA VAL A 99 -58.23 14.96 -11.64
C VAL A 99 -57.75 15.02 -10.20
N GLU A 100 -57.18 13.92 -9.73
CA GLU A 100 -56.50 13.88 -8.44
C GLU A 100 -55.22 13.07 -8.61
N PHE A 101 -54.20 13.43 -7.84
CA PHE A 101 -52.97 12.66 -7.86
C PHE A 101 -53.22 11.28 -7.26
N SER A 102 -52.73 10.26 -7.96
CA SER A 102 -52.97 8.86 -7.57
C SER A 102 -51.66 8.08 -7.50
N GLY A 103 -50.54 8.78 -7.43
CA GLY A 103 -49.26 8.13 -7.24
C GLY A 103 -48.52 8.70 -6.05
N ASN A 104 -47.35 8.14 -5.74
CA ASN A 104 -46.62 8.63 -4.59
C ASN A 104 -45.16 8.80 -5.01
N PRO A 105 -44.62 10.01 -4.91
CA PRO A 105 -43.30 10.26 -5.50
C PRO A 105 -42.18 9.42 -4.90
N SER A 106 -42.31 8.97 -3.66
CA SER A 106 -41.20 8.28 -3.03
CA SER A 106 -41.21 8.27 -3.02
C SER A 106 -40.81 7.02 -3.78
N LYS A 107 -41.78 6.24 -4.27
CA LYS A 107 -41.48 5.08 -5.08
C LYS A 107 -41.52 5.40 -6.57
N TYR A 108 -41.15 6.62 -6.94
CA TYR A 108 -40.89 7.00 -8.33
C TYR A 108 -42.12 6.86 -9.20
N ASP A 109 -43.30 6.89 -8.61
CA ASP A 109 -44.55 6.73 -9.33
C ASP A 109 -45.32 8.04 -9.17
N VAL A 110 -45.57 8.71 -10.29
CA VAL A 110 -46.32 9.96 -10.25
C VAL A 110 -47.53 9.87 -11.17
N SER A 111 -48.12 8.69 -11.24
CA SER A 111 -49.28 8.49 -12.10
CA SER A 111 -49.27 8.50 -12.11
C SER A 111 -50.47 9.31 -11.62
N VAL A 112 -51.32 9.70 -12.57
CA VAL A 112 -52.56 10.41 -12.29
C VAL A 112 -53.70 9.69 -13.01
N MET A 113 -54.92 9.92 -12.51
CA MET A 113 -56.13 9.32 -13.06
C MET A 113 -57.03 10.39 -13.66
N LEU A 114 -57.83 9.99 -14.65
CA LEU A 114 -58.81 10.85 -15.31
C LEU A 114 -60.19 10.22 -15.12
N ARG A 115 -61.00 10.82 -14.25
CA ARG A 115 -62.29 10.24 -13.93
C ARG A 115 -63.32 10.53 -15.01
N ASN A 116 -63.92 9.45 -15.53
CA ASN A 116 -65.05 9.53 -16.46
C ASN A 116 -64.67 10.41 -17.65
N VAL A 117 -63.75 9.88 -18.46
CA VAL A 117 -63.24 10.64 -19.60
C VAL A 117 -64.36 10.98 -20.57
N GLN A 118 -64.25 12.14 -21.21
CA GLN A 118 -65.13 12.62 -22.25
C GLN A 118 -64.37 12.71 -23.57
N PRO A 119 -65.05 13.00 -24.69
CA PRO A 119 -64.29 13.23 -25.93
C PRO A 119 -63.36 14.42 -25.87
N GLU A 120 -63.63 15.39 -24.98
CA GLU A 120 -62.86 16.64 -24.96
C GLU A 120 -61.40 16.45 -24.58
N ASP A 121 -61.09 15.65 -23.55
CA ASP A 121 -59.74 15.60 -23.03
C ASP A 121 -58.77 14.90 -23.97
N GLU A 122 -59.24 14.41 -25.11
CA GLU A 122 -58.37 13.88 -26.14
C GLU A 122 -57.28 14.89 -26.48
N GLY A 123 -56.03 14.47 -26.31
CA GLY A 123 -54.92 15.37 -26.53
C GLY A 123 -53.62 14.75 -26.05
N ILE A 124 -52.63 15.62 -25.87
CA ILE A 124 -51.23 15.20 -25.67
C ILE A 124 -50.80 15.65 -24.28
N TYR A 125 -50.46 14.68 -23.43
CA TYR A 125 -50.25 14.92 -22.02
C TYR A 125 -48.76 14.93 -21.68
N ASN A 126 -48.39 15.85 -20.79
CA ASN A 126 -46.99 16.13 -20.47
C ASN A 126 -46.78 16.00 -18.96
N CYS A 127 -45.73 15.28 -18.58
CA CYS A 127 -45.29 15.18 -17.20
C CYS A 127 -43.83 15.62 -17.13
N TYR A 128 -43.59 16.76 -16.50
CA TYR A 128 -42.24 17.30 -16.36
C TYR A 128 -41.77 17.06 -14.93
N ILE A 129 -40.61 16.42 -14.81
CA ILE A 129 -40.06 16.04 -13.51
C ILE A 129 -38.69 16.68 -13.36
N MET A 130 -38.49 17.35 -12.23
CA MET A 130 -37.15 17.79 -11.83
C MET A 130 -36.88 17.22 -10.45
N ASN A 131 -35.85 16.38 -10.35
CA ASN A 131 -35.52 15.69 -9.10
C ASN A 131 -34.09 16.05 -8.72
N PRO A 132 -33.90 17.14 -8.00
CA PRO A 132 -32.57 17.48 -7.51
C PRO A 132 -32.09 16.42 -6.54
N PRO A 133 -30.77 16.22 -6.42
CA PRO A 133 -29.73 17.01 -7.06
C PRO A 133 -29.33 16.55 -8.46
N ASP A 134 -30.02 15.55 -9.01
CA ASP A 134 -29.80 15.17 -10.40
C ASP A 134 -30.22 16.28 -11.35
N ARG A 135 -29.26 16.79 -12.13
CA ARG A 135 -29.48 18.02 -12.89
C ARG A 135 -30.44 17.81 -14.04
N HIS A 136 -30.34 16.68 -14.73
CA HIS A 136 -31.09 16.45 -15.95
C HIS A 136 -32.58 16.52 -15.66
N ARG A 137 -33.29 17.32 -16.43
CA ARG A 137 -34.71 17.55 -16.20
C ARG A 137 -35.52 16.60 -17.06
N GLY A 138 -36.22 15.67 -16.40
CA GLY A 138 -36.95 14.62 -17.08
C GLY A 138 -38.16 15.15 -17.81
N HIS A 139 -38.68 14.33 -18.74
CA HIS A 139 -39.80 14.74 -19.57
C HIS A 139 -40.47 13.51 -20.18
N GLY A 140 -41.73 13.32 -19.85
CA GLY A 140 -42.55 12.27 -20.45
C GLY A 140 -43.67 12.86 -21.29
N LYS A 141 -43.99 12.18 -22.38
CA LYS A 141 -45.04 12.59 -23.30
C LYS A 141 -46.01 11.43 -23.47
N ILE A 142 -47.31 11.73 -23.45
CA ILE A 142 -48.34 10.71 -23.63
C ILE A 142 -49.44 11.29 -24.51
N HIS A 143 -49.89 10.49 -25.49
CA HIS A 143 -51.01 10.84 -26.36
C HIS A 143 -52.24 10.10 -25.84
N LEU A 144 -53.25 10.85 -25.43
CA LEU A 144 -54.49 10.26 -24.92
C LEU A 144 -55.57 10.38 -25.98
N GLN A 145 -56.13 9.25 -26.39
CA GLN A 145 -57.23 9.20 -27.34
C GLN A 145 -58.42 8.49 -26.70
N VAL A 146 -59.61 8.92 -27.07
CA VAL A 146 -60.85 8.42 -26.49
C VAL A 146 -61.62 7.65 -27.55
N LEU A 147 -62.05 6.44 -27.21
CA LEU A 147 -62.87 5.63 -28.09
C LEU A 147 -64.33 5.70 -27.63
N MET A 148 -65.23 5.89 -28.59
CA MET A 148 -66.66 5.98 -28.31
C MET A 148 -67.17 4.72 -27.63
N GLY B 51 5.50 -50.86 -37.60
CA GLY B 51 5.46 -50.37 -38.96
C GLY B 51 5.33 -48.86 -39.06
N PRO B 52 6.42 -48.19 -39.46
CA PRO B 52 6.38 -46.73 -39.57
C PRO B 52 5.65 -46.23 -40.81
N GLN B 53 5.09 -47.13 -41.62
CA GLN B 53 4.41 -46.79 -42.85
C GLN B 53 2.92 -47.12 -42.75
N SER B 54 2.42 -47.26 -41.52
CA SER B 54 1.02 -47.64 -41.28
C SER B 54 0.14 -46.44 -41.58
N PHE B 55 0.23 -45.95 -42.82
CA PHE B 55 -0.56 -44.82 -43.30
C PHE B 55 -1.45 -45.34 -44.43
N VAL B 56 -2.71 -45.60 -44.12
CA VAL B 56 -3.69 -46.00 -45.13
C VAL B 56 -4.88 -45.07 -45.02
N HIS B 57 -5.73 -45.09 -46.04
CA HIS B 57 -6.92 -44.25 -46.01
C HIS B 57 -8.00 -44.90 -45.16
N PHE B 58 -8.74 -44.09 -44.42
CA PHE B 58 -9.85 -44.60 -43.64
C PHE B 58 -11.00 -45.00 -44.55
N THR B 59 -11.50 -46.22 -44.37
CA THR B 59 -12.38 -46.86 -45.32
C THR B 59 -13.58 -47.51 -44.61
N LYS B 60 -14.43 -48.17 -45.41
CA LYS B 60 -15.60 -48.85 -44.89
C LYS B 60 -15.29 -50.23 -44.33
N GLN B 61 -14.45 -51.00 -45.02
CA GLN B 61 -14.09 -52.33 -44.53
C GLN B 61 -13.36 -52.24 -43.21
N SER B 62 -12.71 -51.10 -42.94
CA SER B 62 -12.22 -50.85 -41.59
C SER B 62 -13.38 -50.76 -40.61
N LEU B 63 -14.44 -50.03 -40.97
CA LEU B 63 -15.61 -49.96 -40.10
C LEU B 63 -16.25 -51.34 -39.93
N ALA B 64 -16.36 -52.09 -41.01
CA ALA B 64 -16.82 -53.47 -40.90
C ALA B 64 -15.88 -54.29 -40.03
N LEU B 65 -14.66 -53.81 -39.82
CA LEU B 65 -13.69 -54.42 -38.93
C LEU B 65 -13.68 -53.81 -37.53
N ILE B 66 -13.98 -52.51 -37.40
CA ILE B 66 -13.92 -51.89 -36.09
C ILE B 66 -15.03 -52.43 -35.19
N GLU B 67 -16.24 -52.58 -35.73
CA GLU B 67 -17.30 -53.19 -34.94
C GLU B 67 -17.14 -54.69 -34.86
N GLN B 68 -16.15 -55.27 -35.54
CA GLN B 68 -15.97 -56.71 -35.52
C GLN B 68 -15.45 -57.18 -34.16
N ARG B 69 -14.32 -56.65 -33.72
CA ARG B 69 -13.74 -57.04 -32.44
C ARG B 69 -14.68 -56.73 -31.31
N ILE B 70 -15.27 -55.55 -31.34
CA ILE B 70 -16.16 -55.10 -30.26
C ILE B 70 -17.32 -56.05 -30.08
N ALA B 71 -17.69 -56.80 -31.13
CA ALA B 71 -18.77 -57.77 -30.99
C ALA B 71 -18.43 -58.86 -29.99
N GLU B 72 -17.25 -59.45 -30.08
CA GLU B 72 -16.91 -60.54 -29.18
C GLU B 72 -16.29 -60.06 -27.86
N ARG B 73 -15.85 -58.80 -27.77
CA ARG B 73 -15.43 -58.29 -26.47
C ARG B 73 -16.60 -58.23 -25.50
N LYS B 74 -17.80 -57.93 -26.00
CA LYS B 74 -18.99 -57.90 -25.14
C LYS B 74 -19.56 -59.30 -24.96
N SER B 75 -18.95 -60.29 -25.59
CA SER B 75 -19.46 -61.66 -25.51
C SER B 75 -18.56 -62.58 -24.68
N LYS B 76 -17.59 -62.05 -23.96
CA LYS B 76 -16.67 -62.89 -23.18
C LYS B 76 -16.82 -62.74 -21.68
N GLU B 77 -17.51 -61.71 -21.20
CA GLU B 77 -17.73 -61.55 -19.76
C GLU B 77 -19.12 -62.08 -19.39
N PRO B 90 -4.72 -51.10 -20.34
CA PRO B 90 -4.02 -50.27 -21.32
C PRO B 90 -4.57 -48.84 -21.39
N LYS B 91 -3.68 -47.85 -21.28
CA LYS B 91 -4.09 -46.47 -21.32
C LYS B 91 -3.55 -45.82 -22.60
N PRO B 92 -4.24 -44.80 -23.12
CA PRO B 92 -3.84 -44.27 -24.44
C PRO B 92 -2.46 -43.65 -24.39
N SER B 93 -1.77 -43.69 -25.52
CA SER B 93 -0.41 -43.18 -25.59
C SER B 93 -0.39 -41.69 -25.23
N SER B 94 0.51 -41.33 -24.32
CA SER B 94 0.57 -39.96 -23.82
C SER B 94 1.18 -39.00 -24.83
N ASP B 95 1.46 -39.45 -26.04
CA ASP B 95 2.10 -38.66 -27.08
C ASP B 95 1.26 -38.49 -28.33
N LEU B 96 -0.02 -38.85 -28.27
CA LEU B 96 -0.87 -38.84 -29.45
C LEU B 96 -2.18 -38.10 -29.25
N GLU B 97 -2.43 -37.56 -28.06
CA GLU B 97 -3.70 -36.90 -27.81
C GLU B 97 -3.84 -35.65 -28.68
N ALA B 98 -5.07 -35.15 -28.74
CA ALA B 98 -5.40 -34.11 -29.71
C ALA B 98 -4.58 -32.85 -29.49
N GLY B 99 -4.23 -32.20 -30.58
CA GLY B 99 -3.55 -30.92 -30.53
C GLY B 99 -2.05 -31.00 -30.38
N LYS B 100 -1.53 -32.21 -30.20
CA LYS B 100 -0.10 -32.38 -30.01
C LYS B 100 0.52 -32.67 -31.38
N GLN B 101 1.78 -33.09 -31.42
CA GLN B 101 2.47 -33.33 -32.68
C GLN B 101 2.70 -34.83 -32.88
N LEU B 102 2.55 -35.26 -34.13
CA LEU B 102 2.69 -36.67 -34.48
C LEU B 102 4.15 -37.10 -34.30
N PRO B 103 4.38 -38.31 -33.79
CA PRO B 103 5.76 -38.75 -33.54
C PRO B 103 6.60 -38.77 -34.81
N PHE B 104 7.86 -38.37 -34.66
CA PHE B 104 8.82 -38.31 -35.76
C PHE B 104 9.08 -39.69 -36.34
N ILE B 105 9.03 -40.75 -35.53
CA ILE B 105 9.37 -42.09 -36.00
C ILE B 105 8.52 -42.50 -37.19
N TYR B 106 7.26 -42.05 -37.24
CA TYR B 106 6.41 -42.32 -38.38
C TYR B 106 6.80 -41.53 -39.61
N GLY B 107 7.70 -40.55 -39.47
CA GLY B 107 8.20 -39.85 -40.63
C GLY B 107 7.14 -38.94 -41.25
N ASP B 108 7.21 -38.82 -42.57
CA ASP B 108 6.39 -37.86 -43.30
C ASP B 108 5.06 -38.47 -43.71
N ILE B 109 4.05 -37.61 -43.83
CA ILE B 109 2.72 -38.00 -44.27
C ILE B 109 2.62 -37.79 -45.78
N PRO B 110 2.25 -38.81 -46.55
CA PRO B 110 2.09 -38.63 -48.00
C PRO B 110 1.06 -37.56 -48.30
N PRO B 111 1.30 -36.75 -49.34
CA PRO B 111 0.37 -35.63 -49.63
C PRO B 111 -1.04 -36.07 -49.91
N GLY B 112 -1.24 -37.27 -50.45
CA GLY B 112 -2.59 -37.75 -50.74
C GLY B 112 -3.42 -38.02 -49.51
N MET B 113 -2.83 -37.94 -48.31
CA MET B 113 -3.52 -38.21 -47.08
C MET B 113 -3.70 -36.99 -46.19
N VAL B 114 -3.12 -35.84 -46.57
CA VAL B 114 -3.22 -34.66 -45.72
C VAL B 114 -4.66 -34.18 -45.70
N SER B 115 -5.17 -33.86 -44.51
CA SER B 115 -6.56 -33.50 -44.31
C SER B 115 -7.50 -34.62 -44.74
N GLU B 116 -7.09 -35.85 -44.50
CA GLU B 116 -7.94 -37.00 -44.74
C GLU B 116 -8.10 -37.78 -43.45
N PRO B 117 -9.17 -38.56 -43.31
CA PRO B 117 -9.31 -39.38 -42.10
C PRO B 117 -8.29 -40.49 -42.09
N LEU B 118 -7.65 -40.69 -40.95
CA LEU B 118 -6.67 -41.75 -40.77
C LEU B 118 -7.11 -42.71 -39.68
N GLU B 119 -6.57 -43.92 -39.75
CA GLU B 119 -6.79 -44.94 -38.74
C GLU B 119 -6.22 -44.50 -37.39
N ASP B 120 -6.91 -44.89 -36.32
CA ASP B 120 -6.46 -44.53 -34.99
C ASP B 120 -5.39 -45.52 -34.54
N LEU B 121 -4.13 -45.08 -34.54
CA LEU B 121 -3.02 -45.95 -34.23
C LEU B 121 -2.92 -46.30 -32.74
N ASP B 122 -3.56 -45.55 -31.87
CA ASP B 122 -3.45 -45.83 -30.45
C ASP B 122 -4.12 -47.17 -30.17
N PRO B 123 -3.40 -48.15 -29.63
CA PRO B 123 -4.02 -49.46 -29.39
C PRO B 123 -5.23 -49.40 -28.48
N TYR B 124 -5.22 -48.53 -27.47
CA TYR B 124 -6.35 -48.50 -26.55
C TYR B 124 -7.56 -47.86 -27.22
N TYR B 125 -7.33 -46.90 -28.10
CA TYR B 125 -8.37 -46.37 -28.97
C TYR B 125 -8.55 -47.18 -30.24
N ALA B 126 -7.67 -48.14 -30.52
CA ALA B 126 -7.78 -48.90 -31.76
C ALA B 126 -9.08 -49.69 -31.82
N ASP B 127 -9.48 -50.29 -30.69
CA ASP B 127 -10.71 -51.09 -30.70
C ASP B 127 -11.94 -50.22 -30.94
N LYS B 128 -11.96 -49.05 -30.30
CA LYS B 128 -13.12 -48.18 -30.38
C LYS B 128 -13.47 -47.60 -31.72
N LYS B 129 -14.73 -47.17 -31.84
CA LYS B 129 -15.18 -46.53 -33.07
C LYS B 129 -14.63 -45.12 -33.07
N THR B 130 -13.62 -44.87 -33.89
CA THR B 130 -12.97 -43.55 -33.93
C THR B 130 -12.02 -43.48 -35.09
N PHE B 131 -11.52 -42.29 -35.40
CA PHE B 131 -10.50 -42.12 -36.42
C PHE B 131 -9.68 -40.90 -36.05
N ILE B 132 -8.51 -40.77 -36.68
CA ILE B 132 -7.64 -39.63 -36.44
C ILE B 132 -7.45 -38.86 -37.74
N VAL B 133 -7.26 -37.55 -37.59
CA VAL B 133 -7.03 -36.64 -38.71
C VAL B 133 -5.78 -35.84 -38.41
N LEU B 134 -4.90 -35.72 -39.41
CA LEU B 134 -3.68 -34.93 -39.32
C LEU B 134 -3.67 -33.87 -40.41
N ASN B 135 -2.86 -32.84 -40.19
CA ASN B 135 -2.78 -31.72 -41.11
C ASN B 135 -1.35 -31.35 -41.46
N LYS B 136 -1.18 -30.23 -42.17
CA LYS B 136 0.16 -29.79 -42.53
C LYS B 136 1.03 -29.49 -41.32
N GLY B 137 0.43 -29.14 -40.19
CA GLY B 137 1.19 -28.86 -38.99
C GLY B 137 1.48 -30.09 -38.18
N LYS B 138 1.08 -31.25 -38.70
CA LYS B 138 1.34 -32.55 -38.09
C LYS B 138 0.65 -32.67 -36.72
N THR B 139 -0.48 -31.98 -36.57
CA THR B 139 -1.22 -31.98 -35.31
C THR B 139 -2.42 -32.92 -35.38
N ILE B 140 -2.65 -33.64 -34.28
CA ILE B 140 -3.63 -34.73 -34.24
C ILE B 140 -5.04 -34.18 -34.01
N PHE B 141 -5.94 -34.54 -34.92
CA PHE B 141 -7.38 -34.34 -34.74
C PHE B 141 -8.00 -35.72 -34.68
N ARG B 142 -8.62 -36.05 -33.56
CA ARG B 142 -9.28 -37.33 -33.42
C ARG B 142 -10.78 -37.15 -33.24
N PHE B 143 -11.54 -37.82 -34.10
CA PHE B 143 -12.99 -37.72 -34.07
C PHE B 143 -13.55 -39.11 -33.87
N ASN B 144 -14.87 -39.24 -34.00
CA ASN B 144 -15.54 -40.52 -33.88
C ASN B 144 -16.30 -40.81 -35.15
N ALA B 145 -16.24 -42.05 -35.62
CA ALA B 145 -16.80 -42.45 -36.90
C ALA B 145 -18.29 -42.72 -36.85
N THR B 146 -18.99 -42.20 -35.85
CA THR B 146 -20.43 -42.44 -35.99
C THR B 146 -21.02 -41.46 -36.99
N PRO B 147 -22.16 -41.82 -37.61
CA PRO B 147 -22.86 -40.83 -38.44
C PRO B 147 -23.24 -39.60 -37.64
N ALA B 148 -23.05 -38.44 -38.28
CA ALA B 148 -23.27 -37.16 -37.62
C ALA B 148 -24.70 -37.06 -37.14
N LEU B 149 -24.90 -36.95 -35.82
CA LEU B 149 -26.23 -36.92 -35.24
C LEU B 149 -27.04 -38.15 -35.63
N TYR B 150 -26.34 -39.26 -35.88
CA TYR B 150 -26.93 -40.47 -36.45
C TYR B 150 -27.66 -40.12 -37.75
N MET B 151 -27.11 -39.14 -38.46
CA MET B 151 -27.72 -38.61 -39.68
C MET B 151 -26.77 -38.57 -40.87
N LEU B 152 -25.47 -38.34 -40.68
CA LEU B 152 -24.53 -38.21 -41.79
C LEU B 152 -23.29 -39.05 -41.49
N SER B 153 -23.09 -40.09 -42.29
CA SER B 153 -21.99 -41.02 -42.08
C SER B 153 -20.64 -40.33 -42.38
N PRO B 154 -19.55 -40.82 -41.78
CA PRO B 154 -18.24 -40.20 -42.02
C PRO B 154 -17.76 -40.23 -43.47
N PHE B 155 -18.49 -40.84 -44.39
CA PHE B 155 -18.10 -40.84 -45.78
C PHE B 155 -19.02 -39.99 -46.66
N SER B 156 -19.90 -39.20 -46.06
CA SER B 156 -20.58 -38.20 -46.85
C SER B 156 -19.60 -37.10 -47.26
N PRO B 157 -19.72 -36.59 -48.48
CA PRO B 157 -18.76 -35.57 -48.93
C PRO B 157 -18.75 -34.33 -48.07
N LEU B 158 -19.92 -33.93 -47.56
CA LEU B 158 -20.00 -32.72 -46.75
C LEU B 158 -19.12 -32.82 -45.51
N ARG B 159 -19.10 -33.99 -44.89
CA ARG B 159 -18.20 -34.20 -43.77
C ARG B 159 -16.76 -34.00 -44.19
N ARG B 160 -16.39 -34.50 -45.37
CA ARG B 160 -15.02 -34.35 -45.85
C ARG B 160 -14.62 -32.89 -45.99
N ILE B 161 -15.34 -32.14 -46.84
CA ILE B 161 -14.98 -30.75 -47.06
C ILE B 161 -15.02 -29.98 -45.76
N SER B 162 -15.95 -30.33 -44.86
CA SER B 162 -16.04 -29.62 -43.61
C SER B 162 -14.87 -29.93 -42.69
N ILE B 163 -14.35 -31.16 -42.71
CA ILE B 163 -13.22 -31.45 -41.82
C ILE B 163 -11.93 -30.85 -42.39
N LYS B 164 -11.81 -30.81 -43.72
CA LYS B 164 -10.74 -29.99 -44.29
C LYS B 164 -10.86 -28.54 -43.82
N ILE B 165 -12.05 -27.95 -43.90
CA ILE B 165 -12.13 -26.55 -43.54
C ILE B 165 -11.96 -26.37 -42.02
N LEU B 166 -12.15 -27.44 -41.25
CA LEU B 166 -11.93 -27.36 -39.81
C LEU B 166 -10.44 -27.33 -39.46
N VAL B 167 -9.63 -28.16 -40.12
CA VAL B 167 -8.23 -28.25 -39.78
C VAL B 167 -7.42 -27.09 -40.35
N HIS B 168 -8.03 -26.26 -41.18
CA HIS B 168 -7.29 -25.27 -41.97
C HIS B 168 -6.70 -24.21 -41.03
N SER B 169 -5.44 -23.87 -41.23
CA SER B 169 -4.80 -22.90 -40.33
C SER B 169 -5.32 -21.49 -40.56
N LEU B 170 -5.66 -21.15 -41.81
CA LEU B 170 -6.32 -19.88 -42.07
C LEU B 170 -7.65 -19.78 -41.36
N PHE B 171 -8.27 -20.91 -41.04
CA PHE B 171 -9.48 -20.88 -40.21
C PHE B 171 -9.16 -20.32 -38.83
N SER B 172 -8.09 -20.81 -38.21
CA SER B 172 -7.70 -20.30 -36.90
C SER B 172 -7.30 -18.84 -36.99
N MET B 173 -6.57 -18.45 -38.04
CA MET B 173 -6.23 -17.04 -38.20
C MET B 173 -7.49 -16.18 -38.32
N LEU B 174 -8.48 -16.67 -39.07
CA LEU B 174 -9.73 -15.94 -39.20
C LEU B 174 -10.38 -15.74 -37.84
N ILE B 175 -10.47 -16.80 -37.05
CA ILE B 175 -11.13 -16.66 -35.75
C ILE B 175 -10.35 -15.75 -34.82
N MET B 176 -9.04 -15.83 -34.84
CA MET B 176 -8.26 -14.93 -34.00
C MET B 176 -8.53 -13.48 -34.38
N CYS B 177 -8.57 -13.21 -35.68
CA CYS B 177 -8.81 -11.84 -36.12
C CYS B 177 -10.23 -11.37 -35.77
N THR B 178 -11.23 -12.25 -35.89
CA THR B 178 -12.57 -11.85 -35.48
C THR B 178 -12.60 -11.55 -33.99
N ILE B 179 -11.89 -12.35 -33.19
CA ILE B 179 -11.85 -12.07 -31.76
C ILE B 179 -11.27 -10.68 -31.51
N LEU B 180 -10.14 -10.38 -32.12
CA LEU B 180 -9.51 -9.09 -31.86
C LEU B 180 -10.40 -7.94 -32.29
N THR B 181 -11.05 -8.04 -33.45
CA THR B 181 -11.93 -6.95 -33.84
C THR B 181 -13.13 -6.84 -32.90
N ASN B 182 -13.63 -7.98 -32.43
CA ASN B 182 -14.69 -7.99 -31.43
C ASN B 182 -14.25 -7.21 -30.20
N CYS B 183 -13.04 -7.46 -29.72
CA CYS B 183 -12.56 -6.77 -28.54
C CYS B 183 -12.47 -5.28 -28.77
N ILE B 184 -11.88 -4.89 -29.90
CA ILE B 184 -11.69 -3.46 -30.16
C ILE B 184 -13.03 -2.75 -30.23
N PHE B 185 -14.11 -3.49 -30.41
CA PHE B 185 -15.42 -2.86 -30.41
C PHE B 185 -16.09 -2.95 -29.06
N MET B 186 -15.68 -3.88 -28.23
CA MET B 186 -16.23 -3.95 -26.89
C MET B 186 -15.74 -2.81 -26.04
N THR B 187 -14.77 -2.06 -26.49
CA THR B 187 -14.24 -1.00 -25.70
C THR B 187 -14.76 0.29 -26.07
N MET B 188 -15.75 0.38 -26.93
CA MET B 188 -16.19 1.69 -27.32
C MET B 188 -17.37 1.91 -26.48
N ASN B 189 -17.36 2.95 -25.68
CA ASN B 189 -18.44 3.09 -24.73
C ASN B 189 -19.73 3.27 -25.37
N ASN B 190 -19.75 4.14 -26.35
CA ASN B 190 -21.01 4.43 -26.98
C ASN B 190 -20.90 4.04 -28.41
N PRO B 191 -21.38 2.85 -28.69
CA PRO B 191 -21.22 2.37 -30.04
C PRO B 191 -22.16 3.19 -30.88
N PRO B 192 -21.79 3.43 -32.13
CA PRO B 192 -22.76 4.10 -32.98
C PRO B 192 -23.64 3.15 -33.81
N ASP B 193 -24.28 3.66 -34.86
CA ASP B 193 -25.15 2.85 -35.72
C ASP B 193 -24.52 1.71 -36.49
N TRP B 194 -23.32 1.89 -37.01
CA TRP B 194 -22.74 0.86 -37.83
C TRP B 194 -22.62 -0.39 -37.04
N THR B 195 -22.31 -0.25 -35.77
CA THR B 195 -22.04 -1.42 -34.96
C THR B 195 -23.15 -2.42 -34.84
N LYS B 196 -24.40 -2.00 -34.78
CA LYS B 196 -25.43 -3.00 -34.61
C LYS B 196 -25.30 -3.93 -35.78
N ASN B 197 -25.01 -3.39 -36.96
CA ASN B 197 -24.81 -4.22 -38.14
C ASN B 197 -23.58 -5.12 -38.01
N VAL B 198 -22.49 -4.61 -37.46
CA VAL B 198 -21.28 -5.39 -37.37
C VAL B 198 -21.62 -6.53 -36.48
N LYS B 199 -22.17 -6.19 -35.32
CA LYS B 199 -22.59 -7.22 -34.37
C LYS B 199 -23.22 -8.38 -35.12
N TYR B 200 -24.12 -8.06 -36.05
CA TYR B 200 -24.74 -9.10 -36.86
C TYR B 200 -23.67 -9.99 -37.52
N THR B 201 -22.73 -9.37 -38.20
CA THR B 201 -21.66 -10.13 -38.83
C THR B 201 -20.98 -11.03 -37.80
N PHE B 202 -20.61 -10.50 -36.64
CA PHE B 202 -19.89 -11.29 -35.66
C PHE B 202 -20.69 -12.50 -35.24
N THR B 203 -21.97 -12.30 -34.92
CA THR B 203 -22.81 -13.46 -34.57
C THR B 203 -22.84 -14.47 -35.71
N GLY B 204 -22.86 -13.98 -36.95
CA GLY B 204 -22.81 -14.90 -38.08
C GLY B 204 -21.54 -15.72 -38.12
N ILE B 205 -20.39 -15.07 -37.92
CA ILE B 205 -19.13 -15.79 -37.94
C ILE B 205 -19.08 -16.83 -36.84
N TYR B 206 -19.55 -16.48 -35.66
CA TYR B 206 -19.48 -17.45 -34.57
C TYR B 206 -20.46 -18.60 -34.80
N THR B 207 -21.60 -18.32 -35.45
CA THR B 207 -22.52 -19.41 -35.80
C THR B 207 -21.88 -20.31 -36.84
N PHE B 208 -21.14 -19.73 -37.78
CA PHE B 208 -20.48 -20.53 -38.79
C PHE B 208 -19.42 -21.43 -38.16
N GLU B 209 -18.62 -20.87 -37.25
CA GLU B 209 -17.56 -21.67 -36.65
C GLU B 209 -18.13 -22.74 -35.72
N SER B 210 -19.28 -22.47 -35.12
CA SER B 210 -19.89 -23.50 -34.28
C SER B 210 -20.43 -24.64 -35.14
N LEU B 211 -21.10 -24.32 -36.25
CA LEU B 211 -21.72 -25.35 -37.07
C LEU B 211 -20.67 -26.21 -37.76
N VAL B 212 -19.52 -25.61 -38.08
CA VAL B 212 -18.47 -26.38 -38.75
C VAL B 212 -18.00 -27.52 -37.86
N LYS B 213 -17.78 -27.23 -36.58
CA LYS B 213 -17.43 -28.30 -35.65
C LYS B 213 -18.58 -29.28 -35.51
N ILE B 214 -19.71 -28.82 -34.96
CA ILE B 214 -20.81 -29.69 -34.60
C ILE B 214 -21.29 -30.52 -35.79
N LEU B 215 -21.01 -30.07 -37.01
CA LEU B 215 -21.26 -30.94 -38.16
C LEU B 215 -20.50 -32.25 -37.99
N ALA B 216 -19.18 -32.17 -37.99
CA ALA B 216 -18.38 -33.37 -37.76
C ALA B 216 -18.35 -33.71 -36.28
N ARG B 217 -18.37 -32.69 -35.42
CA ARG B 217 -18.06 -32.93 -34.03
C ARG B 217 -19.23 -33.65 -33.36
N GLY B 218 -20.46 -33.29 -33.76
CA GLY B 218 -21.68 -33.77 -33.15
C GLY B 218 -22.03 -33.01 -31.89
N PHE B 219 -23.28 -33.20 -31.44
CA PHE B 219 -23.70 -32.65 -30.15
C PHE B 219 -24.14 -33.95 -29.46
N CYS B 220 -24.24 -35.03 -30.23
CA CYS B 220 -24.71 -36.31 -29.68
C CYS B 220 -23.61 -37.05 -28.94
N VAL B 221 -23.97 -38.05 -28.15
CA VAL B 221 -22.96 -38.73 -27.36
C VAL B 221 -22.37 -39.96 -28.04
N GLY B 222 -21.14 -39.84 -28.53
CA GLY B 222 -20.46 -40.99 -29.11
C GLY B 222 -19.22 -41.11 -28.27
N GLU B 223 -19.20 -40.48 -27.08
CA GLU B 223 -18.01 -40.43 -26.20
C GLU B 223 -17.13 -39.26 -26.64
N PHE B 224 -17.39 -38.74 -27.85
CA PHE B 224 -16.62 -37.62 -28.36
C PHE B 224 -17.67 -36.70 -28.98
N THR B 225 -17.66 -35.41 -28.62
CA THR B 225 -18.69 -34.50 -29.13
C THR B 225 -18.38 -33.02 -28.90
N PHE B 226 -19.15 -32.13 -29.53
CA PHE B 226 -18.98 -30.71 -29.27
C PHE B 226 -19.04 -30.42 -27.78
N LEU B 227 -19.85 -31.19 -27.06
CA LEU B 227 -20.14 -30.88 -25.68
C LEU B 227 -18.99 -31.27 -24.76
N ARG B 228 -18.35 -32.38 -25.05
CA ARG B 228 -17.36 -32.88 -24.14
C ARG B 228 -16.29 -31.90 -23.79
N ASP B 229 -15.64 -31.38 -24.80
CA ASP B 229 -14.50 -30.49 -24.60
C ASP B 229 -14.96 -29.27 -23.82
N PRO B 230 -14.24 -28.87 -22.77
CA PRO B 230 -14.78 -27.84 -21.88
C PRO B 230 -15.00 -26.50 -22.55
N TRP B 231 -14.01 -26.01 -23.30
CA TRP B 231 -14.06 -24.61 -23.74
C TRP B 231 -15.23 -24.34 -24.68
N ASN B 232 -15.83 -25.37 -25.25
CA ASN B 232 -16.97 -25.13 -26.11
C ASN B 232 -18.23 -24.85 -25.33
N TRP B 233 -18.28 -25.23 -24.05
CA TRP B 233 -19.38 -24.78 -23.21
C TRP B 233 -19.51 -23.27 -23.29
N LEU B 234 -18.37 -22.59 -23.33
CA LEU B 234 -18.38 -21.15 -23.51
C LEU B 234 -19.02 -20.80 -24.84
N ASP B 235 -18.77 -21.61 -25.87
CA ASP B 235 -19.37 -21.35 -27.16
C ASP B 235 -20.89 -21.45 -27.09
N PHE B 236 -21.39 -22.49 -26.43
CA PHE B 236 -22.84 -22.59 -26.26
C PHE B 236 -23.38 -21.36 -25.55
N VAL B 237 -22.77 -21.00 -24.42
CA VAL B 237 -23.38 -19.93 -23.62
C VAL B 237 -23.38 -18.63 -24.41
N VAL B 238 -22.30 -18.34 -25.14
CA VAL B 238 -22.27 -17.11 -25.92
C VAL B 238 -23.27 -17.15 -27.06
N ILE B 239 -23.33 -18.27 -27.81
CA ILE B 239 -24.21 -18.28 -28.96
C ILE B 239 -25.66 -18.18 -28.51
N VAL B 240 -26.00 -18.87 -27.43
CA VAL B 240 -27.37 -18.83 -26.94
C VAL B 240 -27.71 -17.42 -26.46
N PHE B 241 -26.79 -16.78 -25.71
CA PHE B 241 -27.07 -15.42 -25.24
C PHE B 241 -27.18 -14.46 -26.41
N ALA B 242 -26.43 -14.69 -27.49
CA ALA B 242 -26.62 -13.89 -28.68
C ALA B 242 -28.03 -14.08 -29.22
N TYR B 243 -28.51 -15.33 -29.25
CA TYR B 243 -29.84 -15.60 -29.78
C TYR B 243 -30.94 -14.98 -28.92
N LEU B 244 -30.87 -15.18 -27.60
CA LEU B 244 -31.96 -14.75 -26.74
C LEU B 244 -32.18 -13.25 -26.83
N THR B 245 -31.11 -12.47 -26.60
CA THR B 245 -31.28 -11.03 -26.44
C THR B 245 -31.52 -10.35 -27.78
N GLU B 246 -31.05 -10.94 -28.87
CA GLU B 246 -31.35 -10.35 -30.17
C GLU B 246 -32.85 -10.36 -30.42
N PHE B 247 -33.56 -11.36 -29.88
CA PHE B 247 -34.99 -11.49 -30.04
C PHE B 247 -35.80 -11.03 -28.83
N VAL B 248 -35.45 -11.50 -27.62
CA VAL B 248 -36.27 -11.18 -26.46
C VAL B 248 -36.21 -9.69 -26.14
N ASN B 249 -35.06 -9.06 -26.36
CA ASN B 249 -34.88 -7.63 -26.12
C ASN B 249 -35.26 -7.25 -24.69
N ASN B 252 -31.37 -7.56 -14.29
CA ASN B 252 -30.79 -7.97 -15.56
C ASN B 252 -30.49 -6.77 -16.44
N VAL B 253 -31.19 -5.68 -16.19
CA VAL B 253 -30.98 -4.45 -16.95
C VAL B 253 -29.53 -3.97 -16.79
N SER B 254 -28.98 -4.11 -15.58
CA SER B 254 -27.60 -3.68 -15.36
C SER B 254 -26.62 -4.53 -16.15
N ALA B 255 -26.82 -5.85 -16.15
CA ALA B 255 -25.89 -6.80 -16.74
C ALA B 255 -26.35 -7.33 -18.10
N LEU B 256 -26.89 -6.47 -18.97
CA LEU B 256 -27.27 -6.93 -20.30
C LEU B 256 -26.15 -7.47 -21.17
N ARG B 257 -25.15 -6.65 -21.45
CA ARG B 257 -24.22 -6.91 -22.52
C ARG B 257 -22.97 -7.58 -21.99
N THR B 258 -22.89 -7.83 -20.68
CA THR B 258 -21.64 -8.31 -20.14
C THR B 258 -21.25 -9.64 -20.76
N PHE B 259 -22.20 -10.56 -20.92
CA PHE B 259 -21.85 -11.94 -21.25
C PHE B 259 -21.16 -12.04 -22.60
N ARG B 260 -21.19 -10.92 -23.31
CA ARG B 260 -20.48 -10.88 -24.55
C ARG B 260 -19.07 -10.96 -24.10
N VAL B 261 -18.69 -10.20 -23.10
CA VAL B 261 -17.31 -10.21 -22.69
C VAL B 261 -16.75 -11.62 -22.70
N LEU B 262 -17.58 -12.59 -22.35
CA LEU B 262 -17.09 -13.96 -22.27
C LEU B 262 -16.58 -14.48 -23.60
N ARG B 263 -16.97 -13.86 -24.72
CA ARG B 263 -16.35 -14.22 -25.99
C ARG B 263 -14.84 -14.04 -25.92
N ALA B 264 -14.39 -12.94 -25.33
CA ALA B 264 -12.95 -12.64 -25.32
C ALA B 264 -12.16 -13.70 -24.57
N LEU B 265 -12.83 -14.53 -23.78
CA LEU B 265 -12.13 -15.63 -23.15
C LEU B 265 -11.80 -16.73 -24.14
N LYS B 266 -12.37 -16.69 -25.34
CA LYS B 266 -12.05 -17.71 -26.33
C LYS B 266 -10.68 -17.43 -26.94
N THR B 267 -10.09 -16.28 -26.63
CA THR B 267 -8.68 -16.06 -26.89
C THR B 267 -7.84 -17.14 -26.24
N ILE B 268 -8.29 -17.67 -25.10
CA ILE B 268 -7.53 -18.70 -24.41
C ILE B 268 -7.37 -19.93 -25.28
N SER B 269 -8.36 -20.32 -26.04
CA SER B 269 -8.10 -21.51 -26.83
C SER B 269 -7.78 -21.28 -28.27
N VAL B 270 -8.20 -20.17 -28.86
CA VAL B 270 -7.76 -19.92 -30.23
C VAL B 270 -6.26 -19.68 -30.28
N ILE B 271 -5.77 -18.78 -29.45
CA ILE B 271 -4.31 -18.59 -29.40
C ILE B 271 -3.69 -19.81 -28.74
N PRO B 272 -2.71 -20.45 -29.36
CA PRO B 272 -2.16 -21.67 -28.77
C PRO B 272 -1.36 -21.36 -27.51
N GLY B 273 -1.14 -22.41 -26.73
CA GLY B 273 -0.27 -22.36 -25.59
C GLY B 273 -0.94 -21.94 -24.29
N LEU B 274 -1.85 -20.98 -24.31
CA LEU B 274 -2.41 -20.45 -23.08
C LEU B 274 -3.14 -21.53 -22.29
N LYS B 275 -3.59 -22.59 -22.95
CA LYS B 275 -4.30 -23.64 -22.24
C LYS B 275 -3.43 -24.24 -21.13
N THR B 276 -2.16 -24.48 -21.43
CA THR B 276 -1.26 -24.99 -20.40
C THR B 276 -1.04 -23.94 -19.33
N ILE B 277 -1.02 -22.66 -19.71
CA ILE B 277 -0.78 -21.61 -18.74
C ILE B 277 -1.90 -21.56 -17.71
N VAL B 278 -3.14 -21.51 -18.18
CA VAL B 278 -4.26 -21.50 -17.26
C VAL B 278 -4.31 -22.78 -16.46
N GLY B 279 -4.00 -23.92 -17.08
CA GLY B 279 -3.94 -25.15 -16.32
C GLY B 279 -2.99 -25.05 -15.16
N ALA B 280 -1.79 -24.51 -15.40
CA ALA B 280 -0.81 -24.42 -14.34
C ALA B 280 -1.21 -23.40 -13.28
N LEU B 281 -1.87 -22.30 -13.68
CA LEU B 281 -2.34 -21.36 -12.67
C LEU B 281 -3.37 -21.99 -11.76
N ILE B 282 -4.34 -22.70 -12.32
CA ILE B 282 -5.34 -23.35 -11.48
C ILE B 282 -4.70 -24.48 -10.68
N GLN B 283 -3.59 -25.04 -11.16
CA GLN B 283 -2.88 -26.00 -10.32
C GLN B 283 -2.18 -25.30 -9.17
N SER B 284 -1.65 -24.10 -9.39
CA SER B 284 -0.95 -23.40 -8.32
C SER B 284 -1.91 -22.90 -7.25
N VAL B 285 -3.16 -22.59 -7.64
CA VAL B 285 -4.14 -22.17 -6.65
C VAL B 285 -4.70 -23.37 -5.89
N LYS B 286 -4.33 -24.58 -6.28
CA LYS B 286 -4.84 -25.75 -5.57
C LYS B 286 -4.29 -25.83 -4.16
N LYS B 287 -3.01 -25.51 -4.01
CA LYS B 287 -2.33 -25.60 -2.70
C LYS B 287 -2.55 -24.40 -1.75
N LEU B 288 -3.62 -23.67 -1.96
CA LEU B 288 -3.92 -22.55 -1.11
C LEU B 288 -5.07 -22.84 -0.14
N SER B 289 -5.43 -24.11 0.01
CA SER B 289 -6.52 -24.44 0.92
C SER B 289 -6.15 -24.12 2.36
N ASP B 290 -5.02 -24.65 2.82
CA ASP B 290 -4.62 -24.42 4.20
C ASP B 290 -4.37 -22.95 4.47
N VAL B 291 -3.69 -22.28 3.57
CA VAL B 291 -3.34 -20.89 3.83
C VAL B 291 -4.57 -20.01 3.83
N MET B 292 -5.52 -20.27 2.93
CA MET B 292 -6.71 -19.40 2.92
C MET B 292 -7.63 -19.70 4.10
N ILE B 293 -7.68 -20.96 4.53
CA ILE B 293 -8.38 -21.26 5.77
C ILE B 293 -7.77 -20.49 6.92
N LEU B 294 -6.44 -20.56 7.05
CA LEU B 294 -5.78 -19.85 8.14
C LEU B 294 -6.00 -18.35 8.03
N THR B 295 -5.98 -17.82 6.82
CA THR B 295 -6.15 -16.39 6.64
C THR B 295 -7.53 -15.94 7.08
N VAL B 296 -8.56 -16.68 6.70
CA VAL B 296 -9.91 -16.29 7.12
C VAL B 296 -10.05 -16.46 8.62
N PHE B 297 -9.46 -17.53 9.18
CA PHE B 297 -9.45 -17.72 10.62
C PHE B 297 -8.85 -16.53 11.35
N CYS B 298 -7.64 -16.12 10.95
CA CYS B 298 -6.94 -15.03 11.60
C CYS B 298 -7.68 -13.71 11.43
N LEU B 299 -8.16 -13.43 10.22
CA LEU B 299 -8.91 -12.18 10.03
C LEU B 299 -10.17 -12.17 10.87
N SER B 300 -10.84 -13.31 10.99
CA SER B 300 -12.05 -13.35 11.81
C SER B 300 -11.73 -13.14 13.28
N VAL B 301 -10.64 -13.73 13.77
CA VAL B 301 -10.28 -13.52 15.16
C VAL B 301 -9.95 -12.07 15.43
N PHE B 302 -9.13 -11.47 14.57
CA PHE B 302 -8.84 -10.06 14.77
C PHE B 302 -10.07 -9.20 14.54
N ALA B 303 -11.05 -9.71 13.79
CA ALA B 303 -12.30 -8.98 13.66
C ALA B 303 -13.10 -9.03 14.94
N LEU B 304 -13.08 -10.17 15.62
CA LEU B 304 -13.75 -10.27 16.92
C LEU B 304 -13.09 -9.36 17.93
N ILE B 305 -11.76 -9.31 17.92
CA ILE B 305 -11.04 -8.43 18.85
C ILE B 305 -11.34 -6.97 18.55
N GLY B 306 -11.24 -6.57 17.29
CA GLY B 306 -11.51 -5.19 16.95
C GLY B 306 -12.95 -4.81 17.22
N LEU B 307 -13.88 -5.73 16.95
CA LEU B 307 -15.28 -5.45 17.20
C LEU B 307 -15.53 -5.28 18.68
N GLN B 308 -14.87 -6.10 19.51
CA GLN B 308 -15.03 -5.96 20.94
C GLN B 308 -14.53 -4.60 21.40
N LEU B 309 -13.31 -4.24 21.01
CA LEU B 309 -12.70 -3.02 21.52
C LEU B 309 -13.36 -1.76 20.99
N PHE B 310 -13.56 -1.66 19.69
CA PHE B 310 -13.90 -0.39 19.08
C PHE B 310 -15.34 -0.33 18.62
N MET B 311 -16.23 -1.14 19.11
CA MET B 311 -17.58 -1.03 18.65
C MET B 311 -18.01 0.31 18.86
N GLY B 312 -18.27 1.05 17.82
CA GLY B 312 -18.87 2.33 17.97
C GLY B 312 -18.04 3.42 18.46
N ASN B 313 -16.75 3.28 18.36
CA ASN B 313 -15.94 4.37 18.75
C ASN B 313 -15.78 5.29 17.60
N LEU B 314 -16.17 4.91 16.39
CA LEU B 314 -15.90 5.75 15.23
C LEU B 314 -17.07 6.60 14.98
N LYS B 315 -18.02 6.49 15.84
CA LYS B 315 -19.15 7.30 15.71
C LYS B 315 -19.11 8.36 16.75
N HIS B 316 -17.95 8.73 17.35
CA HIS B 316 -17.77 9.83 18.32
C HIS B 316 -17.59 11.14 17.58
N LYS B 317 -18.31 12.22 17.82
CA LYS B 317 -18.25 13.42 16.99
C LYS B 317 -18.38 14.66 17.86
N CYS B 318 -17.66 15.71 17.54
CA CYS B 318 -17.56 16.82 18.47
C CYS B 318 -18.85 17.62 18.40
N PHE B 319 -19.70 17.62 19.41
CA PHE B 319 -21.06 18.27 19.39
C PHE B 319 -21.23 19.59 20.03
N ARG B 320 -22.06 20.46 19.53
CA ARG B 320 -22.15 21.77 20.06
C ARG B 320 -22.62 21.72 21.41
N ASN B 321 -22.37 22.75 22.19
CA ASN B 321 -22.87 22.79 23.54
C ASN B 321 -24.05 23.69 23.72
N SER B 322 -23.98 24.92 23.24
CA SER B 322 -25.05 25.91 23.42
C SER B 322 -26.18 25.61 22.49
N LEU B 323 -26.94 24.58 22.77
CA LEU B 323 -28.00 24.13 21.88
C LEU B 323 -29.17 25.10 21.99
N GLU B 324 -29.31 25.95 20.98
CA GLU B 324 -30.26 27.04 21.05
C GLU B 324 -31.69 26.53 20.99
N ASN B 325 -32.59 27.33 21.55
CA ASN B 325 -34.04 27.15 21.38
C ASN B 325 -34.46 25.79 21.95
N ASN B 326 -33.82 25.39 23.05
CA ASN B 326 -34.35 24.33 23.91
C ASN B 326 -34.60 23.04 23.10
N GLU B 327 -33.51 22.46 22.61
CA GLU B 327 -33.56 21.24 21.81
C GLU B 327 -32.53 20.25 22.32
N THR B 328 -32.92 18.99 22.44
CA THR B 328 -31.95 17.98 22.82
C THR B 328 -31.26 17.40 21.60
N LEU B 329 -30.29 16.52 21.84
CA LEU B 329 -29.60 15.87 20.73
C LEU B 329 -30.59 15.08 19.89
N GLU B 330 -31.53 14.40 20.54
CA GLU B 330 -32.54 13.65 19.81
C GLU B 330 -33.40 14.54 18.94
N SER B 331 -33.84 15.68 19.47
CA SER B 331 -34.74 16.55 18.73
C SER B 331 -34.09 17.08 17.47
N ILE B 332 -32.77 17.16 17.47
CA ILE B 332 -32.08 17.76 16.34
C ILE B 332 -31.55 16.72 15.36
N MET B 333 -31.10 15.56 15.85
CA MET B 333 -30.47 14.62 14.94
C MET B 333 -31.43 14.09 13.91
N ASN B 334 -32.67 13.84 14.31
CA ASN B 334 -33.63 13.39 13.36
C ASN B 334 -33.73 14.45 12.34
N THR B 335 -33.95 15.67 12.78
CA THR B 335 -34.16 16.71 11.83
C THR B 335 -32.92 17.35 11.31
N LEU B 336 -31.98 16.58 10.77
CA LEU B 336 -30.82 17.21 10.18
C LEU B 336 -30.51 16.53 8.90
N GLU B 337 -30.48 17.23 7.78
CA GLU B 337 -30.06 16.57 6.55
C GLU B 337 -29.37 17.28 5.41
N SER B 338 -28.14 17.70 5.58
CA SER B 338 -27.37 18.25 4.50
C SER B 338 -26.02 18.28 5.13
N GLU B 339 -24.96 18.27 4.37
CA GLU B 339 -23.68 18.39 4.98
C GLU B 339 -23.71 19.70 5.64
N GLU B 340 -24.25 20.69 4.98
CA GLU B 340 -24.18 21.98 5.56
C GLU B 340 -24.89 21.89 6.85
N ASP B 341 -25.98 21.17 6.92
CA ASP B 341 -26.68 21.21 8.16
C ASP B 341 -25.83 20.65 9.23
N PHE B 342 -25.14 19.58 8.96
CA PHE B 342 -24.41 18.97 10.03
C PHE B 342 -23.39 19.95 10.52
N ARG B 343 -22.76 20.71 9.65
CA ARG B 343 -21.72 21.59 10.09
C ARG B 343 -22.24 22.59 11.03
N LYS B 344 -23.45 23.03 10.85
CA LYS B 344 -23.93 23.94 11.87
C LYS B 344 -23.89 23.32 13.26
N TYR B 345 -23.79 22.00 13.37
CA TYR B 345 -23.90 21.36 14.68
C TYR B 345 -22.68 20.57 15.09
N PHE B 346 -21.87 20.10 14.18
CA PHE B 346 -20.73 19.27 14.54
C PHE B 346 -19.48 20.00 14.10
N TYR B 347 -18.29 19.59 14.48
CA TYR B 347 -17.14 20.34 14.06
C TYR B 347 -16.59 19.54 13.00
N TYR B 348 -16.48 20.12 11.83
CA TYR B 348 -15.94 19.43 10.72
C TYR B 348 -14.72 20.14 10.47
N LEU B 349 -13.62 19.45 10.37
CA LEU B 349 -12.37 20.14 10.23
C LEU B 349 -12.49 20.75 8.91
N GLU B 350 -11.89 21.91 8.67
CA GLU B 350 -12.12 22.58 7.41
C GLU B 350 -11.83 21.74 6.22
N GLY B 351 -12.69 21.82 5.22
CA GLY B 351 -12.52 21.04 4.01
C GLY B 351 -12.41 19.52 4.07
N SER B 352 -13.29 18.85 4.79
CA SER B 352 -13.26 17.43 4.83
C SER B 352 -14.68 17.10 4.73
N LYS B 353 -15.00 15.88 4.39
CA LYS B 353 -16.37 15.49 4.23
C LYS B 353 -16.88 14.76 5.41
N ASP B 354 -16.10 14.59 6.45
CA ASP B 354 -16.51 13.78 7.56
C ASP B 354 -16.25 14.55 8.84
N ALA B 355 -17.12 14.49 9.82
CA ALA B 355 -16.89 15.22 11.03
C ALA B 355 -15.80 14.60 11.84
N LEU B 356 -15.17 15.35 12.72
CA LEU B 356 -14.01 14.84 13.46
C LEU B 356 -14.23 13.80 14.55
N LEU B 357 -13.38 12.77 14.58
CA LEU B 357 -13.46 11.80 15.65
C LEU B 357 -12.84 12.42 16.89
N CYS B 358 -13.41 12.10 18.04
CA CYS B 358 -12.98 12.62 19.32
C CYS B 358 -12.92 11.45 20.28
N GLY B 359 -12.66 11.71 21.54
CA GLY B 359 -12.55 10.61 22.46
C GLY B 359 -12.72 11.05 23.89
N PHE B 360 -13.05 10.11 24.75
CA PHE B 360 -13.35 10.46 26.09
C PHE B 360 -12.16 10.12 26.93
N SER B 361 -10.95 10.35 26.43
CA SER B 361 -9.77 9.93 27.16
C SER B 361 -8.76 10.97 27.06
N THR B 362 -7.75 10.91 27.89
CA THR B 362 -6.65 11.84 27.77
C THR B 362 -5.88 11.63 26.53
N ASP B 363 -5.71 10.41 26.13
CA ASP B 363 -4.88 10.14 25.02
C ASP B 363 -5.57 10.31 23.70
N SER B 364 -6.84 10.67 23.68
CA SER B 364 -7.58 10.78 22.45
C SER B 364 -7.61 12.13 21.91
N GLY B 365 -8.29 12.30 20.83
CA GLY B 365 -8.27 13.55 20.17
C GLY B 365 -9.08 14.41 21.01
N GLN B 366 -9.01 15.69 20.83
CA GLN B 366 -9.74 16.50 21.74
C GLN B 366 -10.61 17.42 20.96
N CYS B 367 -11.76 17.73 21.51
CA CYS B 367 -12.69 18.61 20.86
C CYS B 367 -12.33 20.05 21.16
N PRO B 368 -12.58 20.98 20.24
CA PRO B 368 -12.31 22.39 20.54
C PRO B 368 -13.21 22.86 21.65
N GLU B 369 -12.77 23.82 22.40
CA GLU B 369 -13.52 24.22 23.54
C GLU B 369 -14.85 24.60 23.12
N GLY B 370 -15.86 24.20 23.85
CA GLY B 370 -17.20 24.45 23.42
C GLY B 370 -17.83 23.35 22.63
N TYR B 371 -17.15 22.23 22.47
CA TYR B 371 -17.70 21.04 21.83
C TYR B 371 -17.42 19.84 22.73
N THR B 372 -18.39 18.94 22.87
CA THR B 372 -18.21 17.82 23.78
C THR B 372 -18.47 16.52 23.05
N CYS B 373 -17.82 15.46 23.50
CA CYS B 373 -17.83 14.20 22.77
C CYS B 373 -19.15 13.50 22.94
N VAL B 374 -19.69 12.91 21.86
CA VAL B 374 -20.99 12.19 21.87
C VAL B 374 -20.96 11.22 20.77
N LYS B 375 -21.46 10.04 20.98
CA LYS B 375 -21.52 9.04 19.90
C LYS B 375 -22.81 9.07 19.07
N ILE B 376 -23.11 10.12 18.35
CA ILE B 376 -24.28 10.07 17.60
C ILE B 376 -23.93 10.34 16.21
N GLY B 377 -24.39 9.51 15.29
CA GLY B 377 -24.18 9.78 13.88
C GLY B 377 -23.76 8.64 13.00
N ARG B 378 -23.53 8.97 11.74
CA ARG B 378 -23.11 7.96 10.81
C ARG B 378 -21.67 7.68 11.07
N ASN B 379 -21.13 6.76 10.30
CA ASN B 379 -19.74 6.41 10.45
C ASN B 379 -18.92 7.11 9.37
N PRO B 380 -17.61 7.21 9.53
CA PRO B 380 -16.81 7.92 8.54
C PRO B 380 -16.67 7.10 7.27
N ASP B 381 -16.26 7.78 6.20
CA ASP B 381 -16.05 7.16 4.90
C ASP B 381 -17.35 6.55 4.38
N TYR B 382 -18.36 7.41 4.30
CA TYR B 382 -19.68 7.08 3.80
C TYR B 382 -20.41 6.11 4.70
N GLY B 383 -19.78 5.63 5.77
CA GLY B 383 -20.34 4.59 6.58
C GLY B 383 -19.70 3.24 6.35
N TYR B 384 -18.60 3.21 5.60
CA TYR B 384 -17.97 1.94 5.24
C TYR B 384 -16.80 1.61 6.14
N THR B 385 -16.28 2.57 6.88
CA THR B 385 -15.24 2.27 7.84
C THR B 385 -15.81 2.25 9.25
N SER B 386 -15.87 1.08 9.87
CA SER B 386 -16.35 0.95 11.21
C SER B 386 -16.14 -0.42 11.73
N PHE B 387 -15.90 -0.60 13.02
CA PHE B 387 -15.89 -1.90 13.66
C PHE B 387 -17.23 -2.24 14.27
N ASP B 388 -18.30 -1.61 13.80
CA ASP B 388 -19.62 -1.77 14.40
C ASP B 388 -20.13 -3.18 14.33
N THR B 389 -20.02 -3.85 13.19
CA THR B 389 -20.60 -5.17 13.05
C THR B 389 -19.51 -6.10 12.51
N PHE B 390 -19.72 -7.40 12.63
CA PHE B 390 -18.68 -8.30 12.21
C PHE B 390 -18.31 -8.15 10.75
N SER B 391 -19.27 -7.78 9.92
CA SER B 391 -18.99 -7.65 8.49
C SER B 391 -18.05 -6.49 8.22
N TRP B 392 -18.37 -5.30 8.74
CA TRP B 392 -17.45 -4.18 8.55
C TRP B 392 -16.14 -4.39 9.29
N ALA B 393 -16.15 -5.09 10.42
CA ALA B 393 -14.89 -5.39 11.08
C ALA B 393 -14.03 -6.30 10.22
N PHE B 394 -14.65 -7.26 9.55
CA PHE B 394 -13.87 -8.11 8.67
C PHE B 394 -13.34 -7.33 7.49
N LEU B 395 -14.13 -6.42 6.93
CA LEU B 395 -13.62 -5.62 5.82
C LEU B 395 -12.47 -4.74 6.27
N ALA B 396 -12.56 -4.15 7.47
CA ALA B 396 -11.48 -3.29 7.94
C ALA B 396 -10.22 -4.10 8.23
N LEU B 397 -10.36 -5.27 8.84
CA LEU B 397 -9.18 -6.11 8.98
C LEU B 397 -8.63 -6.56 7.64
N PHE B 398 -9.45 -6.66 6.61
CA PHE B 398 -8.86 -6.97 5.31
C PHE B 398 -8.06 -5.79 4.79
N ARG B 399 -8.61 -4.59 4.85
CA ARG B 399 -7.83 -3.45 4.35
C ARG B 399 -6.56 -3.28 5.17
N LEU B 400 -6.54 -3.76 6.41
CA LEU B 400 -5.30 -3.79 7.16
C LEU B 400 -4.37 -4.90 6.66
N MET B 401 -4.90 -6.10 6.48
CA MET B 401 -4.08 -7.24 6.09
C MET B 401 -3.46 -7.05 4.73
N THR B 402 -4.07 -6.26 3.86
CA THR B 402 -3.44 -5.97 2.58
C THR B 402 -2.74 -4.64 2.66
N GLN B 403 -2.62 -4.08 3.84
CA GLN B 403 -1.97 -2.75 4.00
C GLN B 403 -2.34 -1.76 2.97
N ASP B 404 -3.60 -1.69 2.64
CA ASP B 404 -4.07 -0.68 1.71
C ASP B 404 -4.58 0.48 2.54
N TYR B 405 -3.97 1.64 2.36
CA TYR B 405 -4.46 2.91 2.87
C TYR B 405 -4.96 2.78 4.30
N TRP B 406 -4.22 2.01 5.09
CA TRP B 406 -4.48 1.88 6.52
C TRP B 406 -3.93 3.06 7.29
N GLU B 407 -3.35 4.04 6.60
CA GLU B 407 -3.01 5.31 7.25
C GLU B 407 -4.23 5.90 7.94
N ASN B 408 -5.35 5.98 7.21
CA ASN B 408 -6.56 6.56 7.78
C ASN B 408 -7.20 5.66 8.82
N LEU B 409 -7.12 4.34 8.66
CA LEU B 409 -7.64 3.48 9.70
C LEU B 409 -6.88 3.68 10.99
N TYR B 410 -5.55 3.67 10.89
CA TYR B 410 -4.69 3.92 12.04
C TYR B 410 -5.03 5.23 12.70
N GLN B 411 -5.05 6.32 11.92
CA GLN B 411 -5.25 7.61 12.54
C GLN B 411 -6.65 7.77 13.09
N GLN B 412 -7.65 7.18 12.45
CA GLN B 412 -9.01 7.36 12.92
C GLN B 412 -9.25 6.58 14.19
N THR B 413 -8.79 5.33 14.24
CA THR B 413 -8.97 4.55 15.44
C THR B 413 -8.19 5.14 16.60
N LEU B 414 -6.95 5.57 16.36
CA LEU B 414 -6.20 6.21 17.43
C LEU B 414 -6.76 7.56 17.84
N ARG B 415 -7.42 8.29 16.97
CA ARG B 415 -8.01 9.54 17.38
C ARG B 415 -9.28 9.34 18.16
N ALA B 416 -10.02 8.27 17.90
CA ALA B 416 -11.28 8.08 18.61
C ALA B 416 -11.13 7.28 19.88
N ALA B 417 -10.42 6.16 19.82
CA ALA B 417 -10.22 5.31 20.99
C ALA B 417 -8.90 5.59 21.68
N GLY B 418 -8.38 6.80 21.59
CA GLY B 418 -7.19 7.13 22.33
C GLY B 418 -5.92 6.57 21.72
N LYS B 419 -4.76 7.14 22.00
CA LYS B 419 -3.48 6.70 21.40
C LYS B 419 -2.70 5.51 21.90
N THR B 420 -3.17 4.90 22.97
CA THR B 420 -2.45 3.78 23.55
C THR B 420 -2.93 2.47 22.94
N TYR B 421 -3.66 2.56 21.84
CA TYR B 421 -4.18 1.37 21.26
C TYR B 421 -3.39 1.19 20.05
N MET B 422 -2.19 1.75 20.02
CA MET B 422 -1.30 1.52 18.93
C MET B 422 -0.99 0.08 18.97
N ILE B 423 -1.02 -0.52 20.11
CA ILE B 423 -0.56 -1.85 20.21
C ILE B 423 -1.34 -2.71 19.30
N PHE B 424 -2.61 -2.51 19.14
CA PHE B 424 -3.34 -3.42 18.31
C PHE B 424 -2.75 -3.38 16.95
N PHE B 425 -2.65 -2.21 16.38
CA PHE B 425 -2.19 -2.08 15.01
C PHE B 425 -0.79 -2.64 14.85
N VAL B 426 0.03 -2.55 15.90
CA VAL B 426 1.36 -3.17 15.82
C VAL B 426 1.23 -4.67 15.69
N VAL B 427 0.40 -5.29 16.53
CA VAL B 427 0.28 -6.74 16.50
C VAL B 427 -0.36 -7.22 15.21
N VAL B 428 -1.32 -6.48 14.67
CA VAL B 428 -1.90 -6.88 13.39
C VAL B 428 -0.90 -6.71 12.26
N ILE B 429 -0.35 -5.51 12.10
CA ILE B 429 0.54 -5.21 10.99
C ILE B 429 1.74 -6.14 11.01
N PHE B 430 2.12 -6.66 12.16
CA PHE B 430 3.13 -7.68 12.12
C PHE B 430 2.54 -9.06 11.88
N LEU B 431 1.69 -9.54 12.79
CA LEU B 431 1.29 -10.93 12.72
C LEU B 431 0.28 -11.17 11.61
N GLY B 432 -0.33 -10.12 11.09
CA GLY B 432 -1.28 -10.27 10.01
C GLY B 432 -0.63 -9.95 8.68
N SER B 433 -0.86 -8.74 8.17
CA SER B 433 -0.42 -8.36 6.83
C SER B 433 0.96 -8.88 6.48
N PHE B 434 1.89 -8.78 7.42
CA PHE B 434 3.22 -9.33 7.21
C PHE B 434 3.16 -10.86 7.09
N TYR B 435 2.68 -11.53 8.12
CA TYR B 435 2.80 -12.98 8.12
C TYR B 435 1.91 -13.64 7.09
N LEU B 436 0.66 -13.18 6.93
CA LEU B 436 -0.22 -13.86 6.00
C LEU B 436 0.26 -13.70 4.56
N ILE B 437 0.67 -12.49 4.19
CA ILE B 437 1.24 -12.29 2.87
C ILE B 437 2.50 -13.15 2.70
N ASN B 438 3.29 -13.29 3.76
CA ASN B 438 4.44 -14.15 3.67
C ASN B 438 4.03 -15.58 3.38
N LEU B 439 2.98 -16.03 4.05
CA LEU B 439 2.53 -17.40 3.90
C LEU B 439 2.08 -17.64 2.46
N ILE B 440 1.29 -16.71 1.92
CA ILE B 440 0.78 -16.84 0.56
C ILE B 440 1.94 -16.89 -0.43
N LEU B 441 2.88 -15.97 -0.28
CA LEU B 441 4.02 -15.93 -1.18
C LEU B 441 4.78 -17.24 -1.13
N ALA B 442 5.04 -17.73 0.08
CA ALA B 442 5.85 -18.93 0.24
C ALA B 442 5.17 -20.13 -0.39
N VAL B 443 3.87 -20.29 -0.18
CA VAL B 443 3.21 -21.49 -0.68
C VAL B 443 3.03 -21.43 -2.19
N VAL B 444 2.74 -20.24 -2.73
CA VAL B 444 2.68 -20.11 -4.19
C VAL B 444 4.04 -20.44 -4.80
N ALA B 445 5.12 -19.93 -4.19
CA ALA B 445 6.45 -20.20 -4.71
C ALA B 445 6.79 -21.67 -4.63
N MET B 446 6.42 -22.33 -3.53
CA MET B 446 6.68 -23.76 -3.43
C MET B 446 5.97 -24.52 -4.55
N ALA B 447 4.70 -24.19 -4.78
CA ALA B 447 3.94 -24.92 -5.80
C ALA B 447 4.50 -24.68 -7.19
N TYR B 448 4.81 -23.42 -7.51
CA TYR B 448 5.34 -23.12 -8.83
C TYR B 448 6.71 -23.75 -9.01
N GLU B 449 7.50 -23.80 -7.94
CA GLU B 449 8.82 -24.40 -7.99
C GLU B 449 8.71 -25.88 -8.29
N GLU B 450 7.81 -26.57 -7.62
CA GLU B 450 7.60 -27.99 -7.91
C GLU B 450 7.10 -28.18 -9.34
N GLN B 451 6.26 -27.26 -9.82
CA GLN B 451 5.80 -27.35 -11.21
C GLN B 451 6.96 -27.21 -12.18
N ASN B 452 7.87 -26.28 -11.93
CA ASN B 452 9.00 -26.10 -12.82
C ASN B 452 9.89 -27.33 -12.83
N GLN B 453 10.13 -27.93 -11.66
CA GLN B 453 10.87 -29.19 -11.65
C GLN B 453 10.10 -30.31 -12.32
N ALA B 454 8.77 -30.28 -12.25
CA ALA B 454 7.97 -31.27 -12.97
C ALA B 454 8.19 -31.14 -14.48
N ASN B 455 8.24 -29.92 -14.99
CA ASN B 455 8.55 -29.76 -16.40
C ASN B 455 9.96 -30.24 -16.73
N ILE B 456 10.94 -29.88 -15.89
CA ILE B 456 12.32 -30.17 -16.27
C ILE B 456 12.57 -31.68 -16.23
N GLU B 457 11.96 -32.39 -15.28
CA GLU B 457 12.24 -33.82 -15.21
C GLU B 457 11.72 -34.54 -16.45
N GLU B 458 10.59 -34.07 -16.99
CA GLU B 458 10.13 -34.54 -18.29
C GLU B 458 11.05 -34.04 -19.41
N ALA B 459 11.60 -32.84 -19.24
CA ALA B 459 12.34 -32.20 -20.33
C ALA B 459 13.56 -33.02 -20.73
N LYS B 460 14.32 -33.52 -19.75
CA LYS B 460 15.45 -34.38 -20.08
C LYS B 460 14.97 -35.78 -20.47
N GLN B 461 13.87 -36.23 -19.88
CA GLN B 461 13.36 -37.55 -20.20
C GLN B 461 12.93 -37.64 -21.66
N LYS B 462 12.15 -36.67 -22.12
CA LYS B 462 11.70 -36.70 -23.51
C LYS B 462 12.87 -36.63 -24.47
N GLU B 463 13.88 -35.82 -24.13
CA GLU B 463 15.05 -35.70 -24.98
C GLU B 463 15.82 -37.01 -25.02
N LEU B 464 15.86 -37.73 -23.89
CA LEU B 464 16.69 -38.93 -23.82
C LEU B 464 16.13 -40.06 -24.67
N GLU B 465 14.82 -40.29 -24.58
CA GLU B 465 14.20 -41.38 -25.35
C GLU B 465 14.37 -41.17 -26.85
N PHE B 466 14.18 -39.94 -27.33
CA PHE B 466 14.27 -39.69 -28.77
C PHE B 466 15.66 -40.02 -29.30
N GLN B 467 16.70 -39.63 -28.55
CA GLN B 467 18.05 -39.84 -29.03
C GLN B 467 18.40 -41.33 -29.11
N GLN B 468 17.95 -42.11 -28.13
CA GLN B 468 18.23 -43.55 -28.16
C GLN B 468 17.41 -44.24 -29.25
N MET B 469 16.13 -43.90 -29.37
CA MET B 469 15.29 -44.49 -30.40
C MET B 469 15.81 -44.12 -31.79
N LEU B 470 16.26 -42.88 -31.97
CA LEU B 470 16.90 -42.51 -33.23
C LEU B 470 18.19 -43.30 -33.44
N ASP B 471 19.01 -43.44 -32.39
CA ASP B 471 20.25 -44.18 -32.51
C ASP B 471 19.97 -45.65 -32.81
N ARG B 472 19.00 -46.25 -32.11
CA ARG B 472 18.71 -47.66 -32.29
C ARG B 472 18.26 -47.96 -33.71
N LEU B 473 17.49 -47.05 -34.30
CA LEU B 473 17.02 -47.27 -35.66
C LEU B 473 18.18 -47.34 -36.65
N LYS B 474 19.25 -46.61 -36.37
CA LYS B 474 20.42 -46.61 -37.24
C LYS B 474 21.15 -47.94 -37.22
N PRO B 771 37.02 -3.13 -56.70
CA PRO B 771 38.48 -2.94 -56.82
C PRO B 771 38.98 -1.90 -55.84
N TYR B 772 38.91 -0.63 -56.28
CA TYR B 772 39.27 0.48 -55.40
C TYR B 772 38.41 0.50 -54.15
N TRP B 773 37.11 0.31 -54.33
CA TRP B 773 36.18 0.26 -53.20
C TRP B 773 36.62 -0.79 -52.20
N ILE B 774 37.22 -1.88 -52.67
CA ILE B 774 37.74 -2.88 -51.74
C ILE B 774 38.88 -2.31 -50.91
N LYS B 775 39.76 -1.51 -51.51
CA LYS B 775 40.87 -0.99 -50.72
C LYS B 775 40.36 -0.03 -49.66
N PHE B 776 39.53 0.94 -50.06
CA PHE B 776 39.01 1.86 -49.05
C PHE B 776 38.15 1.13 -48.03
N LYS B 777 37.49 0.07 -48.46
CA LYS B 777 36.67 -0.73 -47.54
C LYS B 777 37.55 -1.37 -46.47
N LYS B 778 38.63 -2.06 -46.87
CA LYS B 778 39.40 -2.74 -45.84
C LYS B 778 40.10 -1.71 -44.97
N CYS B 779 40.44 -0.56 -45.57
CA CYS B 779 41.04 0.53 -44.81
C CYS B 779 40.13 0.96 -43.67
N ILE B 780 38.88 1.31 -43.99
CA ILE B 780 38.00 1.80 -42.93
C ILE B 780 37.63 0.68 -41.97
N TYR B 781 37.51 -0.56 -42.48
CA TYR B 781 37.25 -1.67 -41.57
C TYR B 781 38.38 -1.83 -40.58
N PHE B 782 39.62 -1.58 -41.00
CA PHE B 782 40.71 -1.52 -40.04
C PHE B 782 40.51 -0.35 -39.08
N ILE B 783 40.01 0.78 -39.58
CA ILE B 783 39.77 1.96 -38.75
C ILE B 783 38.58 1.77 -37.82
N VAL B 784 37.90 0.63 -37.93
CA VAL B 784 36.82 0.29 -37.01
C VAL B 784 37.45 -0.61 -35.96
N MET B 785 38.77 -0.44 -35.77
CA MET B 785 39.53 -1.27 -34.85
C MET B 785 38.82 -1.34 -33.50
N ASP B 786 38.41 -2.54 -33.14
CA ASP B 786 37.49 -2.71 -32.02
C ASP B 786 38.05 -2.22 -30.69
N PRO B 787 39.28 -2.57 -30.27
CA PRO B 787 39.69 -2.26 -28.89
C PRO B 787 39.74 -0.77 -28.57
N PHE B 788 39.53 0.08 -29.57
CA PHE B 788 39.61 1.51 -29.32
C PHE B 788 38.31 2.22 -29.64
N VAL B 789 37.81 2.08 -30.87
CA VAL B 789 36.77 2.99 -31.35
C VAL B 789 35.48 2.78 -30.56
N ASP B 790 35.23 1.54 -30.15
CA ASP B 790 34.02 1.27 -29.37
C ASP B 790 34.06 2.00 -28.03
N LEU B 791 35.21 2.02 -27.37
CA LEU B 791 35.29 2.73 -26.09
C LEU B 791 35.10 4.21 -26.29
N ALA B 792 35.66 4.77 -27.36
CA ALA B 792 35.42 6.18 -27.66
C ALA B 792 33.93 6.43 -27.83
N ILE B 793 33.24 5.50 -28.51
CA ILE B 793 31.80 5.67 -28.68
C ILE B 793 31.07 5.61 -27.34
N THR B 794 31.41 4.65 -26.46
CA THR B 794 30.69 4.56 -25.20
C THR B 794 30.95 5.78 -24.34
N ILE B 795 32.16 6.34 -24.44
CA ILE B 795 32.40 7.60 -23.75
C ILE B 795 31.49 8.67 -24.32
N CYS B 796 31.32 8.70 -25.64
CA CYS B 796 30.39 9.67 -26.22
C CYS B 796 28.99 9.47 -25.66
N ILE B 797 28.58 8.21 -25.49
CA ILE B 797 27.27 7.88 -24.93
C ILE B 797 27.11 8.49 -23.54
N VAL B 798 28.07 8.19 -22.66
CA VAL B 798 27.94 8.63 -21.27
C VAL B 798 27.97 10.14 -21.19
N LEU B 799 28.85 10.78 -21.96
CA LEU B 799 28.86 12.23 -21.95
C LEU B 799 27.52 12.77 -22.44
N ASN B 800 26.91 12.13 -23.43
CA ASN B 800 25.60 12.59 -23.87
C ASN B 800 24.58 12.51 -22.75
N THR B 801 24.49 11.36 -22.08
CA THR B 801 23.44 11.22 -21.06
C THR B 801 23.66 12.18 -19.93
N LEU B 802 24.91 12.33 -19.49
CA LEU B 802 25.17 13.33 -18.45
C LEU B 802 25.07 14.74 -18.99
N PHE B 803 24.92 14.92 -20.30
CA PHE B 803 24.60 16.24 -20.81
C PHE B 803 23.11 16.51 -20.86
N MET B 804 22.31 15.51 -21.23
CA MET B 804 20.87 15.64 -21.18
C MET B 804 20.34 15.59 -19.75
N ALA B 805 21.16 15.16 -18.80
CA ALA B 805 20.81 15.21 -17.39
C ALA B 805 21.00 16.60 -16.80
N MET B 806 21.56 17.52 -17.55
CA MET B 806 21.65 18.90 -17.09
C MET B 806 20.44 19.71 -17.51
N GLU B 807 19.39 19.03 -17.96
CA GLU B 807 18.09 19.64 -18.16
C GLU B 807 17.52 20.05 -16.82
N HIS B 808 16.94 21.25 -16.76
CA HIS B 808 16.30 21.72 -15.54
C HIS B 808 15.35 22.82 -15.93
N HIS B 809 14.43 23.21 -15.03
CA HIS B 809 13.33 24.03 -15.50
C HIS B 809 13.78 25.41 -15.92
N PRO B 810 14.21 26.30 -15.03
CA PRO B 810 14.51 27.66 -15.51
C PRO B 810 15.87 27.70 -16.18
N MET B 811 15.90 27.74 -17.50
CA MET B 811 17.14 27.71 -18.25
C MET B 811 17.43 29.06 -18.90
N THR B 812 18.67 29.50 -18.77
CA THR B 812 19.11 30.65 -19.55
C THR B 812 19.17 30.27 -21.02
N GLU B 813 19.08 31.28 -21.89
CA GLU B 813 18.95 31.02 -23.31
C GLU B 813 20.18 30.29 -23.86
N GLU B 814 21.36 30.81 -23.56
CA GLU B 814 22.59 30.18 -24.05
C GLU B 814 22.69 28.73 -23.59
N PHE B 815 22.08 28.41 -22.44
CA PHE B 815 22.14 27.03 -21.98
C PHE B 815 21.37 26.11 -22.89
N LYS B 816 20.16 26.47 -23.31
CA LYS B 816 19.49 25.55 -24.23
C LYS B 816 20.20 25.55 -25.58
N ASN B 817 20.84 26.66 -25.95
CA ASN B 817 21.59 26.66 -27.20
C ASN B 817 22.75 25.67 -27.16
N VAL B 818 23.55 25.71 -26.09
CA VAL B 818 24.68 24.79 -25.99
C VAL B 818 24.19 23.35 -25.90
N LEU B 819 23.12 23.12 -25.14
CA LEU B 819 22.57 21.77 -25.10
C LEU B 819 22.19 21.30 -26.50
N ALA B 820 21.49 22.13 -27.26
CA ALA B 820 21.10 21.75 -28.61
C ALA B 820 22.32 21.36 -29.44
N ILE B 821 23.33 22.23 -29.48
CA ILE B 821 24.43 21.99 -30.41
C ILE B 821 25.23 20.77 -30.00
N ARG B 822 25.37 20.53 -28.69
CA ARG B 822 26.07 19.32 -28.25
C ARG B 822 25.29 18.06 -28.61
N ASN B 823 23.98 18.15 -28.63
CA ASN B 823 23.26 16.95 -29.02
C ASN B 823 23.54 16.75 -30.47
N LEU B 824 23.43 17.83 -31.22
CA LEU B 824 23.64 17.66 -32.66
C LEU B 824 24.99 17.02 -32.96
N VAL B 825 26.05 17.46 -32.29
CA VAL B 825 27.36 16.89 -32.59
C VAL B 825 27.43 15.43 -32.17
N PHE B 826 26.77 15.08 -31.07
CA PHE B 826 26.80 13.69 -30.64
C PHE B 826 26.01 12.80 -31.59
N THR B 827 24.85 13.26 -32.06
CA THR B 827 24.16 12.52 -33.11
C THR B 827 25.03 12.41 -34.34
N GLY B 828 25.81 13.45 -34.63
CA GLY B 828 26.75 13.35 -35.73
C GLY B 828 27.72 12.21 -35.55
N ILE B 829 28.32 12.10 -34.37
CA ILE B 829 29.30 11.06 -34.13
C ILE B 829 28.67 9.68 -34.26
N PHE B 830 27.54 9.46 -33.59
CA PHE B 830 26.93 8.15 -33.66
C PHE B 830 26.50 7.80 -35.08
N ALA B 831 25.94 8.75 -35.82
CA ALA B 831 25.51 8.47 -37.18
C ALA B 831 26.70 8.19 -38.09
N ALA B 832 27.79 8.93 -37.90
CA ALA B 832 28.99 8.67 -38.69
C ALA B 832 29.53 7.29 -38.39
N GLU B 833 29.51 6.89 -37.12
CA GLU B 833 29.98 5.54 -36.80
C GLU B 833 29.08 4.49 -37.44
N MET B 834 27.77 4.73 -37.45
CA MET B 834 26.87 3.81 -38.11
C MET B 834 27.20 3.64 -39.59
N VAL B 835 27.32 4.75 -40.31
CA VAL B 835 27.59 4.63 -41.75
C VAL B 835 28.98 4.05 -41.97
N LEU B 836 29.92 4.27 -41.05
CA LEU B 836 31.27 3.82 -41.29
C LEU B 836 31.06 2.41 -41.36
N LYS B 837 30.38 1.92 -40.36
CA LYS B 837 30.23 0.50 -40.32
C LYS B 837 29.39 -0.08 -41.43
N LEU B 838 28.33 0.57 -41.83
CA LEU B 838 27.52 -0.07 -42.82
C LEU B 838 28.33 -0.27 -44.06
N ILE B 839 29.11 0.74 -44.42
CA ILE B 839 29.93 0.61 -45.59
C ILE B 839 31.01 -0.42 -45.45
N ALA B 840 31.79 -0.40 -44.38
CA ALA B 840 32.91 -1.34 -44.29
C ALA B 840 32.54 -2.77 -44.14
N MET B 841 31.68 -3.05 -43.19
CA MET B 841 31.38 -4.40 -42.93
C MET B 841 30.43 -4.72 -44.01
N ASP B 842 30.23 -5.98 -44.29
CA ASP B 842 29.22 -6.31 -45.26
C ASP B 842 27.82 -5.88 -44.81
N PRO B 843 27.07 -5.24 -45.69
CA PRO B 843 25.78 -4.72 -45.28
C PRO B 843 24.86 -5.80 -44.85
N TYR B 844 24.87 -6.91 -45.59
CA TYR B 844 23.98 -8.01 -45.29
C TYR B 844 24.26 -8.47 -43.88
N GLU B 845 25.53 -8.41 -43.48
CA GLU B 845 25.83 -8.75 -42.09
C GLU B 845 25.79 -7.57 -41.10
N TYR B 846 25.68 -6.32 -41.57
CA TYR B 846 25.56 -5.23 -40.60
C TYR B 846 24.28 -5.42 -39.86
N PHE B 847 23.23 -5.78 -40.55
CA PHE B 847 21.99 -5.89 -39.87
C PHE B 847 21.86 -7.22 -39.20
N GLN B 848 22.86 -8.07 -39.36
CA GLN B 848 22.85 -9.36 -38.67
C GLN B 848 22.91 -9.27 -37.16
N VAL B 849 23.71 -8.36 -36.63
CA VAL B 849 23.92 -8.29 -35.18
C VAL B 849 22.88 -7.52 -34.40
N GLY B 850 22.50 -8.05 -33.24
CA GLY B 850 21.48 -7.41 -32.46
C GLY B 850 21.78 -6.02 -31.95
N TRP B 851 22.97 -5.78 -31.44
CA TRP B 851 23.20 -4.43 -31.00
C TRP B 851 23.10 -3.57 -32.22
N ASN B 852 23.62 -4.04 -33.34
CA ASN B 852 23.60 -3.24 -34.53
C ASN B 852 22.17 -3.00 -34.82
N ILE B 853 21.31 -3.99 -34.60
CA ILE B 853 19.94 -3.76 -34.96
C ILE B 853 19.38 -2.65 -34.11
N PHE B 854 19.70 -2.65 -32.83
CA PHE B 854 19.11 -1.67 -31.95
C PHE B 854 19.63 -0.37 -32.39
N ASP B 855 20.94 -0.30 -32.50
CA ASP B 855 21.57 0.97 -32.79
C ASP B 855 21.05 1.57 -34.08
N SER B 856 20.74 0.74 -35.07
CA SER B 856 20.24 1.27 -36.33
C SER B 856 18.87 1.90 -36.14
N LEU B 857 18.03 1.26 -35.33
CA LEU B 857 16.74 1.86 -35.03
C LEU B 857 16.98 3.20 -34.37
N ILE B 858 17.91 3.28 -33.43
CA ILE B 858 18.11 4.52 -32.68
C ILE B 858 18.63 5.61 -33.60
N VAL B 859 19.58 5.28 -34.49
CA VAL B 859 20.14 6.30 -35.36
C VAL B 859 19.10 6.78 -36.35
N THR B 860 18.21 5.89 -36.72
CA THR B 860 17.18 6.38 -37.60
C THR B 860 16.35 7.39 -36.85
N LEU B 861 15.86 7.02 -35.68
CA LEU B 861 15.01 7.94 -34.93
C LEU B 861 15.73 9.25 -34.68
N SER B 862 17.04 9.18 -34.56
CA SER B 862 17.78 10.38 -34.29
C SER B 862 17.68 11.29 -35.48
N LEU B 863 17.90 10.74 -36.64
CA LEU B 863 17.76 11.55 -37.84
C LEU B 863 16.31 11.97 -38.05
N VAL B 864 15.37 11.25 -37.44
CA VAL B 864 13.98 11.70 -37.48
C VAL B 864 13.81 13.02 -36.73
N GLU B 865 14.33 13.10 -35.52
CA GLU B 865 14.23 14.33 -34.77
C GLU B 865 14.97 15.41 -35.49
N LEU B 866 16.13 15.09 -36.01
CA LEU B 866 16.88 16.04 -36.82
C LEU B 866 16.07 16.50 -38.02
N PHE B 867 15.14 15.67 -38.49
CA PHE B 867 14.13 16.17 -39.42
C PHE B 867 13.07 16.99 -38.69
N LEU B 868 12.68 16.54 -37.50
CA LEU B 868 11.71 17.27 -36.69
C LEU B 868 12.26 18.63 -36.28
N LEU B 874 9.77 12.31 -32.57
CA LEU B 874 8.60 12.91 -32.01
C LEU B 874 8.97 13.89 -30.92
N SER B 875 7.97 14.57 -30.38
CA SER B 875 8.23 15.54 -29.36
C SER B 875 8.80 14.75 -28.23
N VAL B 876 8.20 13.62 -27.96
CA VAL B 876 8.70 12.76 -26.94
C VAL B 876 10.05 12.23 -27.32
N LEU B 877 10.22 11.78 -28.58
CA LEU B 877 11.47 11.16 -29.01
C LEU B 877 12.79 11.87 -28.73
N ARG B 878 12.78 13.15 -28.40
CA ARG B 878 14.00 13.80 -28.09
C ARG B 878 14.49 12.99 -26.97
N SER B 879 13.56 12.54 -26.17
CA SER B 879 13.90 11.76 -25.01
C SER B 879 14.43 10.38 -25.33
N PHE B 880 14.38 9.95 -26.56
CA PHE B 880 14.74 8.60 -26.82
C PHE B 880 16.15 8.32 -27.24
N ARG B 881 17.00 9.34 -27.10
CA ARG B 881 18.41 9.14 -27.39
C ARG B 881 18.89 8.41 -26.16
N LEU B 882 18.08 8.47 -25.10
CA LEU B 882 18.49 7.83 -23.86
C LEU B 882 18.55 6.32 -23.96
N LEU B 883 17.79 5.72 -24.86
CA LEU B 883 17.90 4.28 -24.95
C LEU B 883 19.30 3.84 -25.27
N ARG B 884 20.12 4.73 -25.85
CA ARG B 884 21.47 4.32 -26.20
C ARG B 884 22.33 4.07 -24.98
N VAL B 885 21.87 4.48 -23.79
CA VAL B 885 22.55 4.10 -22.56
C VAL B 885 22.73 2.59 -22.47
N PHE B 886 21.80 1.83 -23.03
CA PHE B 886 21.81 0.40 -22.79
C PHE B 886 22.99 -0.28 -23.47
N LYS B 887 23.72 0.42 -24.33
CA LYS B 887 24.87 -0.23 -24.93
C LYS B 887 25.91 -0.60 -23.90
N LEU B 888 25.98 0.17 -22.85
CA LEU B 888 26.89 -0.16 -21.77
C LEU B 888 26.70 -1.57 -21.27
N ALA B 889 25.55 -2.19 -21.57
CA ALA B 889 25.34 -3.56 -21.12
C ALA B 889 26.35 -4.63 -21.49
N LYS B 890 27.17 -4.39 -22.52
CA LYS B 890 28.14 -5.39 -22.94
C LYS B 890 29.14 -5.69 -21.85
N SER B 891 29.64 -4.66 -21.18
CA SER B 891 30.69 -4.81 -20.18
C SER B 891 30.19 -4.63 -18.75
N TRP B 892 28.88 -4.56 -18.54
CA TRP B 892 28.36 -4.33 -17.20
C TRP B 892 27.42 -5.48 -16.87
N PRO B 893 27.90 -6.56 -16.26
CA PRO B 893 27.10 -7.80 -16.25
C PRO B 893 25.72 -7.64 -15.65
N THR B 894 25.54 -6.76 -14.67
CA THR B 894 24.22 -6.65 -14.07
C THR B 894 23.22 -6.01 -15.02
N LEU B 895 23.64 -5.03 -15.82
CA LEU B 895 22.71 -4.53 -16.82
C LEU B 895 22.41 -5.60 -17.85
N ASN B 896 23.36 -6.48 -18.14
CA ASN B 896 23.04 -7.63 -18.97
C ASN B 896 21.96 -8.46 -18.30
N MET B 897 22.04 -8.62 -16.98
CA MET B 897 21.00 -9.37 -16.27
C MET B 897 19.65 -8.69 -16.40
N LEU B 898 19.62 -7.37 -16.26
CA LEU B 898 18.34 -6.66 -16.39
C LEU B 898 17.76 -6.84 -17.77
N ILE B 899 18.60 -6.78 -18.81
CA ILE B 899 18.08 -6.92 -20.16
C ILE B 899 17.56 -8.32 -20.38
N LYS B 900 18.23 -9.33 -19.82
CA LYS B 900 17.70 -10.70 -19.95
C LYS B 900 16.37 -10.83 -19.21
N ILE B 901 16.24 -10.20 -18.04
CA ILE B 901 14.98 -10.23 -17.31
C ILE B 901 13.87 -9.66 -18.17
N ILE B 902 14.08 -8.48 -18.74
CA ILE B 902 13.04 -7.89 -19.56
C ILE B 902 12.76 -8.76 -20.77
N GLY B 903 13.80 -9.37 -21.34
CA GLY B 903 13.61 -10.21 -22.50
C GLY B 903 12.75 -11.42 -22.21
N ASN B 904 12.85 -11.94 -20.99
CA ASN B 904 12.00 -13.07 -20.64
C ASN B 904 10.57 -12.64 -20.34
N SER B 905 10.22 -11.40 -20.59
CA SER B 905 8.81 -11.01 -20.41
C SER B 905 8.08 -11.18 -21.70
N VAL B 906 8.70 -10.86 -22.82
CA VAL B 906 8.09 -11.07 -24.12
C VAL B 906 8.61 -12.30 -24.77
N GLY B 907 9.51 -13.01 -24.10
CA GLY B 907 10.11 -14.19 -24.68
C GLY B 907 9.52 -15.48 -24.25
N ALA B 908 10.25 -16.25 -23.47
CA ALA B 908 9.74 -17.53 -23.11
C ALA B 908 8.53 -17.45 -22.27
N PHE B 909 8.60 -16.61 -21.29
CA PHE B 909 7.47 -16.42 -20.43
C PHE B 909 6.75 -15.29 -21.05
N GLY B 910 6.12 -15.61 -22.13
CA GLY B 910 5.43 -14.60 -22.83
C GLY B 910 4.03 -15.02 -22.81
N ASN B 911 3.77 -16.29 -22.75
CA ASN B 911 2.39 -16.63 -22.65
C ASN B 911 1.83 -16.07 -21.36
N LEU B 912 2.57 -16.16 -20.25
CA LEU B 912 2.04 -15.70 -18.99
C LEU B 912 1.78 -14.26 -19.13
N THR B 913 2.61 -13.51 -19.79
CA THR B 913 2.37 -12.09 -19.80
C THR B 913 1.11 -11.93 -20.48
N LEU B 914 0.88 -12.70 -21.53
CA LEU B 914 -0.34 -12.49 -22.31
C LEU B 914 -1.57 -12.83 -21.52
N VAL B 915 -1.58 -13.91 -20.76
CA VAL B 915 -2.75 -14.14 -19.94
C VAL B 915 -2.92 -12.87 -19.15
N LEU B 916 -1.89 -12.37 -18.52
CA LEU B 916 -2.12 -11.20 -17.68
C LEU B 916 -2.76 -10.08 -18.48
N ALA B 917 -2.31 -9.90 -19.71
CA ALA B 917 -2.86 -8.84 -20.53
C ALA B 917 -4.35 -9.06 -20.78
N ILE B 918 -4.73 -10.29 -21.13
CA ILE B 918 -6.14 -10.51 -21.44
C ILE B 918 -6.98 -10.42 -20.18
N ILE B 919 -6.47 -10.87 -19.04
CA ILE B 919 -7.24 -10.75 -17.81
C ILE B 919 -7.47 -9.30 -17.45
N VAL B 920 -6.44 -8.46 -17.53
CA VAL B 920 -6.66 -7.06 -17.24
C VAL B 920 -7.62 -6.46 -18.24
N PHE B 921 -7.57 -6.90 -19.49
CA PHE B 921 -8.52 -6.38 -20.45
C PHE B 921 -9.94 -6.79 -20.10
N ILE B 922 -10.14 -8.05 -19.70
CA ILE B 922 -11.47 -8.51 -19.32
C ILE B 922 -12.00 -7.72 -18.14
N PHE B 923 -11.17 -7.49 -17.14
CA PHE B 923 -11.70 -6.76 -16.00
C PHE B 923 -12.00 -5.32 -16.36
N ALA B 924 -11.20 -4.73 -17.25
CA ALA B 924 -11.51 -3.38 -17.69
C ALA B 924 -12.84 -3.32 -18.41
N VAL B 925 -13.09 -4.26 -19.33
CA VAL B 925 -14.33 -4.20 -20.09
C VAL B 925 -15.53 -4.56 -19.22
N VAL B 926 -15.39 -5.52 -18.30
CA VAL B 926 -16.49 -5.90 -17.43
C VAL B 926 -16.86 -4.77 -16.50
N GLY B 927 -15.87 -4.19 -15.81
CA GLY B 927 -16.15 -3.07 -14.97
C GLY B 927 -16.81 -1.95 -15.74
N MET B 928 -16.34 -1.70 -16.96
CA MET B 928 -16.96 -0.66 -17.74
C MET B 928 -18.42 -0.97 -18.01
N GLN B 929 -18.72 -2.18 -18.47
CA GLN B 929 -20.08 -2.51 -18.86
C GLN B 929 -21.03 -2.46 -17.68
N LEU B 930 -20.61 -2.95 -16.52
CA LEU B 930 -21.50 -2.91 -15.37
C LEU B 930 -21.68 -1.49 -14.83
N PHE B 931 -20.60 -0.74 -14.62
CA PHE B 931 -20.69 0.45 -13.79
C PHE B 931 -20.57 1.75 -14.57
N GLY B 932 -20.40 1.72 -15.88
CA GLY B 932 -20.13 2.93 -16.62
C GLY B 932 -21.24 3.93 -16.59
N LYS B 933 -22.47 3.48 -16.79
CA LYS B 933 -23.57 4.41 -16.68
C LYS B 933 -23.83 4.80 -15.24
N SER B 934 -23.68 3.87 -14.31
CA SER B 934 -23.93 4.15 -12.90
C SER B 934 -23.08 5.33 -12.44
N TYR B 935 -21.79 5.30 -12.77
CA TYR B 935 -20.92 6.42 -12.45
C TYR B 935 -21.37 7.70 -13.12
N LYS B 936 -22.35 7.63 -14.01
CA LYS B 936 -22.80 8.84 -14.66
C LYS B 936 -24.09 9.39 -14.08
N GLU B 937 -25.13 8.58 -13.85
CA GLU B 937 -26.30 9.20 -13.21
C GLU B 937 -26.12 9.28 -11.70
N CYS B 938 -25.47 8.30 -11.11
CA CYS B 938 -25.45 8.15 -9.66
C CYS B 938 -24.26 8.91 -9.10
N VAL B 939 -23.92 10.05 -9.70
CA VAL B 939 -22.63 10.69 -9.41
C VAL B 939 -22.75 11.87 -8.46
N CYS B 940 -23.89 12.50 -8.39
CA CYS B 940 -23.88 13.70 -7.57
C CYS B 940 -23.70 13.41 -6.15
N LYS B 941 -23.58 12.13 -5.84
CA LYS B 941 -23.28 11.64 -4.51
C LYS B 941 -21.85 11.15 -4.37
N ILE B 942 -20.96 11.46 -5.33
CA ILE B 942 -19.54 11.22 -5.13
C ILE B 942 -18.73 12.43 -5.59
N ASN B 943 -19.41 13.55 -5.86
CA ASN B 943 -18.71 14.80 -6.14
C ASN B 943 -19.69 15.94 -6.05
N ASP B 944 -19.51 16.82 -5.07
CA ASP B 944 -20.47 17.89 -4.79
C ASP B 944 -20.57 18.91 -5.91
N ASP B 945 -19.63 18.94 -6.85
CA ASP B 945 -19.76 19.76 -8.04
C ASP B 945 -20.57 19.06 -9.11
N CYS B 946 -20.93 17.79 -8.88
CA CYS B 946 -21.82 17.03 -9.76
C CYS B 946 -21.17 16.81 -11.12
N THR B 947 -19.88 16.48 -11.08
CA THR B 947 -19.13 16.05 -12.25
C THR B 947 -18.47 14.72 -11.94
N LEU B 948 -17.99 14.03 -12.97
CA LEU B 948 -17.35 12.76 -12.76
C LEU B 948 -16.12 12.95 -11.86
N PRO B 949 -15.85 12.01 -10.96
CA PRO B 949 -14.65 12.10 -10.15
C PRO B 949 -13.42 11.98 -11.04
N ARG B 950 -12.26 12.01 -10.41
CA ARG B 950 -11.06 11.88 -11.21
C ARG B 950 -10.70 10.43 -11.47
N TRP B 951 -11.15 9.48 -10.66
CA TRP B 951 -10.80 8.09 -10.96
C TRP B 951 -12.11 7.30 -11.00
N HIS B 952 -12.52 6.87 -12.19
CA HIS B 952 -13.83 6.29 -12.40
C HIS B 952 -13.78 5.18 -13.43
N MET B 953 -14.95 4.69 -13.81
CA MET B 953 -15.13 3.61 -14.78
C MET B 953 -16.21 3.95 -15.79
N ASN B 954 -16.20 5.14 -16.35
CA ASN B 954 -17.13 5.41 -17.43
C ASN B 954 -16.54 4.99 -18.77
N ASP B 955 -15.26 5.16 -18.97
CA ASP B 955 -14.69 4.87 -20.26
C ASP B 955 -13.86 3.70 -20.17
N PHE B 956 -13.37 3.23 -21.30
CA PHE B 956 -12.44 2.12 -21.23
C PHE B 956 -11.07 2.50 -20.72
N PHE B 957 -10.58 3.69 -21.05
CA PHE B 957 -9.26 4.02 -20.56
C PHE B 957 -9.25 4.11 -19.04
N HIS B 958 -10.26 4.80 -18.47
CA HIS B 958 -10.31 4.93 -17.00
C HIS B 958 -10.71 3.63 -16.33
N SER B 959 -11.43 2.77 -16.99
CA SER B 959 -11.69 1.52 -16.37
C SER B 959 -10.35 0.93 -16.28
N PHE B 960 -9.64 0.86 -17.38
CA PHE B 960 -8.35 0.20 -17.34
C PHE B 960 -7.49 0.78 -16.23
N LEU B 961 -7.54 2.09 -16.03
CA LEU B 961 -6.71 2.68 -15.00
C LEU B 961 -7.11 2.18 -13.61
N ILE B 962 -8.40 2.08 -13.34
CA ILE B 962 -8.82 1.57 -12.03
C ILE B 962 -8.38 0.13 -11.87
N VAL B 963 -8.47 -0.67 -12.93
CA VAL B 963 -8.03 -2.06 -12.78
C VAL B 963 -6.53 -2.12 -12.54
N PHE B 964 -5.78 -1.23 -13.19
CA PHE B 964 -4.35 -1.16 -12.95
C PHE B 964 -4.06 -0.83 -11.49
N ARG B 965 -4.73 0.18 -10.96
CA ARG B 965 -4.53 0.54 -9.56
C ARG B 965 -4.92 -0.58 -8.62
N VAL B 966 -6.03 -1.28 -8.88
CA VAL B 966 -6.38 -2.41 -8.05
C VAL B 966 -5.26 -3.44 -8.05
N LEU B 967 -4.59 -3.61 -9.19
CA LEU B 967 -3.40 -4.46 -9.17
C LEU B 967 -2.29 -3.85 -8.33
N CYS B 968 -2.15 -2.53 -8.32
CA CYS B 968 -1.07 -1.89 -7.58
C CYS B 968 -1.31 -1.90 -6.07
N GLY B 969 -2.53 -2.17 -5.64
CA GLY B 969 -2.83 -2.28 -4.23
C GLY B 969 -3.41 -1.05 -3.59
N GLU B 970 -4.06 -0.20 -4.36
CA GLU B 970 -4.76 0.99 -3.85
C GLU B 970 -6.23 0.85 -4.26
N TRP B 971 -6.94 -0.04 -3.57
CA TRP B 971 -8.20 -0.55 -4.08
C TRP B 971 -9.41 -0.15 -3.29
N ILE B 972 -9.30 0.76 -2.34
CA ILE B 972 -10.44 0.91 -1.47
C ILE B 972 -11.14 2.25 -1.65
N GLU B 973 -10.44 3.33 -1.97
CA GLU B 973 -11.15 4.59 -2.21
C GLU B 973 -12.04 4.47 -3.43
N THR B 974 -11.51 3.88 -4.49
CA THR B 974 -12.31 3.56 -5.66
C THR B 974 -13.47 2.65 -5.27
N MET B 975 -13.22 1.74 -4.32
CA MET B 975 -14.29 0.81 -3.96
C MET B 975 -15.42 1.52 -3.24
N TRP B 976 -15.10 2.44 -2.34
CA TRP B 976 -16.16 3.20 -1.70
C TRP B 976 -16.94 4.01 -2.70
N ASP B 977 -16.26 4.65 -3.65
CA ASP B 977 -17.03 5.38 -4.65
C ASP B 977 -17.93 4.43 -5.43
N CYS B 978 -17.39 3.28 -5.82
CA CYS B 978 -18.16 2.27 -6.56
C CYS B 978 -19.39 1.86 -5.77
N MET B 979 -19.20 1.50 -4.50
CA MET B 979 -20.29 1.04 -3.67
C MET B 979 -21.34 2.11 -3.48
N GLU B 980 -20.92 3.35 -3.33
CA GLU B 980 -21.88 4.41 -3.14
C GLU B 980 -22.69 4.66 -4.40
N VAL B 981 -22.08 4.40 -5.56
CA VAL B 981 -22.68 4.76 -6.83
C VAL B 981 -23.52 3.63 -7.40
N ALA B 982 -23.09 2.38 -7.27
CA ALA B 982 -23.73 1.26 -7.92
C ALA B 982 -23.84 0.02 -7.03
N GLY B 983 -24.23 0.18 -5.78
CA GLY B 983 -24.58 -0.96 -4.97
C GLY B 983 -23.43 -1.75 -4.39
N GLN B 984 -23.68 -2.41 -3.26
CA GLN B 984 -22.64 -3.04 -2.46
C GLN B 984 -22.36 -4.46 -2.86
N ALA B 985 -23.32 -5.17 -3.39
CA ALA B 985 -23.03 -6.55 -3.73
C ALA B 985 -22.10 -6.66 -4.93
N MET B 986 -22.47 -6.05 -6.03
CA MET B 986 -21.67 -6.14 -7.21
C MET B 986 -20.33 -5.49 -7.01
N CYS B 987 -20.20 -4.33 -6.37
CA CYS B 987 -18.87 -3.76 -6.29
C CYS B 987 -17.99 -4.64 -5.57
N LEU B 988 -18.40 -5.20 -4.49
CA LEU B 988 -17.50 -5.99 -3.73
C LEU B 988 -17.14 -7.17 -4.51
N ILE B 989 -18.05 -7.81 -5.18
CA ILE B 989 -17.65 -9.00 -5.88
C ILE B 989 -16.70 -8.63 -6.98
N VAL B 990 -16.95 -7.59 -7.74
CA VAL B 990 -15.99 -7.24 -8.76
C VAL B 990 -14.62 -6.88 -8.19
N TYR B 991 -14.51 -6.06 -7.16
CA TYR B 991 -13.19 -5.69 -6.71
C TYR B 991 -12.54 -6.89 -6.19
N MET B 992 -13.27 -7.75 -5.54
CA MET B 992 -12.61 -8.88 -4.90
C MET B 992 -12.21 -9.94 -5.85
N MET B 993 -12.85 -10.03 -6.98
CA MET B 993 -12.42 -10.90 -7.99
C MET B 993 -11.19 -10.27 -8.59
N VAL B 994 -11.17 -8.96 -8.84
CA VAL B 994 -9.98 -8.42 -9.48
C VAL B 994 -8.81 -8.63 -8.63
N MET B 995 -8.95 -8.36 -7.37
CA MET B 995 -7.81 -8.43 -6.56
C MET B 995 -7.29 -9.79 -6.61
N VAL B 996 -8.10 -10.78 -6.36
CA VAL B 996 -7.51 -12.08 -6.28
C VAL B 996 -6.95 -12.58 -7.57
N ILE B 997 -7.66 -12.43 -8.68
CA ILE B 997 -7.13 -13.01 -9.89
C ILE B 997 -5.82 -12.31 -10.21
N GLY B 998 -5.78 -10.99 -10.11
CA GLY B 998 -4.59 -10.30 -10.53
C GLY B 998 -3.46 -10.64 -9.66
N ASN B 999 -3.70 -10.64 -8.40
CA ASN B 999 -2.61 -10.83 -7.53
C ASN B 999 -2.07 -12.24 -7.66
N LEU B 1000 -2.88 -13.21 -8.06
CA LEU B 1000 -2.27 -14.50 -8.30
C LEU B 1000 -1.50 -14.47 -9.57
N VAL B 1001 -2.05 -13.93 -10.66
CA VAL B 1001 -1.26 -13.96 -11.87
C VAL B 1001 0.01 -13.14 -11.76
N VAL B 1002 -0.03 -11.95 -11.17
CA VAL B 1002 1.14 -11.07 -11.13
C VAL B 1002 2.18 -11.78 -10.35
N LEU B 1003 1.78 -12.48 -9.32
CA LEU B 1003 2.77 -13.12 -8.53
C LEU B 1003 3.32 -14.17 -9.42
N ASN B 1004 2.46 -14.90 -10.07
CA ASN B 1004 3.03 -15.99 -10.86
C ASN B 1004 4.04 -15.47 -11.88
N LEU B 1005 3.74 -14.35 -12.51
CA LEU B 1005 4.69 -13.76 -13.45
C LEU B 1005 5.99 -13.39 -12.74
N PHE B 1006 5.89 -12.65 -11.64
CA PHE B 1006 7.05 -12.30 -10.84
C PHE B 1006 7.88 -13.52 -10.51
N LEU B 1007 7.23 -14.55 -10.00
CA LEU B 1007 7.94 -15.73 -9.54
C LEU B 1007 8.62 -16.45 -10.70
N ALA B 1008 7.92 -16.57 -11.83
CA ALA B 1008 8.51 -17.27 -12.97
C ALA B 1008 9.79 -16.59 -13.41
N LEU B 1009 9.73 -15.27 -13.60
CA LEU B 1009 10.93 -14.56 -13.99
C LEU B 1009 12.03 -14.74 -12.95
N LEU B 1010 11.67 -14.62 -11.67
CA LEU B 1010 12.68 -14.61 -10.61
C LEU B 1010 13.38 -15.95 -10.50
N LEU B 1011 12.62 -17.04 -10.58
CA LEU B 1011 13.24 -18.35 -10.54
C LEU B 1011 14.02 -18.64 -11.83
N SER B 1012 13.68 -17.98 -12.93
CA SER B 1012 14.53 -18.10 -14.09
C SER B 1012 15.87 -17.38 -13.88
N SER B 1013 15.85 -16.29 -13.14
CA SER B 1013 17.09 -15.58 -12.84
C SER B 1013 18.05 -16.38 -12.00
N PHE B 1014 17.57 -17.09 -10.98
CA PHE B 1014 18.40 -17.70 -9.95
C PHE B 1014 19.39 -18.72 -10.50
N SER B 1015 18.91 -19.74 -11.21
CA SER B 1015 19.84 -20.73 -11.73
C SER B 1015 19.58 -21.19 -13.16
N SER B 1016 18.38 -21.01 -13.71
CA SER B 1016 18.13 -21.53 -15.03
C SER B 1016 18.67 -20.63 -16.12
N ASP B 1017 19.12 -19.40 -15.78
CA ASP B 1017 19.70 -18.53 -16.79
C ASP B 1017 20.97 -19.14 -17.36
N ASN B 1018 21.80 -19.71 -16.50
CA ASN B 1018 22.99 -20.42 -16.96
C ASN B 1018 23.39 -21.47 -15.91
N LEU B 1019 24.10 -22.47 -16.39
CA LEU B 1019 24.81 -23.42 -15.53
C LEU B 1019 26.30 -23.31 -15.76
N THR B 1020 26.78 -22.07 -15.83
CA THR B 1020 28.18 -21.74 -16.12
C THR B 1020 28.58 -22.35 -17.46
N ALA B 1021 27.61 -22.41 -18.37
CA ALA B 1021 27.85 -22.93 -19.71
C ALA B 1021 28.82 -22.04 -20.48
N ILE B 1022 28.73 -20.74 -20.26
CA ILE B 1022 29.61 -19.76 -20.89
C ILE B 1022 30.29 -18.94 -19.80
N GLU B 1023 31.56 -18.61 -20.02
CA GLU B 1023 32.31 -17.82 -19.07
C GLU B 1023 31.85 -16.36 -19.09
N GLU B 1024 32.31 -15.60 -18.10
CA GLU B 1024 32.08 -14.17 -18.03
C GLU B 1024 32.80 -13.51 -19.20
N ASP B 1025 32.04 -13.06 -20.20
CA ASP B 1025 32.56 -12.36 -21.37
C ASP B 1025 33.60 -13.23 -22.06
N PRO B 1026 33.19 -14.35 -22.66
CA PRO B 1026 34.20 -15.34 -23.12
C PRO B 1026 35.13 -14.81 -24.20
N ASP B 1027 34.58 -14.32 -25.30
CA ASP B 1027 35.40 -13.62 -26.29
C ASP B 1027 35.96 -12.35 -25.67
N ALA B 1028 37.17 -11.99 -26.08
CA ALA B 1028 37.88 -10.87 -25.47
C ALA B 1028 37.03 -9.61 -25.48
N ASN B 1029 36.60 -9.17 -24.31
CA ASN B 1029 35.74 -8.00 -24.22
C ASN B 1029 36.53 -6.73 -24.42
N ASN B 1030 35.85 -5.68 -24.84
CA ASN B 1030 36.51 -4.40 -25.02
C ASN B 1030 37.14 -3.91 -23.72
N LEU B 1031 36.44 -4.09 -22.59
CA LEU B 1031 37.02 -3.73 -21.31
C LEU B 1031 38.24 -4.59 -20.99
N GLN B 1032 38.30 -5.79 -21.57
CA GLN B 1032 39.36 -6.72 -21.20
C GLN B 1032 40.55 -6.68 -22.16
N ILE B 1033 40.41 -6.05 -23.32
CA ILE B 1033 41.53 -5.86 -24.25
C ILE B 1033 42.12 -4.48 -24.13
N ALA B 1034 41.27 -3.45 -24.07
CA ALA B 1034 41.76 -2.10 -23.94
C ALA B 1034 42.52 -1.89 -22.63
N VAL B 1035 42.18 -2.62 -21.58
CA VAL B 1035 42.96 -2.53 -20.36
C VAL B 1035 44.40 -2.99 -20.62
N THR B 1036 44.56 -4.09 -21.35
CA THR B 1036 45.91 -4.56 -21.69
C THR B 1036 46.65 -3.52 -22.51
N ARG B 1037 46.00 -2.95 -23.52
CA ARG B 1037 46.61 -1.87 -24.26
C ARG B 1037 46.89 -0.67 -23.37
N ILE B 1038 46.24 -0.59 -22.22
CA ILE B 1038 46.51 0.44 -21.23
C ILE B 1038 47.47 -0.13 -20.20
N LYS B 1039 47.37 -1.44 -19.96
CA LYS B 1039 48.34 -2.09 -19.06
C LYS B 1039 49.75 -2.01 -19.62
N LYS B 1040 49.90 -2.20 -20.93
CA LYS B 1040 51.19 -1.95 -21.55
C LYS B 1040 51.55 -0.48 -21.51
N GLY B 1041 50.59 0.40 -21.26
CA GLY B 1041 50.83 1.81 -21.15
C GLY B 1041 51.16 2.26 -19.74
N ILE B 1042 50.31 1.89 -18.77
CA ILE B 1042 50.56 2.32 -17.39
C ILE B 1042 51.83 1.71 -16.83
N ASN B 1043 52.12 0.45 -17.17
CA ASN B 1043 53.39 -0.14 -16.75
C ASN B 1043 54.55 0.56 -17.42
N TYR B 1044 54.38 0.91 -18.71
CA TYR B 1044 55.37 1.73 -19.40
C TYR B 1044 55.59 3.04 -18.66
N VAL B 1045 54.50 3.64 -18.16
CA VAL B 1045 54.65 4.78 -17.26
C VAL B 1045 55.35 4.35 -15.98
N LYS B 1046 54.95 3.21 -15.43
CA LYS B 1046 55.47 2.78 -14.13
C LYS B 1046 56.91 2.30 -14.19
N GLN B 1047 57.39 1.82 -15.33
CA GLN B 1047 58.76 1.35 -15.45
C GLN B 1047 59.70 2.40 -16.01
N THR B 1048 59.20 3.28 -16.89
CA THR B 1048 60.12 4.20 -17.59
C THR B 1048 60.46 5.41 -16.73
N LEU B 1049 59.46 6.22 -16.39
CA LEU B 1049 59.76 7.46 -15.68
C LEU B 1049 60.22 7.19 -14.24
N ARG B 1050 59.70 6.12 -13.63
CA ARG B 1050 60.21 5.76 -12.31
C ARG B 1050 61.69 5.42 -12.37
N GLU B 1051 62.13 4.74 -13.44
CA GLU B 1051 63.56 4.57 -13.67
C GLU B 1051 64.21 5.89 -14.05
N PHE B 1052 63.52 6.71 -14.86
CA PHE B 1052 64.09 7.97 -15.32
C PHE B 1052 64.32 8.95 -14.17
N ILE B 1053 63.38 9.02 -13.22
CA ILE B 1053 63.57 9.91 -12.08
C ILE B 1053 64.72 9.40 -11.21
N LEU B 1054 64.89 8.08 -11.10
CA LEU B 1054 66.07 7.55 -10.44
C LEU B 1054 67.33 7.83 -11.26
N LYS B 1055 67.21 7.75 -12.59
CA LYS B 1055 68.34 8.12 -13.44
C LYS B 1055 68.67 9.60 -13.32
N ALA B 1056 67.64 10.45 -13.32
CA ALA B 1056 67.87 11.89 -13.20
C ALA B 1056 68.34 12.29 -11.81
N PHE B 1057 67.87 11.61 -10.78
CA PHE B 1057 68.26 11.90 -9.41
C PHE B 1057 68.89 10.68 -8.75
N GLY B 1218 60.72 -2.52 34.99
CA GLY B 1218 60.07 -2.09 33.77
C GLY B 1218 58.86 -2.93 33.42
N LYS B 1219 58.88 -4.19 33.86
CA LYS B 1219 57.77 -5.09 33.61
C LYS B 1219 56.48 -4.61 34.28
N ILE B 1220 56.58 -3.66 35.21
CA ILE B 1220 55.42 -3.25 35.98
C ILE B 1220 54.30 -2.78 35.06
N TRP B 1221 54.67 -2.23 33.91
CA TRP B 1221 53.68 -1.90 32.89
C TRP B 1221 52.97 -3.15 32.42
N TRP B 1222 53.72 -4.23 32.21
CA TRP B 1222 53.09 -5.47 31.77
C TRP B 1222 52.14 -6.00 32.83
N ASN B 1223 52.56 -5.95 34.09
CA ASN B 1223 51.65 -6.38 35.15
C ASN B 1223 50.36 -5.58 35.14
N ILE B 1224 50.47 -4.25 35.15
CA ILE B 1224 49.25 -3.46 35.21
C ILE B 1224 48.40 -3.68 33.96
N ARG B 1225 49.03 -3.91 32.81
CA ARG B 1225 48.26 -4.17 31.61
C ARG B 1225 47.44 -5.42 31.76
N LYS B 1226 48.03 -6.48 32.31
CA LYS B 1226 47.23 -7.67 32.58
C LYS B 1226 46.11 -7.39 33.54
N THR B 1227 46.34 -6.57 34.58
CA THR B 1227 45.26 -6.28 35.50
C THR B 1227 44.08 -5.64 34.78
N CYS B 1228 44.33 -4.54 34.07
CA CYS B 1228 43.25 -3.82 33.43
C CYS B 1228 42.56 -4.69 32.39
N TYR B 1229 43.33 -5.44 31.62
CA TYR B 1229 42.75 -6.35 30.64
C TYR B 1229 41.88 -7.39 31.32
N LYS B 1230 42.28 -7.84 32.51
CA LYS B 1230 41.46 -8.79 33.24
C LYS B 1230 40.15 -8.16 33.67
N ILE B 1231 40.18 -6.88 34.05
CA ILE B 1231 38.93 -6.23 34.47
C ILE B 1231 37.97 -6.15 33.29
N VAL B 1232 38.47 -5.76 32.12
CA VAL B 1232 37.58 -5.34 31.04
C VAL B 1232 36.69 -6.49 30.59
N GLU B 1233 37.21 -7.71 30.56
CA GLU B 1233 36.36 -8.81 30.14
C GLU B 1233 35.56 -9.42 31.28
N HIS B 1234 35.60 -8.86 32.47
CA HIS B 1234 34.76 -9.36 33.54
C HIS B 1234 33.31 -9.06 33.23
N SER B 1235 32.42 -10.00 33.57
CA SER B 1235 31.00 -9.85 33.28
C SER B 1235 30.40 -8.62 33.90
N TRP B 1236 30.73 -8.33 35.15
CA TRP B 1236 30.17 -7.15 35.82
C TRP B 1236 30.47 -5.89 35.03
N PHE B 1237 31.66 -5.81 34.43
CA PHE B 1237 32.00 -4.63 33.65
C PHE B 1237 31.08 -4.48 32.45
N GLU B 1238 30.88 -5.55 31.68
CA GLU B 1238 30.03 -5.44 30.51
C GLU B 1238 28.61 -5.09 30.92
N SER B 1239 28.09 -5.75 31.95
CA SER B 1239 26.74 -5.45 32.38
C SER B 1239 26.62 -4.00 32.81
N PHE B 1240 27.61 -3.51 33.55
CA PHE B 1240 27.57 -2.14 34.00
C PHE B 1240 27.55 -1.18 32.83
N ILE B 1241 28.37 -1.44 31.83
CA ILE B 1241 28.43 -0.52 30.69
C ILE B 1241 27.10 -0.54 29.94
N VAL B 1242 26.50 -1.72 29.76
CA VAL B 1242 25.20 -1.80 29.09
C VAL B 1242 24.15 -1.03 29.86
N LEU B 1243 24.19 -1.14 31.18
CA LEU B 1243 23.25 -0.39 32.02
C LEU B 1243 23.41 1.10 31.77
N MET B 1244 24.65 1.56 31.71
CA MET B 1244 24.89 2.98 31.43
C MET B 1244 24.40 3.36 30.04
N ILE B 1245 24.53 2.47 29.08
CA ILE B 1245 24.02 2.74 27.74
C ILE B 1245 22.52 3.01 27.78
N LEU B 1246 21.79 2.13 28.45
CA LEU B 1246 20.34 2.31 28.49
C LEU B 1246 19.96 3.57 29.25
N LEU B 1247 20.65 3.87 30.34
CA LEU B 1247 20.34 5.11 31.04
C LEU B 1247 20.58 6.32 30.16
N SER B 1248 21.69 6.34 29.40
CA SER B 1248 21.92 7.47 28.51
C SER B 1248 20.81 7.59 27.48
N SER B 1249 20.37 6.47 26.93
CA SER B 1249 19.35 6.51 25.89
C SER B 1249 18.01 7.02 26.42
N GLY B 1250 17.61 6.57 27.60
CA GLY B 1250 16.41 7.15 28.19
C GLY B 1250 16.53 8.63 28.48
N ALA B 1251 17.67 9.05 29.04
CA ALA B 1251 17.90 10.47 29.26
C ALA B 1251 17.70 11.24 27.98
N LEU B 1252 18.08 10.63 26.85
CA LEU B 1252 17.77 11.24 25.57
C LEU B 1252 16.27 11.39 25.40
N ALA B 1253 15.52 10.34 25.71
CA ALA B 1253 14.10 10.32 25.35
C ALA B 1253 13.29 11.34 26.13
N PHE B 1254 13.79 11.81 27.27
CA PHE B 1254 12.96 12.75 28.03
C PHE B 1254 12.93 14.18 27.51
N GLU B 1255 13.67 14.49 26.46
CA GLU B 1255 13.91 15.88 26.05
C GLU B 1255 12.95 16.26 24.93
N ASP B 1256 11.71 16.52 25.27
CA ASP B 1256 10.72 16.94 24.28
C ASP B 1256 10.36 18.39 24.53
N ILE B 1257 9.34 18.89 23.83
CA ILE B 1257 9.04 20.31 23.95
C ILE B 1257 8.35 20.63 25.27
N TYR B 1258 7.96 19.64 26.04
CA TYR B 1258 7.34 19.83 27.33
C TYR B 1258 8.34 19.86 28.45
N ILE B 1259 9.62 19.90 28.12
CA ILE B 1259 10.66 19.89 29.13
C ILE B 1259 10.88 21.25 29.75
N GLU B 1260 10.41 22.32 29.14
CA GLU B 1260 10.51 23.56 29.88
C GLU B 1260 9.73 23.50 31.19
N ARG B 1261 8.71 22.66 31.29
CA ARG B 1261 7.99 22.46 32.55
C ARG B 1261 8.80 21.67 33.56
N LYS B 1262 9.21 20.46 33.22
CA LYS B 1262 9.77 19.52 34.19
C LYS B 1262 11.17 19.96 34.61
N LYS B 1263 11.20 20.91 35.54
CA LYS B 1263 12.46 21.57 35.89
C LYS B 1263 13.45 20.60 36.50
N THR B 1264 13.10 19.97 37.62
CA THR B 1264 14.08 19.16 38.34
C THR B 1264 14.58 18.05 37.46
N ILE B 1265 13.72 17.49 36.62
CA ILE B 1265 14.16 16.48 35.68
C ILE B 1265 15.14 17.07 34.67
N LYS B 1266 14.90 18.31 34.25
CA LYS B 1266 15.86 18.96 33.37
C LYS B 1266 17.23 19.01 34.02
N ILE B 1267 17.28 19.44 35.27
CA ILE B 1267 18.57 19.61 35.94
C ILE B 1267 19.24 18.26 36.15
N ILE B 1268 18.49 17.27 36.61
CA ILE B 1268 19.07 15.94 36.78
C ILE B 1268 19.58 15.39 35.46
N LEU B 1269 18.86 15.64 34.37
CA LEU B 1269 19.34 15.17 33.08
C LEU B 1269 20.65 15.86 32.72
N GLU B 1270 20.73 17.17 32.96
CA GLU B 1270 21.94 17.89 32.63
C GLU B 1270 23.14 17.38 33.42
N TYR B 1271 22.94 17.02 34.68
CA TYR B 1271 24.08 16.49 35.44
C TYR B 1271 24.40 15.07 35.06
N ALA B 1272 23.39 14.25 34.80
CA ALA B 1272 23.65 12.91 34.37
C ALA B 1272 24.43 12.91 33.07
N ASP B 1273 24.22 13.92 32.23
CA ASP B 1273 25.04 14.04 31.04
C ASP B 1273 26.51 13.97 31.39
N LYS B 1274 26.93 14.76 32.39
CA LYS B 1274 28.33 14.75 32.78
C LYS B 1274 28.72 13.39 33.35
N ILE B 1275 27.83 12.77 34.11
CA ILE B 1275 28.21 11.49 34.72
C ILE B 1275 28.45 10.43 33.65
N PHE B 1276 27.56 10.29 32.67
CA PHE B 1276 27.82 9.29 31.64
C PHE B 1276 28.99 9.67 30.76
N THR B 1277 29.19 10.95 30.47
CA THR B 1277 30.36 11.31 29.68
C THR B 1277 31.62 10.87 30.42
N TYR B 1278 31.66 11.10 31.72
CA TYR B 1278 32.82 10.74 32.50
C TYR B 1278 33.00 9.22 32.54
N ILE B 1279 31.90 8.49 32.70
CA ILE B 1279 31.96 7.03 32.70
C ILE B 1279 32.51 6.52 31.38
N PHE B 1280 32.02 7.04 30.28
CA PHE B 1280 32.44 6.50 28.99
C PHE B 1280 33.86 6.91 28.66
N ILE B 1281 34.29 8.09 29.09
CA ILE B 1281 35.69 8.45 28.94
C ILE B 1281 36.57 7.49 29.71
N LEU B 1282 36.19 7.19 30.96
CA LEU B 1282 36.96 6.20 31.70
C LEU B 1282 36.93 4.85 30.98
N GLU B 1283 35.81 4.54 30.35
CA GLU B 1283 35.71 3.29 29.59
C GLU B 1283 36.76 3.24 28.51
N MET B 1284 36.83 4.28 27.70
CA MET B 1284 37.77 4.28 26.58
C MET B 1284 39.20 4.28 27.07
N LEU B 1285 39.47 4.99 28.17
CA LEU B 1285 40.83 4.97 28.70
C LEU B 1285 41.21 3.59 29.20
N LEU B 1286 40.31 2.91 29.89
CA LEU B 1286 40.59 1.54 30.29
C LEU B 1286 40.83 0.67 29.07
N LYS B 1287 40.01 0.87 28.03
CA LYS B 1287 40.09 0.02 26.85
C LYS B 1287 41.42 0.21 26.14
N TRP B 1288 41.90 1.45 26.07
CA TRP B 1288 43.20 1.71 25.46
C TRP B 1288 44.27 0.88 26.12
N ILE B 1289 44.36 0.97 27.45
CA ILE B 1289 45.43 0.27 28.17
C ILE B 1289 45.24 -1.24 28.04
N ALA B 1290 43.99 -1.69 28.01
CA ALA B 1290 43.74 -3.13 27.91
C ALA B 1290 44.16 -3.67 26.56
N TYR B 1291 43.88 -2.93 25.49
CA TYR B 1291 44.09 -3.45 24.15
C TYR B 1291 45.24 -2.77 23.41
N GLY B 1292 45.65 -1.60 23.86
CA GLY B 1292 46.62 -0.86 23.06
C GLY B 1292 45.97 -0.22 21.86
N TYR B 1293 46.53 0.91 21.44
CA TYR B 1293 45.95 1.66 20.34
C TYR B 1293 45.86 0.80 19.08
N LYS B 1294 46.66 -0.24 18.96
CA LYS B 1294 46.55 -1.00 17.73
C LYS B 1294 45.31 -1.82 17.79
N THR B 1295 45.28 -2.81 18.65
CA THR B 1295 44.13 -3.70 18.63
C THR B 1295 42.84 -2.94 18.81
N TYR B 1296 42.86 -1.91 19.64
CA TYR B 1296 41.66 -1.11 19.86
C TYR B 1296 41.28 -0.34 18.61
N PHE B 1297 42.27 0.13 17.87
CA PHE B 1297 42.00 1.01 16.75
C PHE B 1297 41.86 0.28 15.43
N THR B 1298 42.04 -1.03 15.40
CA THR B 1298 41.71 -1.77 14.20
C THR B 1298 40.29 -2.32 14.22
N ASN B 1299 39.50 -2.05 15.26
CA ASN B 1299 38.17 -2.63 15.40
C ASN B 1299 37.08 -1.58 15.21
N ALA B 1300 36.12 -1.90 14.35
CA ALA B 1300 35.15 -0.90 13.91
C ALA B 1300 34.26 -0.44 15.06
N TRP B 1301 33.79 -1.36 15.88
CA TRP B 1301 32.92 -0.99 16.98
C TRP B 1301 33.63 -0.02 17.90
N CYS B 1302 34.89 -0.31 18.19
CA CYS B 1302 35.68 0.57 19.03
C CYS B 1302 35.86 1.94 18.39
N TRP B 1303 36.01 1.98 17.06
CA TRP B 1303 36.10 3.25 16.38
C TRP B 1303 34.81 4.04 16.55
N LEU B 1304 33.66 3.37 16.45
CA LEU B 1304 32.39 4.04 16.61
C LEU B 1304 32.25 4.62 18.01
N ASP B 1305 32.54 3.81 19.02
CA ASP B 1305 32.42 4.26 20.40
C ASP B 1305 33.39 5.41 20.66
N PHE B 1306 34.58 5.32 20.07
CA PHE B 1306 35.56 6.40 20.19
C PHE B 1306 35.03 7.70 19.60
N LEU B 1307 34.43 7.63 18.42
CA LEU B 1307 33.89 8.84 17.82
C LEU B 1307 32.77 9.41 18.68
N ILE B 1308 31.92 8.55 19.22
CA ILE B 1308 30.81 9.05 20.02
C ILE B 1308 31.30 9.71 21.30
N VAL B 1309 32.26 9.07 21.99
CA VAL B 1309 32.74 9.67 23.22
C VAL B 1309 33.48 10.98 22.93
N ASP B 1310 34.21 11.04 21.82
CA ASP B 1310 34.92 12.28 21.51
C ASP B 1310 33.96 13.41 21.19
N VAL B 1311 32.93 13.14 20.40
CA VAL B 1311 32.00 14.22 20.13
C VAL B 1311 31.31 14.62 21.42
N SER B 1312 31.05 13.66 22.30
CA SER B 1312 30.46 14.01 23.59
C SER B 1312 31.36 14.96 24.36
N LEU B 1313 32.66 14.66 24.45
CA LEU B 1313 33.50 15.53 25.25
C LEU B 1313 33.79 16.84 24.54
N VAL B 1314 33.70 16.87 23.22
CA VAL B 1314 33.78 18.14 22.51
C VAL B 1314 32.62 19.04 22.90
N THR B 1315 31.44 18.47 23.02
CA THR B 1315 30.34 19.27 23.45
C THR B 1315 30.55 19.76 24.87
N LEU B 1316 31.07 18.92 25.76
CA LEU B 1316 31.19 19.36 27.14
C LEU B 1316 32.10 20.54 27.30
N VAL B 1317 33.25 20.48 26.65
CA VAL B 1317 34.22 21.56 26.77
C VAL B 1317 33.70 22.87 26.21
N ALA B 1318 32.96 22.79 25.13
CA ALA B 1318 32.50 23.99 24.53
C ALA B 1318 31.57 24.71 25.45
N ASN B 1319 30.72 23.96 26.13
CA ASN B 1319 29.75 24.60 27.00
C ASN B 1319 30.46 25.33 28.11
N THR B 1320 31.51 24.73 28.62
CA THR B 1320 32.24 25.36 29.68
C THR B 1320 32.86 26.64 29.22
N LEU B 1321 33.35 26.67 28.00
CA LEU B 1321 34.05 27.86 27.51
C LEU B 1321 33.13 28.95 27.04
N GLY B 1322 31.83 28.69 27.07
CA GLY B 1322 30.88 29.73 26.73
C GLY B 1322 30.70 29.96 25.27
N TYR B 1323 31.25 29.06 24.46
CA TYR B 1323 31.16 29.23 23.04
C TYR B 1323 30.00 28.39 22.61
N SER B 1324 29.17 28.01 23.57
CA SER B 1324 28.03 27.15 23.27
C SER B 1324 27.16 27.80 22.25
N ASP B 1325 27.07 29.11 22.32
CA ASP B 1325 26.20 29.84 21.40
C ASP B 1325 26.56 29.62 19.96
N LEU B 1326 27.83 29.42 19.68
CA LEU B 1326 28.25 29.26 18.31
C LEU B 1326 27.53 28.08 17.70
N GLY B 1327 27.11 28.23 16.45
CA GLY B 1327 26.36 27.20 15.78
C GLY B 1327 26.91 25.83 15.55
N PRO B 1328 28.20 25.73 15.23
CA PRO B 1328 28.61 24.36 15.01
C PRO B 1328 28.39 23.53 16.26
N ILE B 1329 28.67 24.11 17.43
CA ILE B 1329 28.44 23.39 18.66
C ILE B 1329 26.98 23.11 18.81
N LYS B 1330 26.14 24.09 18.50
CA LYS B 1330 24.71 23.91 18.65
C LYS B 1330 24.27 22.80 17.74
N SER B 1331 24.90 22.72 16.59
CA SER B 1331 24.49 21.71 15.64
C SER B 1331 25.21 20.46 15.88
N LEU B 1332 26.08 20.45 16.87
CA LEU B 1332 26.74 19.22 17.22
C LEU B 1332 25.91 18.65 18.31
N ARG B 1333 25.12 19.46 18.97
CA ARG B 1333 24.27 18.88 19.95
C ARG B 1333 23.36 17.98 19.20
N THR B 1334 22.74 18.44 18.13
CA THR B 1334 21.76 17.64 17.42
C THR B 1334 22.28 16.27 17.05
N LEU B 1335 23.60 16.09 17.02
CA LEU B 1335 24.20 14.79 16.80
C LEU B 1335 24.24 13.94 18.06
N ARG B 1336 23.71 14.44 19.17
CA ARG B 1336 23.73 13.67 20.40
C ARG B 1336 22.82 12.47 20.30
N ALA B 1337 21.98 12.43 19.28
CA ALA B 1337 20.99 11.37 19.16
C ALA B 1337 21.62 10.04 18.80
N LEU B 1338 22.94 9.99 18.73
CA LEU B 1338 23.61 8.80 18.23
C LEU B 1338 24.13 7.98 19.40
N ARG B 1339 23.93 8.49 20.62
CA ARG B 1339 24.31 7.73 21.80
C ARG B 1339 23.69 6.33 21.85
N PRO B 1340 22.50 6.06 21.31
CA PRO B 1340 22.03 4.66 21.27
C PRO B 1340 22.92 3.75 20.47
N LEU B 1341 23.74 4.27 19.58
CA LEU B 1341 24.51 3.40 18.70
C LEU B 1341 25.41 2.48 19.48
N ARG B 1342 25.86 2.89 20.65
CA ARG B 1342 26.76 2.05 21.42
C ARG B 1342 26.08 0.75 21.81
N ALA B 1343 24.75 0.69 21.73
CA ALA B 1343 24.04 -0.51 22.11
C ALA B 1343 24.30 -1.65 21.15
N LEU B 1344 24.74 -1.37 19.93
CA LEU B 1344 24.84 -2.39 18.91
C LEU B 1344 25.84 -3.47 19.24
N SER B 1345 27.01 -3.13 19.72
CA SER B 1345 28.07 -4.12 19.87
C SER B 1345 27.94 -4.97 21.11
N ARG B 1346 26.90 -4.77 21.91
CA ARG B 1346 26.75 -5.48 23.17
C ARG B 1346 25.77 -6.63 23.10
N PHE B 1347 24.57 -6.42 22.56
CA PHE B 1347 23.66 -7.54 22.36
C PHE B 1347 24.13 -8.35 21.17
N GLU B 1348 24.39 -9.63 21.31
CA GLU B 1348 24.94 -10.34 20.17
C GLU B 1348 23.94 -10.39 19.07
N GLY B 1349 22.71 -10.62 19.41
CA GLY B 1349 21.75 -10.78 18.33
C GLY B 1349 21.75 -9.61 17.37
N MET B 1350 21.71 -8.38 17.90
CA MET B 1350 21.82 -7.21 17.04
C MET B 1350 23.14 -7.21 16.29
N ARG B 1351 24.21 -7.61 16.96
CA ARG B 1351 25.50 -7.61 16.27
C ARG B 1351 25.48 -8.55 15.10
N VAL B 1352 24.90 -9.74 15.27
CA VAL B 1352 24.97 -10.71 14.18
C VAL B 1352 24.02 -10.30 13.06
N VAL B 1353 22.92 -9.63 13.38
CA VAL B 1353 22.07 -9.13 12.29
C VAL B 1353 22.80 -8.04 11.53
N VAL B 1354 23.46 -7.13 12.22
CA VAL B 1354 24.19 -6.09 11.51
C VAL B 1354 25.36 -6.67 10.73
N ASN B 1355 26.00 -7.69 11.27
CA ASN B 1355 27.06 -8.37 10.53
C ASN B 1355 26.53 -8.97 9.25
N ALA B 1356 25.38 -9.65 9.32
CA ALA B 1356 24.78 -10.21 8.12
C ALA B 1356 24.41 -9.13 7.11
N LEU B 1357 23.79 -8.05 7.58
CA LEU B 1357 23.31 -7.03 6.64
C LEU B 1357 24.45 -6.23 6.05
N ILE B 1358 25.58 -6.11 6.74
CA ILE B 1358 26.77 -5.49 6.15
C ILE B 1358 27.45 -6.46 5.20
N GLY B 1359 27.28 -7.76 5.42
CA GLY B 1359 27.88 -8.71 4.51
C GLY B 1359 27.38 -8.54 3.10
N ALA B 1360 26.11 -8.19 2.94
CA ALA B 1360 25.51 -8.18 1.62
C ALA B 1360 25.74 -6.90 0.85
N ILE B 1361 26.21 -5.82 1.49
CA ILE B 1361 26.10 -4.49 0.88
C ILE B 1361 26.85 -4.36 -0.43
N PRO B 1362 27.92 -5.12 -0.71
CA PRO B 1362 28.47 -5.01 -2.08
C PRO B 1362 27.49 -5.33 -3.18
N SER B 1363 26.62 -6.33 -3.02
CA SER B 1363 25.67 -6.66 -4.08
C SER B 1363 24.58 -5.60 -4.20
N ILE B 1364 24.08 -5.11 -3.07
CA ILE B 1364 23.16 -3.99 -3.10
C ILE B 1364 23.77 -2.79 -3.79
N MET B 1365 25.09 -2.61 -3.72
CA MET B 1365 25.69 -1.49 -4.45
C MET B 1365 25.53 -1.68 -5.96
N ASN B 1366 25.86 -2.86 -6.47
CA ASN B 1366 25.65 -3.12 -7.89
C ASN B 1366 24.23 -2.82 -8.28
N VAL B 1367 23.28 -3.42 -7.56
CA VAL B 1367 21.90 -3.33 -8.01
C VAL B 1367 21.37 -1.92 -7.85
N LEU B 1368 21.77 -1.22 -6.80
CA LEU B 1368 21.30 0.14 -6.65
C LEU B 1368 21.86 1.03 -7.75
N LEU B 1369 23.09 0.77 -8.20
CA LEU B 1369 23.61 1.55 -9.31
C LEU B 1369 22.83 1.28 -10.59
N VAL B 1370 22.44 0.02 -10.80
CA VAL B 1370 21.65 -0.27 -12.00
C VAL B 1370 20.28 0.38 -11.92
N CYS B 1371 19.59 0.23 -10.79
CA CYS B 1371 18.29 0.87 -10.66
C CYS B 1371 18.41 2.38 -10.72
N LEU B 1372 19.56 2.91 -10.27
CA LEU B 1372 19.75 4.35 -10.30
C LEU B 1372 19.92 4.86 -11.72
N ILE B 1373 20.72 4.18 -12.54
CA ILE B 1373 20.86 4.62 -13.92
C ILE B 1373 19.56 4.42 -14.68
N PHE B 1374 18.83 3.35 -14.38
CA PHE B 1374 17.58 3.12 -15.10
C PHE B 1374 16.56 4.19 -14.75
N TRP B 1375 16.39 4.47 -13.47
CA TRP B 1375 15.53 5.58 -13.09
C TRP B 1375 16.05 6.89 -13.61
N LEU B 1376 17.35 7.02 -13.83
CA LEU B 1376 17.87 8.23 -14.43
C LEU B 1376 17.34 8.39 -15.84
N ILE B 1377 17.31 7.30 -16.60
CA ILE B 1377 16.70 7.38 -17.93
C ILE B 1377 15.27 7.84 -17.80
N PHE B 1378 14.52 7.20 -16.90
CA PHE B 1378 13.12 7.59 -16.73
C PHE B 1378 13.00 9.02 -16.25
N SER B 1379 13.95 9.47 -15.41
CA SER B 1379 13.82 10.81 -14.86
C SER B 1379 14.13 11.88 -15.88
N ILE B 1380 15.09 11.64 -16.78
CA ILE B 1380 15.32 12.59 -17.87
C ILE B 1380 14.18 12.59 -18.86
N MET B 1381 13.60 11.41 -19.12
CA MET B 1381 12.39 11.38 -19.92
C MET B 1381 11.36 12.32 -19.31
N GLY B 1382 11.12 12.17 -18.01
CA GLY B 1382 10.19 13.02 -17.32
C GLY B 1382 10.55 14.47 -17.40
N VAL B 1383 11.82 14.82 -17.18
CA VAL B 1383 12.21 16.23 -17.20
C VAL B 1383 11.97 16.84 -18.57
N ASN B 1384 12.26 16.10 -19.63
CA ASN B 1384 11.95 16.62 -20.94
C ASN B 1384 10.47 16.85 -21.11
N LEU B 1385 9.63 15.96 -20.55
CA LEU B 1385 8.20 16.07 -20.79
C LEU B 1385 7.56 17.18 -19.96
N PHE B 1386 7.70 17.11 -18.63
CA PHE B 1386 6.82 17.83 -17.71
C PHE B 1386 7.40 19.10 -17.13
N ALA B 1387 8.72 19.26 -17.15
CA ALA B 1387 9.42 20.27 -16.35
C ALA B 1387 8.76 21.63 -16.42
N GLY B 1388 8.35 22.12 -15.26
CA GLY B 1388 7.89 23.49 -15.16
C GLY B 1388 6.46 23.71 -15.57
N LYS B 1389 5.79 22.66 -16.00
CA LYS B 1389 4.39 22.73 -16.40
C LYS B 1389 3.44 22.54 -15.24
N PHE B 1390 3.96 22.27 -14.04
CA PHE B 1390 3.16 21.96 -12.87
C PHE B 1390 2.69 23.20 -12.14
N TYR B 1391 3.07 24.38 -12.60
CA TYR B 1391 2.68 25.61 -11.96
C TYR B 1391 1.18 25.80 -12.12
N GLU B 1392 0.54 26.29 -11.08
CA GLU B 1392 -0.87 26.63 -11.14
C GLU B 1392 -1.06 27.84 -10.27
N CYS B 1393 -2.17 28.54 -10.52
CA CYS B 1393 -2.53 29.77 -9.82
C CYS B 1393 -3.70 29.57 -8.89
N ILE B 1394 -3.51 28.93 -7.75
CA ILE B 1394 -4.64 28.64 -6.85
C ILE B 1394 -5.14 29.81 -6.03
N ASN B 1395 -6.30 29.65 -5.39
CA ASN B 1395 -6.84 30.68 -4.51
C ASN B 1395 -6.68 30.08 -3.12
N THR B 1396 -6.01 30.80 -2.21
CA THR B 1396 -5.74 30.24 -0.88
C THR B 1396 -6.97 29.98 -0.01
N THR B 1397 -7.92 30.91 0.01
CA THR B 1397 -9.09 30.75 0.87
C THR B 1397 -9.68 29.37 0.69
N ASP B 1398 -10.23 29.04 -0.46
CA ASP B 1398 -10.67 27.68 -0.71
C ASP B 1398 -9.59 26.65 -0.90
N GLY B 1399 -8.54 26.96 -1.67
CA GLY B 1399 -7.52 25.99 -2.01
C GLY B 1399 -7.69 25.51 -3.43
N SER B 1400 -8.48 26.19 -4.26
CA SER B 1400 -8.80 25.72 -5.62
C SER B 1400 -8.14 26.21 -6.88
N ARG B 1401 -7.85 25.37 -7.85
CA ARG B 1401 -7.25 25.92 -9.02
C ARG B 1401 -8.22 26.79 -9.60
N PHE B 1402 -7.82 27.98 -9.93
CA PHE B 1402 -8.68 28.90 -10.56
C PHE B 1402 -8.93 28.41 -11.91
N PRO B 1403 -10.13 28.61 -12.40
CA PRO B 1403 -10.48 28.04 -13.66
C PRO B 1403 -9.70 28.55 -14.79
N ALA B 1404 -9.33 27.69 -15.73
CA ALA B 1404 -8.48 28.06 -16.83
C ALA B 1404 -9.05 29.01 -17.79
N SER B 1405 -10.33 29.27 -17.73
CA SER B 1405 -10.88 30.26 -18.59
C SER B 1405 -10.37 31.60 -18.27
N GLN B 1406 -10.32 31.93 -16.99
CA GLN B 1406 -9.70 33.19 -16.60
C GLN B 1406 -8.32 32.70 -16.26
N VAL B 1407 -7.50 33.46 -15.58
CA VAL B 1407 -6.12 33.05 -15.39
C VAL B 1407 -5.61 32.09 -16.49
N PRO B 1408 -5.67 32.50 -17.79
CA PRO B 1408 -5.11 31.62 -18.79
C PRO B 1408 -3.64 31.33 -18.64
N ASN B 1409 -2.81 32.30 -18.24
CA ASN B 1409 -1.36 32.12 -18.18
C ASN B 1409 -0.74 32.84 -16.99
N ARG B 1410 0.57 32.75 -16.78
CA ARG B 1410 1.19 33.36 -15.62
C ARG B 1410 0.97 34.77 -15.68
N SER B 1411 1.07 35.32 -16.84
CA SER B 1411 0.93 36.75 -16.95
C SER B 1411 -0.42 37.28 -16.48
N GLU B 1412 -1.52 36.57 -16.75
CA GLU B 1412 -2.79 37.01 -16.23
C GLU B 1412 -3.01 36.48 -14.87
N CYS B 1413 -2.09 35.69 -14.34
CA CYS B 1413 -2.22 35.26 -12.94
C CYS B 1413 -1.60 36.39 -12.19
N PHE B 1414 -0.63 37.05 -12.78
CA PHE B 1414 0.05 38.08 -12.01
C PHE B 1414 -0.72 39.39 -12.04
N ALA B 1415 -1.34 39.71 -13.17
CA ALA B 1415 -2.26 40.85 -13.16
C ALA B 1415 -3.37 40.62 -12.14
N LEU B 1416 -3.92 39.41 -12.10
CA LEU B 1416 -4.89 39.09 -11.06
C LEU B 1416 -4.33 39.31 -9.66
N MET B 1417 -3.12 38.80 -9.40
CA MET B 1417 -2.51 38.94 -8.08
C MET B 1417 -2.34 40.40 -7.71
N ASN B 1418 -2.07 41.23 -8.70
CA ASN B 1418 -1.91 42.66 -8.43
C ASN B 1418 -3.24 43.37 -8.28
N VAL B 1419 -4.35 42.77 -8.67
CA VAL B 1419 -5.66 43.34 -8.42
C VAL B 1419 -6.29 42.80 -7.15
N SER B 1420 -6.36 41.49 -7.03
CA SER B 1420 -6.90 40.86 -5.81
C SER B 1420 -5.80 40.22 -5.00
N GLN B 1421 -6.17 39.50 -3.95
CA GLN B 1421 -5.20 38.86 -3.09
C GLN B 1421 -5.46 37.37 -3.06
N ASN B 1422 -4.78 36.69 -2.13
CA ASN B 1422 -5.07 35.29 -1.81
C ASN B 1422 -4.77 34.34 -2.96
N VAL B 1423 -4.09 34.82 -4.00
CA VAL B 1423 -3.76 34.00 -5.16
C VAL B 1423 -2.25 33.87 -5.24
N ARG B 1424 -1.77 32.68 -5.53
CA ARG B 1424 -0.34 32.51 -5.69
C ARG B 1424 -0.09 31.54 -6.83
N TRP B 1425 0.73 31.94 -7.78
CA TRP B 1425 1.08 31.09 -8.90
C TRP B 1425 2.08 30.04 -8.40
N LYS B 1426 1.56 28.94 -7.86
CA LYS B 1426 2.28 28.08 -6.93
C LYS B 1426 2.60 26.72 -7.52
N ASN B 1427 3.82 26.26 -7.28
CA ASN B 1427 4.34 24.97 -7.73
C ASN B 1427 3.84 23.82 -6.89
N LEU B 1428 4.42 22.66 -7.15
CA LEU B 1428 3.99 21.41 -6.56
C LEU B 1428 4.88 20.94 -5.42
N LYS B 1429 6.09 21.48 -5.30
CA LYS B 1429 6.97 21.21 -4.17
C LYS B 1429 7.58 19.83 -4.21
N VAL B 1430 7.07 18.95 -5.07
CA VAL B 1430 7.77 17.73 -5.49
C VAL B 1430 7.37 17.51 -6.94
N ASN B 1431 8.26 17.82 -7.87
CA ASN B 1431 7.83 17.91 -9.24
C ASN B 1431 8.97 17.47 -10.14
N PHE B 1432 8.89 17.83 -11.41
CA PHE B 1432 9.85 17.39 -12.41
C PHE B 1432 10.64 18.55 -12.98
N ASP B 1433 10.83 19.61 -12.20
CA ASP B 1433 11.55 20.79 -12.66
C ASP B 1433 13.00 20.50 -12.94
N ASN B 1434 13.61 19.52 -12.27
CA ASN B 1434 15.06 19.23 -12.41
C ASN B 1434 15.18 17.75 -12.40
N VAL B 1435 16.37 17.19 -12.45
CA VAL B 1435 16.59 15.75 -12.37
C VAL B 1435 16.55 15.26 -10.92
N GLY B 1436 17.04 16.04 -9.98
CA GLY B 1436 17.00 15.58 -8.61
C GLY B 1436 15.57 15.44 -8.11
N LEU B 1437 14.77 16.47 -8.37
CA LEU B 1437 13.34 16.35 -8.11
C LEU B 1437 12.71 15.27 -8.94
N GLY B 1438 13.25 15.00 -10.12
CA GLY B 1438 12.79 13.84 -10.86
C GLY B 1438 12.95 12.57 -10.05
N TYR B 1439 14.10 12.41 -9.42
CA TYR B 1439 14.33 11.22 -8.60
C TYR B 1439 13.37 11.16 -7.43
N LEU B 1440 13.18 12.27 -6.76
CA LEU B 1440 12.27 12.25 -5.62
C LEU B 1440 10.86 11.87 -6.08
N SER B 1441 10.39 12.48 -7.16
CA SER B 1441 9.05 12.19 -7.66
C SER B 1441 8.92 10.75 -8.08
N LEU B 1442 9.92 10.20 -8.74
CA LEU B 1442 9.86 8.79 -9.12
C LEU B 1442 9.85 7.87 -7.91
N LEU B 1443 10.53 8.24 -6.83
CA LEU B 1443 10.44 7.42 -5.64
C LEU B 1443 9.05 7.49 -5.04
N GLN B 1444 8.41 8.65 -5.15
CA GLN B 1444 7.06 8.78 -4.62
C GLN B 1444 6.08 7.96 -5.45
N VAL B 1445 6.25 7.97 -6.77
CA VAL B 1445 5.42 7.18 -7.66
C VAL B 1445 5.70 5.69 -7.54
N ALA B 1446 6.94 5.29 -7.33
CA ALA B 1446 7.27 3.88 -7.37
C ALA B 1446 6.83 3.15 -6.10
N THR B 1447 6.66 3.87 -5.00
CA THR B 1447 6.19 3.26 -3.76
C THR B 1447 4.68 3.46 -3.58
N PHE B 1448 4.05 4.08 -4.56
CA PHE B 1448 2.60 4.29 -4.59
C PHE B 1448 2.13 5.21 -3.48
N LYS B 1449 3.03 5.96 -2.87
CA LYS B 1449 2.67 6.94 -1.85
C LYS B 1449 2.82 8.34 -2.43
N GLY B 1450 1.79 9.16 -2.27
CA GLY B 1450 1.82 10.51 -2.76
C GLY B 1450 1.81 10.64 -4.26
N TRP B 1451 1.69 9.53 -4.98
CA TRP B 1451 1.83 9.52 -6.42
C TRP B 1451 0.64 10.11 -7.13
N THR B 1452 -0.53 10.05 -6.51
CA THR B 1452 -1.73 10.52 -7.19
C THR B 1452 -1.69 12.00 -7.45
N ILE B 1453 -1.19 12.82 -6.53
CA ILE B 1453 -1.21 14.24 -6.79
C ILE B 1453 -0.26 14.61 -7.92
N ILE B 1454 0.88 13.92 -8.01
CA ILE B 1454 1.79 14.17 -9.12
C ILE B 1454 1.15 13.77 -10.43
N MET B 1455 0.55 12.58 -10.50
CA MET B 1455 -0.09 12.15 -11.75
C MET B 1455 -1.21 13.10 -12.12
N TYR B 1456 -2.02 13.49 -11.14
CA TYR B 1456 -3.09 14.43 -11.35
C TYR B 1456 -2.59 15.74 -11.89
N ALA B 1457 -1.37 16.13 -11.54
CA ALA B 1457 -0.85 17.40 -12.04
C ALA B 1457 -0.09 17.25 -13.34
N ALA B 1458 0.39 16.05 -13.64
CA ALA B 1458 1.01 15.80 -14.93
C ALA B 1458 -0.01 15.78 -16.04
N VAL B 1459 -1.16 15.14 -15.79
CA VAL B 1459 -2.21 15.01 -16.80
C VAL B 1459 -3.02 16.28 -16.95
N ASP B 1460 -2.72 17.30 -16.17
CA ASP B 1460 -3.33 18.60 -16.40
C ASP B 1460 -2.41 19.53 -17.18
N SER B 1461 -1.24 19.04 -17.59
CA SER B 1461 -0.25 19.89 -18.16
C SER B 1461 -0.51 20.52 -19.43
N VAL B 1462 -0.18 21.78 -19.55
CA VAL B 1462 -0.31 22.42 -20.85
C VAL B 1462 1.07 22.80 -21.41
N ASN B 1463 1.73 23.77 -20.78
CA ASN B 1463 3.04 24.26 -21.22
C ASN B 1463 3.50 25.29 -20.19
N VAL B 1464 4.81 25.55 -20.19
CA VAL B 1464 5.37 26.47 -19.21
C VAL B 1464 4.63 27.78 -19.28
N ASP B 1465 4.42 28.42 -18.14
CA ASP B 1465 3.66 29.65 -18.03
C ASP B 1465 2.23 29.52 -18.51
N LYS B 1466 1.71 28.30 -18.66
CA LYS B 1466 0.33 28.12 -19.04
C LYS B 1466 -0.42 27.36 -17.96
N GLN B 1467 -1.63 27.80 -17.69
CA GLN B 1467 -2.52 27.31 -16.64
C GLN B 1467 -2.94 25.89 -16.98
N PRO B 1468 -2.76 24.91 -16.10
CA PRO B 1468 -3.21 23.55 -16.42
C PRO B 1468 -4.70 23.48 -16.65
N LYS B 1469 -5.10 22.55 -17.51
CA LYS B 1469 -6.49 22.28 -17.76
C LYS B 1469 -6.81 20.86 -17.33
N TYR B 1470 -8.05 20.64 -16.92
CA TYR B 1470 -8.45 19.34 -16.42
C TYR B 1470 -8.25 18.27 -17.47
N GLU B 1471 -7.39 17.31 -17.16
CA GLU B 1471 -7.16 16.14 -18.01
C GLU B 1471 -6.87 16.54 -19.43
N TYR B 1472 -6.10 17.61 -19.59
CA TYR B 1472 -5.82 18.10 -20.94
C TYR B 1472 -4.90 17.15 -21.67
N SER B 1473 -3.76 16.80 -21.09
CA SER B 1473 -2.94 15.79 -21.73
C SER B 1473 -3.25 14.52 -20.98
N LEU B 1474 -4.44 13.98 -21.22
CA LEU B 1474 -4.94 12.84 -20.46
C LEU B 1474 -3.95 11.70 -20.54
N TYR B 1475 -3.35 11.52 -21.71
CA TYR B 1475 -2.67 10.26 -22.00
C TYR B 1475 -1.26 10.24 -21.45
N MET B 1476 -0.94 11.18 -20.56
CA MET B 1476 0.35 11.09 -19.89
C MET B 1476 0.33 10.06 -18.78
N TYR B 1477 -0.85 9.64 -18.32
CA TYR B 1477 -0.94 8.52 -17.40
C TYR B 1477 -0.16 7.34 -17.92
N ILE B 1478 0.00 7.24 -19.24
CA ILE B 1478 0.74 6.14 -19.81
C ILE B 1478 2.22 6.21 -19.43
N TYR B 1479 2.75 7.42 -19.26
CA TYR B 1479 4.12 7.52 -18.75
C TYR B 1479 4.26 6.79 -17.43
N PHE B 1480 3.38 7.09 -16.47
CA PHE B 1480 3.48 6.45 -15.17
C PHE B 1480 3.12 4.98 -15.23
N VAL B 1481 2.22 4.58 -16.12
CA VAL B 1481 1.95 3.15 -16.26
C VAL B 1481 3.21 2.41 -16.69
N VAL B 1482 3.86 2.89 -17.74
CA VAL B 1482 5.08 2.27 -18.21
C VAL B 1482 6.13 2.31 -17.12
N PHE B 1483 6.19 3.42 -16.36
CA PHE B 1483 7.19 3.50 -15.32
C PHE B 1483 6.96 2.45 -14.24
N ILE B 1484 5.71 2.30 -13.78
CA ILE B 1484 5.47 1.28 -12.76
C ILE B 1484 5.87 -0.07 -13.27
N ILE B 1485 5.46 -0.41 -14.49
CA ILE B 1485 5.77 -1.75 -14.98
C ILE B 1485 7.28 -1.94 -15.07
N PHE B 1486 8.02 -0.91 -15.44
CA PHE B 1486 9.43 -1.15 -15.73
C PHE B 1486 10.33 -0.88 -14.53
N GLY B 1487 10.33 0.34 -14.03
CA GLY B 1487 11.24 0.71 -12.95
C GLY B 1487 10.88 0.16 -11.58
N SER B 1488 9.61 -0.16 -11.34
CA SER B 1488 9.20 -0.70 -10.05
C SER B 1488 9.12 -2.22 -10.05
N PHE B 1489 8.55 -2.80 -11.11
CA PHE B 1489 8.35 -4.23 -11.18
C PHE B 1489 9.63 -4.97 -11.54
N PHE B 1490 10.28 -4.56 -12.60
CA PHE B 1490 11.43 -5.31 -13.00
C PHE B 1490 12.66 -5.09 -12.13
N THR B 1491 12.84 -3.88 -11.66
CA THR B 1491 13.95 -3.62 -10.79
C THR B 1491 13.85 -4.34 -9.48
N LEU B 1492 12.66 -4.42 -8.92
CA LEU B 1492 12.48 -5.13 -7.68
C LEU B 1492 12.77 -6.55 -7.95
N ASN B 1493 12.42 -7.04 -9.09
CA ASN B 1493 12.76 -8.40 -9.36
C ASN B 1493 14.25 -8.57 -9.34
N LEU B 1494 14.98 -7.65 -9.96
CA LEU B 1494 16.43 -7.77 -9.87
C LEU B 1494 16.88 -7.71 -8.42
N PHE B 1495 16.36 -6.80 -7.61
CA PHE B 1495 16.84 -6.73 -6.26
C PHE B 1495 16.57 -7.98 -5.53
N ILE B 1496 15.38 -8.53 -5.66
CA ILE B 1496 15.04 -9.68 -4.87
C ILE B 1496 15.91 -10.83 -5.28
N CYS B 1497 16.15 -10.98 -6.55
CA CYS B 1497 17.04 -12.04 -6.94
C CYS B 1497 18.43 -11.89 -6.36
N VAL B 1498 18.97 -10.68 -6.43
CA VAL B 1498 20.32 -10.50 -5.97
C VAL B 1498 20.36 -10.78 -4.51
N ILE B 1499 19.38 -10.32 -3.77
CA ILE B 1499 19.45 -10.50 -2.36
C ILE B 1499 19.35 -11.96 -2.04
N ILE B 1500 18.51 -12.69 -2.73
CA ILE B 1500 18.51 -14.10 -2.44
C ILE B 1500 19.82 -14.80 -2.79
N ASP B 1501 20.45 -14.47 -3.89
CA ASP B 1501 21.70 -15.12 -4.16
C ASP B 1501 22.68 -14.80 -3.07
N ASN B 1502 22.69 -13.55 -2.62
CA ASN B 1502 23.67 -13.18 -1.63
C ASN B 1502 23.40 -13.97 -0.38
N PHE B 1503 22.17 -14.09 0.02
CA PHE B 1503 21.94 -14.79 1.25
C PHE B 1503 22.30 -16.23 1.10
N ASN B 1504 21.98 -16.86 -0.02
CA ASN B 1504 22.42 -18.25 -0.12
C ASN B 1504 23.93 -18.33 -0.17
N GLN B 1505 24.59 -17.38 -0.86
CA GLN B 1505 26.04 -17.31 -0.85
C GLN B 1505 26.57 -17.27 0.57
N GLN B 1506 26.02 -16.38 1.39
CA GLN B 1506 26.44 -16.30 2.79
C GLN B 1506 26.16 -17.61 3.52
N LYS B 1507 24.96 -18.13 3.38
CA LYS B 1507 24.65 -19.29 4.18
C LYS B 1507 25.67 -20.32 3.85
N LYS B 1508 25.93 -20.52 2.58
CA LYS B 1508 26.84 -21.58 2.22
C LYS B 1508 28.22 -21.34 2.79
N LYS B 1509 28.66 -20.08 2.81
CA LYS B 1509 29.99 -19.79 3.30
C LYS B 1509 30.08 -20.15 4.76
N LEU B 1510 29.02 -19.89 5.52
CA LEU B 1510 29.01 -20.32 6.91
C LEU B 1510 29.01 -21.82 6.96
N GLY B 1511 28.48 -22.49 5.94
CA GLY B 1511 28.34 -23.92 6.00
C GLY B 1511 26.86 -24.23 6.06
N GLY B 1512 26.05 -23.23 5.75
CA GLY B 1512 24.61 -23.42 5.73
C GLY B 1512 23.89 -23.06 7.00
N GLN B 1513 24.62 -22.59 8.00
CA GLN B 1513 23.98 -22.33 9.27
C GLN B 1513 23.10 -21.11 9.23
N ASP B 1514 22.34 -20.92 10.29
CA ASP B 1514 21.46 -19.80 10.35
C ASP B 1514 22.26 -18.55 10.25
N ILE B 1515 21.75 -17.59 9.52
CA ILE B 1515 22.43 -16.36 9.45
C ILE B 1515 21.89 -15.29 10.35
N PHE B 1516 20.91 -15.55 11.20
CA PHE B 1516 20.49 -14.50 12.11
C PHE B 1516 20.30 -14.88 13.55
N MET B 1517 20.98 -15.89 14.06
CA MET B 1517 20.70 -16.31 15.42
C MET B 1517 21.98 -16.45 16.23
N THR B 1518 21.90 -16.08 17.50
CA THR B 1518 23.01 -16.22 18.42
C THR B 1518 23.34 -17.70 18.57
N GLU B 1519 24.41 -18.02 19.28
CA GLU B 1519 24.70 -19.42 19.58
C GLU B 1519 23.63 -20.01 20.50
N GLU B 1520 23.27 -19.25 21.50
CA GLU B 1520 22.25 -19.69 22.41
C GLU B 1520 21.02 -19.94 21.62
N GLN B 1521 20.59 -18.91 20.93
CA GLN B 1521 19.41 -19.03 20.11
C GLN B 1521 19.49 -20.27 19.23
N LYS B 1522 20.67 -20.62 18.79
CA LYS B 1522 20.79 -21.76 17.96
C LYS B 1522 20.46 -22.98 18.76
N LYS B 1523 21.03 -23.18 19.94
CA LYS B 1523 20.77 -24.42 20.65
C LYS B 1523 19.30 -24.53 21.04
N TYR B 1524 18.69 -23.42 21.47
CA TYR B 1524 17.28 -23.49 21.81
C TYR B 1524 16.42 -23.77 20.58
N TYR B 1525 16.79 -23.21 19.44
CA TYR B 1525 16.13 -23.54 18.19
C TYR B 1525 16.21 -25.02 17.87
N ASN B 1526 17.40 -25.62 18.01
CA ASN B 1526 17.47 -27.04 17.69
C ASN B 1526 16.60 -27.86 18.62
N ALA B 1527 16.58 -27.49 19.90
CA ALA B 1527 15.71 -28.19 20.83
C ALA B 1527 14.24 -28.07 20.43
N MET B 1528 13.82 -26.85 20.11
CA MET B 1528 12.41 -26.59 19.82
C MET B 1528 12.02 -27.06 18.43
N LYS B 1529 13.00 -27.34 17.57
CA LYS B 1529 12.76 -28.21 16.42
C LYS B 1529 12.53 -29.64 16.85
N LYS B 1530 13.31 -30.11 17.83
CA LYS B 1530 13.18 -31.50 18.26
C LYS B 1530 11.85 -31.77 18.94
N LEU B 1531 11.24 -30.76 19.56
CA LEU B 1531 10.00 -31.01 20.29
C LEU B 1531 8.87 -31.45 19.38
N GLY B 1532 8.87 -31.01 18.13
CA GLY B 1532 7.79 -31.37 17.23
C GLY B 1532 8.00 -32.70 16.52
N SER B 1533 8.69 -33.62 17.18
CA SER B 1533 9.01 -34.89 16.55
C SER B 1533 8.51 -36.16 17.23
N LYS B 1534 7.89 -36.06 18.39
CA LYS B 1534 7.30 -37.25 19.03
C LYS B 1534 5.95 -37.54 18.39
N LYS B 1535 5.98 -38.28 17.29
CA LYS B 1535 4.75 -38.88 16.78
C LYS B 1535 4.10 -39.82 17.78
N PRO B 1536 4.81 -40.78 18.38
CA PRO B 1536 4.12 -41.72 19.27
C PRO B 1536 4.12 -41.31 20.73
N GLN B 1537 3.03 -41.60 21.42
CA GLN B 1537 2.91 -41.13 22.81
C GLN B 1537 2.82 -42.20 23.88
N LYS B 1538 2.38 -41.74 25.05
CA LYS B 1538 2.23 -42.63 26.17
C LYS B 1538 1.12 -43.68 26.00
N PRO B 1539 1.18 -44.80 26.76
CA PRO B 1539 0.09 -45.77 26.66
C PRO B 1539 -1.28 -45.27 27.15
N ILE B 1540 -1.33 -44.49 28.23
CA ILE B 1540 -2.62 -44.04 28.82
C ILE B 1540 -3.59 -45.21 29.06
N PRO B 1541 -3.11 -46.24 29.78
CA PRO B 1541 -3.96 -47.43 29.94
C PRO B 1541 -5.29 -47.22 30.65
N ARG B 1542 -6.30 -47.99 30.25
CA ARG B 1542 -7.61 -47.93 30.88
C ARG B 1542 -7.56 -48.00 32.41
N PRO B 1543 -8.12 -47.01 33.11
CA PRO B 1543 -8.03 -47.07 34.58
C PRO B 1543 -8.96 -48.09 35.20
N GLY B 1544 -8.61 -48.55 36.41
CA GLY B 1544 -9.19 -49.74 36.99
C GLY B 1544 -10.70 -49.79 37.20
N ASN B 1545 -11.27 -48.78 37.86
CA ASN B 1545 -12.67 -48.84 38.24
C ASN B 1545 -13.55 -48.84 37.00
N LYS B 1546 -14.57 -49.70 37.01
CA LYS B 1546 -15.41 -49.83 35.82
C LYS B 1546 -16.14 -48.59 35.35
N ILE B 1547 -16.82 -47.88 36.24
CA ILE B 1547 -17.65 -46.77 35.77
C ILE B 1547 -16.80 -45.66 35.17
N GLN B 1548 -15.70 -45.30 35.83
CA GLN B 1548 -14.81 -44.30 35.27
C GLN B 1548 -14.11 -44.84 34.03
N GLY B 1549 -13.99 -46.16 33.92
CA GLY B 1549 -13.54 -46.74 32.66
C GLY B 1549 -14.53 -46.55 31.53
N CYS B 1550 -15.82 -46.66 31.84
CA CYS B 1550 -16.84 -46.32 30.85
C CYS B 1550 -16.71 -44.87 30.44
N ILE B 1551 -16.47 -43.98 31.41
CA ILE B 1551 -16.21 -42.58 31.09
C ILE B 1551 -14.98 -42.47 30.20
N PHE B 1552 -13.97 -43.30 30.45
CA PHE B 1552 -12.76 -43.28 29.65
C PHE B 1552 -13.08 -43.53 28.19
N ASP B 1553 -13.71 -44.67 27.89
CA ASP B 1553 -13.95 -44.93 26.48
C ASP B 1553 -15.03 -44.00 25.92
N LEU B 1554 -15.77 -43.31 26.80
CA LEU B 1554 -16.70 -42.29 26.35
C LEU B 1554 -15.97 -41.06 25.83
N VAL B 1555 -15.02 -40.55 26.62
CA VAL B 1555 -14.35 -39.31 26.25
C VAL B 1555 -13.40 -39.53 25.08
N THR B 1556 -12.82 -40.73 24.99
CA THR B 1556 -11.82 -41.02 23.97
C THR B 1556 -12.42 -41.46 22.65
N ASN B 1557 -13.72 -41.20 22.44
CA ASN B 1557 -14.38 -41.55 21.19
C ASN B 1557 -13.92 -40.64 20.08
N GLN B 1558 -13.80 -41.21 18.89
CA GLN B 1558 -13.31 -40.41 17.78
C GLN B 1558 -14.19 -39.21 17.50
N ALA B 1559 -15.45 -39.24 17.95
CA ALA B 1559 -16.41 -38.20 17.61
C ALA B 1559 -16.72 -37.26 18.76
N PHE B 1560 -16.35 -37.61 20.00
CA PHE B 1560 -16.64 -36.72 21.12
C PHE B 1560 -15.89 -35.40 20.96
N ASP B 1561 -14.61 -35.48 20.58
CA ASP B 1561 -13.85 -34.26 20.30
C ASP B 1561 -14.42 -33.51 19.12
N ILE B 1562 -14.91 -34.21 18.10
CA ILE B 1562 -15.53 -33.54 16.97
C ILE B 1562 -16.76 -32.76 17.41
N SER B 1563 -17.54 -33.36 18.30
CA SER B 1563 -18.69 -32.66 18.86
C SER B 1563 -18.25 -31.42 19.61
N ILE B 1564 -17.18 -31.52 20.39
CA ILE B 1564 -16.66 -30.31 21.03
C ILE B 1564 -16.31 -29.27 20.00
N MET B 1565 -15.65 -29.67 18.91
CA MET B 1565 -15.23 -28.71 17.91
C MET B 1565 -16.42 -28.00 17.30
N VAL B 1566 -17.50 -28.74 17.03
CA VAL B 1566 -18.70 -28.12 16.50
C VAL B 1566 -19.30 -27.17 17.52
N LEU B 1567 -19.22 -27.52 18.80
CA LEU B 1567 -19.70 -26.61 19.83
C LEU B 1567 -18.87 -25.34 19.86
N ILE B 1568 -17.57 -25.44 19.61
CA ILE B 1568 -16.73 -24.25 19.54
C ILE B 1568 -17.11 -23.40 18.34
N CYS B 1569 -17.39 -24.04 17.20
CA CYS B 1569 -17.79 -23.26 16.03
C CYS B 1569 -19.09 -22.54 16.29
N LEU B 1570 -20.03 -23.20 16.96
CA LEU B 1570 -21.25 -22.51 17.37
C LEU B 1570 -20.95 -21.38 18.33
N ASN B 1571 -19.97 -21.57 19.19
CA ASN B 1571 -19.57 -20.49 20.08
C ASN B 1571 -19.04 -19.34 19.27
N MET B 1572 -18.24 -19.62 18.24
CA MET B 1572 -17.66 -18.59 17.41
C MET B 1572 -18.76 -17.77 16.75
N VAL B 1573 -19.78 -18.44 16.23
CA VAL B 1573 -20.84 -17.68 15.58
C VAL B 1573 -21.63 -16.88 16.60
N THR B 1574 -21.77 -17.38 17.84
CA THR B 1574 -22.48 -16.62 18.88
C THR B 1574 -21.73 -15.41 19.24
N MET B 1575 -20.43 -15.44 19.12
CA MET B 1575 -19.63 -14.23 19.29
C MET B 1575 -19.76 -13.29 18.11
N MET B 1576 -19.93 -13.83 16.90
CA MET B 1576 -20.02 -12.98 15.72
C MET B 1576 -21.36 -12.27 15.64
N VAL B 1577 -22.41 -12.84 16.23
CA VAL B 1577 -23.75 -12.31 16.08
C VAL B 1577 -23.85 -10.90 16.65
N GLU B 1578 -22.99 -10.46 17.55
CA GLU B 1578 -23.17 -9.13 18.20
C GLU B 1578 -23.01 -7.90 17.33
N LYS B 1579 -23.61 -6.78 17.66
CA LYS B 1579 -23.54 -5.67 16.75
C LYS B 1579 -23.72 -4.38 17.45
N GLU B 1580 -23.30 -3.25 16.91
CA GLU B 1580 -23.50 -2.07 17.67
C GLU B 1580 -24.95 -1.81 17.70
N GLY B 1581 -25.51 -1.42 18.84
CA GLY B 1581 -26.92 -1.05 18.90
C GLY B 1581 -27.91 -2.12 19.23
N GLN B 1582 -27.42 -3.30 19.58
CA GLN B 1582 -28.29 -4.43 19.81
C GLN B 1582 -29.19 -4.28 21.01
N SER B 1583 -30.38 -4.80 20.94
CA SER B 1583 -31.36 -4.62 21.98
C SER B 1583 -31.09 -5.24 23.32
N GLN B 1584 -31.64 -4.65 24.36
CA GLN B 1584 -31.41 -5.16 25.71
C GLN B 1584 -31.88 -6.57 25.82
N HIS B 1585 -32.80 -6.94 24.98
CA HIS B 1585 -33.17 -8.35 24.99
C HIS B 1585 -32.04 -9.20 24.42
N MET B 1586 -31.63 -8.93 23.19
CA MET B 1586 -30.68 -9.80 22.53
C MET B 1586 -29.36 -9.86 23.27
N THR B 1587 -28.98 -8.79 23.95
CA THR B 1587 -27.74 -8.83 24.71
C THR B 1587 -27.79 -9.91 25.78
N GLU B 1588 -28.89 -9.99 26.53
CA GLU B 1588 -28.94 -11.02 27.55
C GLU B 1588 -29.20 -12.39 26.96
N VAL B 1589 -29.81 -12.47 25.78
CA VAL B 1589 -29.94 -13.78 25.13
C VAL B 1589 -28.56 -14.34 24.80
N LEU B 1590 -27.72 -13.51 24.18
CA LEU B 1590 -26.35 -13.94 23.95
C LEU B 1590 -25.61 -14.19 25.25
N TYR B 1591 -25.95 -13.44 26.31
CA TYR B 1591 -25.32 -13.66 27.61
C TYR B 1591 -25.59 -15.06 28.11
N TRP B 1592 -26.80 -15.55 28.05
CA TRP B 1592 -27.03 -16.85 28.60
C TRP B 1592 -26.55 -17.88 27.65
N ILE B 1593 -26.61 -17.63 26.37
CA ILE B 1593 -25.98 -18.61 25.48
C ILE B 1593 -24.51 -18.73 25.83
N ASN B 1594 -23.86 -17.60 26.13
CA ASN B 1594 -22.45 -17.64 26.50
C ASN B 1594 -22.26 -18.44 27.77
N VAL B 1595 -23.12 -18.24 28.77
CA VAL B 1595 -22.90 -18.90 30.05
C VAL B 1595 -23.22 -20.39 29.92
N VAL B 1596 -24.21 -20.75 29.11
CA VAL B 1596 -24.41 -22.19 28.94
C VAL B 1596 -23.23 -22.79 28.20
N PHE B 1597 -22.64 -22.05 27.26
CA PHE B 1597 -21.42 -22.54 26.63
C PHE B 1597 -20.32 -22.73 27.66
N ILE B 1598 -20.18 -21.77 28.57
CA ILE B 1598 -19.11 -21.83 29.56
C ILE B 1598 -19.33 -23.01 30.49
N ILE B 1599 -20.56 -23.19 30.97
CA ILE B 1599 -20.88 -24.32 31.83
C ILE B 1599 -20.57 -25.61 31.10
N LEU B 1600 -20.94 -25.70 29.84
CA LEU B 1600 -20.75 -26.91 29.07
C LEU B 1600 -19.27 -27.22 28.86
N PHE B 1601 -18.47 -26.20 28.56
CA PHE B 1601 -17.03 -26.42 28.42
C PHE B 1601 -16.41 -26.84 29.73
N THR B 1602 -16.82 -26.21 30.83
CA THR B 1602 -16.28 -26.61 32.12
C THR B 1602 -16.66 -28.06 32.44
N GLY B 1603 -17.88 -28.44 32.08
CA GLY B 1603 -18.32 -29.80 32.32
C GLY B 1603 -17.51 -30.81 31.52
N GLU B 1604 -17.31 -30.52 30.23
CA GLU B 1604 -16.50 -31.45 29.44
C GLU B 1604 -15.07 -31.50 29.98
N CYS B 1605 -14.57 -30.37 30.45
CA CYS B 1605 -13.24 -30.36 31.05
C CYS B 1605 -13.18 -31.28 32.26
N VAL B 1606 -14.12 -31.12 33.19
CA VAL B 1606 -14.07 -31.93 34.40
C VAL B 1606 -14.32 -33.39 34.07
N LEU B 1607 -14.99 -33.66 32.95
CA LEU B 1607 -15.07 -35.02 32.46
C LEU B 1607 -13.70 -35.53 32.03
N LYS B 1608 -12.91 -34.67 31.39
CA LYS B 1608 -11.55 -35.08 31.04
C LYS B 1608 -10.74 -35.42 32.29
N LEU B 1609 -10.88 -34.61 33.34
CA LEU B 1609 -10.11 -34.86 34.56
C LEU B 1609 -10.48 -36.20 35.17
N ILE B 1610 -11.72 -36.65 34.98
CA ILE B 1610 -12.17 -37.89 35.59
C ILE B 1610 -11.38 -39.08 35.05
N SER B 1611 -11.20 -39.14 33.73
CA SER B 1611 -10.54 -40.28 33.13
C SER B 1611 -9.04 -40.28 33.41
N LEU B 1612 -8.34 -39.24 32.95
CA LEU B 1612 -6.89 -39.16 33.08
C LEU B 1612 -6.54 -38.67 34.48
N ARG B 1613 -6.79 -39.55 35.45
CA ARG B 1613 -6.42 -39.24 36.83
C ARG B 1613 -4.93 -38.97 36.91
N HIS B 1614 -4.58 -37.73 37.25
CA HIS B 1614 -3.19 -37.27 37.36
C HIS B 1614 -2.50 -37.25 36.00
N TYR B 1615 -3.18 -37.71 34.95
CA TYR B 1615 -2.58 -37.77 33.63
C TYR B 1615 -3.16 -36.79 32.64
N TYR B 1616 -4.02 -35.87 33.07
CA TYR B 1616 -4.57 -34.88 32.15
C TYR B 1616 -3.48 -33.91 31.70
N PHE B 1617 -2.57 -33.60 32.60
CA PHE B 1617 -1.52 -32.59 32.44
C PHE B 1617 -0.32 -33.10 31.70
N THR B 1618 -0.30 -34.25 31.05
CA THR B 1618 0.92 -34.75 30.43
C THR B 1618 1.06 -34.34 28.97
N VAL B 1619 0.07 -33.67 28.41
CA VAL B 1619 0.12 -33.20 27.03
C VAL B 1619 -0.30 -31.74 27.02
N GLY B 1620 0.51 -30.89 26.37
CA GLY B 1620 0.38 -29.45 26.57
C GLY B 1620 -1.00 -28.91 26.24
N TRP B 1621 -1.58 -29.40 25.15
CA TRP B 1621 -2.86 -28.86 24.70
C TRP B 1621 -3.90 -28.96 25.81
N ASN B 1622 -3.82 -30.01 26.61
CA ASN B 1622 -4.75 -30.16 27.73
C ASN B 1622 -4.57 -29.07 28.77
N ILE B 1623 -3.33 -28.70 29.09
CA ILE B 1623 -3.12 -27.55 29.95
C ILE B 1623 -3.72 -26.31 29.31
N PHE B 1624 -3.61 -26.21 27.98
CA PHE B 1624 -4.22 -25.08 27.31
C PHE B 1624 -5.72 -25.06 27.57
N ASP B 1625 -6.38 -26.21 27.42
CA ASP B 1625 -7.82 -26.23 27.65
C ASP B 1625 -8.15 -25.84 29.08
N PHE B 1626 -7.40 -26.38 30.04
CA PHE B 1626 -7.64 -26.06 31.43
C PHE B 1626 -7.56 -24.57 31.69
N VAL B 1627 -6.47 -23.95 31.23
CA VAL B 1627 -6.30 -22.55 31.53
C VAL B 1627 -7.38 -21.74 30.84
N VAL B 1628 -7.79 -22.15 29.64
CA VAL B 1628 -8.86 -21.40 28.96
C VAL B 1628 -10.14 -21.48 29.76
N VAL B 1629 -10.45 -22.65 30.33
CA VAL B 1629 -11.62 -22.76 31.20
C VAL B 1629 -11.53 -21.76 32.33
N ILE B 1630 -10.37 -21.71 33.00
CA ILE B 1630 -10.24 -20.85 34.17
C ILE B 1630 -10.37 -19.37 33.76
N ILE B 1631 -9.71 -18.97 32.68
CA ILE B 1631 -9.79 -17.58 32.24
C ILE B 1631 -11.22 -17.22 31.89
N SER B 1632 -11.89 -18.18 31.29
CA SER B 1632 -13.23 -17.94 30.89
C SER B 1632 -14.12 -17.67 32.12
N ILE B 1633 -14.01 -18.49 33.15
CA ILE B 1633 -14.80 -18.36 34.38
C ILE B 1633 -14.51 -17.03 35.04
N VAL B 1634 -13.23 -16.72 35.23
CA VAL B 1634 -12.87 -15.54 36.00
C VAL B 1634 -13.22 -14.28 35.23
N GLY B 1635 -13.10 -14.30 33.91
CA GLY B 1635 -13.48 -13.12 33.14
C GLY B 1635 -14.95 -12.81 33.26
N MET B 1636 -15.79 -13.85 33.22
CA MET B 1636 -17.22 -13.61 33.38
C MET B 1636 -17.54 -13.08 34.78
N PHE B 1637 -16.96 -13.72 35.81
CA PHE B 1637 -17.15 -13.20 37.18
C PHE B 1637 -16.70 -11.76 37.30
N LEU B 1638 -15.48 -11.46 36.88
CA LEU B 1638 -14.92 -10.12 37.07
C LEU B 1638 -15.71 -9.07 36.30
N ALA B 1639 -16.18 -9.41 35.10
CA ALA B 1639 -17.01 -8.47 34.37
C ALA B 1639 -18.27 -8.14 35.16
N ASP B 1640 -18.89 -9.17 35.74
CA ASP B 1640 -20.06 -8.91 36.59
C ASP B 1640 -19.70 -7.98 37.74
N LEU B 1641 -18.60 -8.26 38.44
CA LEU B 1641 -18.25 -7.45 39.61
C LEU B 1641 -17.97 -6.01 39.23
N ILE B 1642 -17.20 -5.80 38.15
CA ILE B 1642 -16.81 -4.44 37.79
C ILE B 1642 -17.98 -3.67 37.23
N GLU B 1643 -18.95 -4.33 36.61
CA GLU B 1643 -20.16 -3.61 36.24
C GLU B 1643 -21.04 -3.28 37.43
N THR B 1644 -21.09 -4.16 38.44
CA THR B 1644 -21.95 -3.87 39.57
C THR B 1644 -21.38 -2.78 40.47
N TYR B 1645 -20.12 -2.93 40.89
CA TYR B 1645 -19.61 -2.04 41.93
C TYR B 1645 -19.12 -0.70 41.36
N PHE B 1646 -18.15 -0.72 40.47
CA PHE B 1646 -17.50 0.50 40.00
C PHE B 1646 -17.93 0.76 38.57
N VAL B 1647 -17.52 1.88 38.00
CA VAL B 1647 -17.89 2.23 36.62
C VAL B 1647 -16.63 2.19 35.76
N SER B 1648 -16.63 1.33 34.76
CA SER B 1648 -15.40 0.96 34.08
C SER B 1648 -15.69 0.34 32.73
N PRO B 1649 -15.88 1.14 31.67
CA PRO B 1649 -16.14 0.53 30.36
C PRO B 1649 -14.90 -0.09 29.73
N THR B 1650 -13.78 0.63 29.71
CA THR B 1650 -12.62 0.17 28.98
C THR B 1650 -12.03 -1.09 29.61
N LEU B 1651 -11.88 -1.10 30.92
CA LEU B 1651 -11.46 -2.31 31.60
C LEU B 1651 -12.43 -3.44 31.34
N PHE B 1652 -13.73 -3.12 31.32
CA PHE B 1652 -14.73 -4.15 31.06
C PHE B 1652 -14.47 -4.85 29.75
N ARG B 1653 -14.39 -4.07 28.66
CA ARG B 1653 -14.23 -4.68 27.35
C ARG B 1653 -12.87 -5.36 27.14
N VAL B 1654 -11.83 -4.84 27.78
CA VAL B 1654 -10.54 -5.53 27.68
C VAL B 1654 -10.56 -6.87 28.40
N ILE B 1655 -11.16 -6.96 29.58
CA ILE B 1655 -11.17 -8.26 30.24
C ILE B 1655 -12.25 -9.17 29.66
N ARG B 1656 -13.25 -8.59 29.00
CA ARG B 1656 -14.27 -9.43 28.39
C ARG B 1656 -13.73 -10.15 27.18
N LEU B 1657 -12.79 -9.53 26.46
CA LEU B 1657 -12.27 -10.25 25.30
C LEU B 1657 -11.52 -11.49 25.69
N ALA B 1658 -11.28 -11.70 26.98
CA ALA B 1658 -10.63 -12.93 27.40
C ALA B 1658 -11.41 -14.17 27.00
N ARG B 1659 -12.72 -14.02 26.77
CA ARG B 1659 -13.51 -15.16 26.35
C ARG B 1659 -13.13 -15.66 24.97
N ILE B 1660 -12.34 -14.89 24.21
CA ILE B 1660 -11.87 -15.36 22.92
C ILE B 1660 -11.00 -16.60 23.07
N GLY B 1661 -10.48 -16.84 24.26
CA GLY B 1661 -9.67 -18.02 24.46
C GLY B 1661 -10.37 -19.30 24.06
N ARG B 1662 -11.69 -19.36 24.27
CA ARG B 1662 -12.42 -20.56 23.93
C ARG B 1662 -12.43 -20.81 22.44
N ILE B 1663 -12.28 -19.76 21.63
CA ILE B 1663 -12.09 -19.97 20.20
C ILE B 1663 -10.75 -20.61 19.91
N LEU B 1664 -9.69 -20.05 20.49
CA LEU B 1664 -8.35 -20.29 19.97
C LEU B 1664 -8.03 -21.77 19.98
N ARG B 1665 -8.74 -22.55 20.79
CA ARG B 1665 -8.51 -23.99 20.80
C ARG B 1665 -9.05 -24.64 19.53
N LEU B 1666 -9.73 -23.89 18.68
CA LEU B 1666 -10.20 -24.45 17.43
C LEU B 1666 -9.06 -24.94 16.57
N VAL B 1667 -7.88 -24.33 16.69
CA VAL B 1667 -6.76 -24.74 15.86
C VAL B 1667 -6.35 -26.16 16.21
N LYS B 1668 -6.66 -26.61 17.42
CA LYS B 1668 -6.23 -27.93 17.86
C LYS B 1668 -6.65 -29.01 16.90
N GLY B 1669 -7.92 -29.02 16.52
CA GLY B 1669 -8.40 -30.01 15.58
C GLY B 1669 -7.76 -29.83 14.23
N ALA B 1670 -7.63 -28.59 13.78
CA ALA B 1670 -7.11 -28.33 12.46
C ALA B 1670 -5.65 -28.77 12.38
N LYS B 1671 -5.27 -29.40 11.27
CA LYS B 1671 -3.94 -29.95 11.12
C LYS B 1671 -3.17 -29.27 10.07
N GLY B 1672 -3.84 -28.52 9.24
CA GLY B 1672 -3.10 -27.71 8.28
C GLY B 1672 -2.74 -26.36 8.83
N ILE B 1673 -3.39 -25.94 9.91
CA ILE B 1673 -3.04 -24.68 10.55
C ILE B 1673 -1.99 -24.92 11.63
N ARG B 1674 -2.01 -26.08 12.28
CA ARG B 1674 -1.01 -26.41 13.31
C ARG B 1674 0.40 -26.59 12.77
N THR B 1675 0.57 -26.91 11.51
CA THR B 1675 1.91 -26.91 10.94
C THR B 1675 2.37 -25.49 10.62
N LEU B 1676 1.47 -24.63 10.14
CA LEU B 1676 1.91 -23.27 9.82
C LEU B 1676 2.21 -22.48 11.08
N LEU B 1677 1.43 -22.68 12.14
CA LEU B 1677 1.77 -22.03 13.40
C LEU B 1677 3.07 -22.60 13.97
N PHE B 1678 3.33 -23.88 13.78
CA PHE B 1678 4.63 -24.39 14.16
C PHE B 1678 5.72 -23.69 13.40
N ALA B 1679 5.50 -23.40 12.12
CA ALA B 1679 6.50 -22.69 11.34
C ALA B 1679 6.73 -21.30 11.91
N LEU B 1680 5.65 -20.58 12.23
CA LEU B 1680 5.80 -19.25 12.80
C LEU B 1680 6.60 -19.28 14.09
N MET B 1681 6.20 -20.14 15.03
CA MET B 1681 6.89 -20.14 16.30
C MET B 1681 8.33 -20.63 16.13
N MET B 1682 8.55 -21.52 15.16
CA MET B 1682 9.91 -21.90 14.81
C MET B 1682 10.73 -20.70 14.39
N SER B 1683 10.17 -19.82 13.57
CA SER B 1683 10.95 -18.71 13.07
C SER B 1683 11.02 -17.53 14.03
N LEU B 1684 10.23 -17.53 15.08
CA LEU B 1684 10.17 -16.37 15.99
C LEU B 1684 11.49 -15.78 16.47
N PRO B 1685 12.50 -16.56 16.88
CA PRO B 1685 13.74 -15.94 17.37
C PRO B 1685 14.35 -14.94 16.41
N ALA B 1686 14.55 -15.33 15.15
CA ALA B 1686 15.21 -14.44 14.21
C ALA B 1686 14.41 -13.16 14.03
N LEU B 1687 13.09 -13.25 14.00
CA LEU B 1687 12.30 -12.04 13.90
C LEU B 1687 12.44 -11.21 15.16
N PHE B 1688 12.71 -11.84 16.30
CA PHE B 1688 12.94 -11.03 17.50
C PHE B 1688 14.24 -10.24 17.37
N ASN B 1689 15.26 -10.87 16.80
CA ASN B 1689 16.52 -10.18 16.56
C ASN B 1689 16.32 -8.98 15.65
N ILE B 1690 15.66 -9.21 14.52
CA ILE B 1690 15.44 -8.13 13.57
C ILE B 1690 14.55 -7.08 14.19
N GLY B 1691 13.63 -7.48 15.07
CA GLY B 1691 12.80 -6.51 15.75
C GLY B 1691 13.61 -5.63 16.69
N LEU B 1692 14.59 -6.22 17.36
CA LEU B 1692 15.48 -5.41 18.18
C LEU B 1692 16.21 -4.38 17.34
N LEU B 1693 16.79 -4.83 16.22
CA LEU B 1693 17.52 -3.88 15.37
C LEU B 1693 16.59 -2.79 14.86
N LEU B 1694 15.40 -3.18 14.43
CA LEU B 1694 14.45 -2.21 13.94
C LEU B 1694 14.05 -1.24 15.03
N PHE B 1695 13.90 -1.71 16.26
CA PHE B 1695 13.57 -0.80 17.35
C PHE B 1695 14.69 0.18 17.62
N LEU B 1696 15.93 -0.27 17.57
CA LEU B 1696 17.05 0.65 17.75
C LEU B 1696 17.05 1.72 16.68
N VAL B 1697 16.84 1.34 15.42
CA VAL B 1697 16.80 2.33 14.35
C VAL B 1697 15.62 3.29 14.52
N MET B 1698 14.45 2.75 14.84
CA MET B 1698 13.31 3.59 15.17
C MET B 1698 13.66 4.57 16.27
N PHE B 1699 14.37 4.11 17.28
CA PHE B 1699 14.66 4.94 18.43
C PHE B 1699 15.54 6.12 18.05
N ILE B 1700 16.62 5.83 17.34
CA ILE B 1700 17.51 6.90 16.90
C ILE B 1700 16.77 7.88 16.01
N TYR B 1701 16.02 7.37 15.05
CA TYR B 1701 15.37 8.24 14.09
C TYR B 1701 14.30 9.06 14.79
N ALA B 1702 13.75 8.54 15.88
CA ALA B 1702 12.77 9.28 16.66
C ALA B 1702 13.41 10.41 17.44
N ILE B 1703 14.60 10.17 18.01
CA ILE B 1703 15.27 11.26 18.71
C ILE B 1703 15.64 12.38 17.74
N PHE B 1704 16.09 12.02 16.55
CA PHE B 1704 16.33 13.03 15.53
C PHE B 1704 15.06 13.77 15.17
N GLY B 1705 13.94 13.06 15.06
CA GLY B 1705 12.69 13.75 14.82
C GLY B 1705 12.40 14.78 15.89
N MET B 1706 12.42 14.35 17.16
CA MET B 1706 12.07 15.27 18.24
C MET B 1706 12.98 16.49 18.23
N SER B 1707 14.27 16.30 17.92
CA SER B 1707 15.16 17.45 17.89
C SER B 1707 14.83 18.39 16.73
N ASN B 1708 14.68 17.84 15.52
CA ASN B 1708 14.65 18.69 14.35
C ASN B 1708 13.26 19.24 14.04
N PHE B 1709 12.26 18.37 13.89
CA PHE B 1709 10.96 18.77 13.39
C PHE B 1709 9.92 18.88 14.48
N ALA B 1710 10.29 19.36 15.65
CA ALA B 1710 9.30 19.57 16.68
C ALA B 1710 8.47 20.80 16.40
N TYR B 1711 8.89 21.66 15.49
CA TYR B 1711 8.16 22.92 15.34
C TYR B 1711 7.72 23.18 13.92
N VAL B 1712 7.72 22.19 13.04
CA VAL B 1712 7.22 22.40 11.69
C VAL B 1712 5.73 22.71 11.76
N LYS B 1713 5.25 23.42 10.76
CA LYS B 1713 3.86 23.87 10.77
C LYS B 1713 2.92 22.69 10.59
N LYS B 1714 1.77 22.74 11.22
CA LYS B 1714 0.83 21.64 11.17
C LYS B 1714 0.20 21.52 9.85
N GLU B 1715 0.70 20.63 9.01
CA GLU B 1715 0.19 20.59 7.65
C GLU B 1715 -0.52 19.37 7.14
N ASP B 1716 0.21 18.43 6.54
CA ASP B 1716 -0.45 17.27 5.93
C ASP B 1716 -0.53 15.96 6.69
N GLY B 1717 0.60 15.29 6.87
CA GLY B 1717 0.61 14.06 7.63
C GLY B 1717 0.77 14.56 9.04
N ILE B 1718 1.56 15.62 9.22
CA ILE B 1718 1.69 16.21 10.54
C ILE B 1718 0.38 16.85 10.94
N ASN B 1719 -0.09 16.58 12.15
CA ASN B 1719 -1.32 17.19 12.64
C ASN B 1719 -1.19 17.25 14.15
N ASP B 1720 -2.29 17.51 14.85
CA ASP B 1720 -2.18 17.66 16.30
C ASP B 1720 -1.73 16.48 17.07
N MET B 1721 -2.12 15.31 16.68
CA MET B 1721 -1.64 14.17 17.36
C MET B 1721 -0.75 13.21 16.66
N PHE B 1722 -0.38 13.47 15.44
CA PHE B 1722 0.56 12.62 14.78
C PHE B 1722 1.66 13.52 14.32
N ASN B 1723 2.62 13.83 15.17
CA ASN B 1723 3.66 14.82 14.90
C ASN B 1723 4.93 14.34 15.56
N PHE B 1724 5.92 15.23 15.64
CA PHE B 1724 7.21 14.90 16.23
C PHE B 1724 7.49 15.72 17.48
N GLU B 1725 6.46 16.14 18.18
CA GLU B 1725 6.63 16.99 19.34
C GLU B 1725 6.97 16.23 20.60
N THR B 1726 7.03 14.91 20.55
CA THR B 1726 7.19 14.11 21.76
C THR B 1726 7.61 12.71 21.35
N PHE B 1727 8.02 11.90 22.30
CA PHE B 1727 8.45 10.55 21.97
C PHE B 1727 7.26 9.69 21.57
N GLY B 1728 6.13 9.87 22.22
CA GLY B 1728 4.97 9.13 21.82
C GLY B 1728 4.63 9.38 20.37
N ASN B 1729 4.42 10.65 20.02
CA ASN B 1729 3.99 10.98 18.67
C ASN B 1729 5.05 10.66 17.64
N SER B 1730 6.32 10.93 17.94
CA SER B 1730 7.36 10.60 16.99
C SER B 1730 7.43 9.11 16.74
N MET B 1731 7.32 8.31 17.79
CA MET B 1731 7.41 6.87 17.60
C MET B 1731 6.20 6.34 16.86
N ILE B 1732 5.04 6.98 17.05
CA ILE B 1732 3.87 6.58 16.29
C ILE B 1732 4.07 6.85 14.80
N CYS B 1733 4.53 8.05 14.45
CA CYS B 1733 4.72 8.34 13.02
C CYS B 1733 5.79 7.44 12.43
N LEU B 1734 6.86 7.17 13.18
CA LEU B 1734 7.88 6.28 12.63
C LEU B 1734 7.37 4.87 12.45
N PHE B 1735 6.57 4.36 13.37
CA PHE B 1735 6.01 3.04 13.09
C PHE B 1735 5.12 3.07 11.88
N GLN B 1736 4.32 4.12 11.71
CA GLN B 1736 3.45 4.16 10.55
C GLN B 1736 4.26 4.10 9.27
N ILE B 1737 5.33 4.89 9.15
CA ILE B 1737 6.08 4.90 7.91
C ILE B 1737 7.14 3.83 7.85
N THR B 1738 7.23 2.96 8.84
CA THR B 1738 8.05 1.77 8.66
C THR B 1738 7.49 0.90 7.55
N THR B 1739 6.17 0.75 7.49
CA THR B 1739 5.49 0.08 6.40
C THR B 1739 5.34 1.01 5.20
N SER B 1740 6.13 2.08 5.19
CA SER B 1740 6.13 3.10 4.14
C SER B 1740 4.78 3.70 3.88
N ALA B 1741 3.88 3.65 4.85
CA ALA B 1741 2.53 4.16 4.68
C ALA B 1741 2.55 5.67 4.85
N GLY B 1742 2.38 6.36 3.74
CA GLY B 1742 2.14 7.78 3.77
C GLY B 1742 3.26 8.61 4.34
N TRP B 1743 4.50 8.32 3.94
CA TRP B 1743 5.63 9.15 4.29
C TRP B 1743 5.64 10.45 3.51
N ASP B 1744 4.92 10.51 2.40
CA ASP B 1744 4.85 11.75 1.64
C ASP B 1744 4.12 12.81 2.41
N GLY B 1745 3.13 12.40 3.19
CA GLY B 1745 2.37 13.30 4.02
C GLY B 1745 3.21 13.94 5.10
N LEU B 1746 4.13 13.18 5.69
CA LEU B 1746 5.02 13.77 6.67
C LEU B 1746 6.10 14.61 6.02
N LEU B 1747 6.60 14.22 4.85
CA LEU B 1747 7.59 15.01 4.17
C LEU B 1747 7.06 16.35 3.65
N ALA B 1748 5.79 16.44 3.34
CA ALA B 1748 5.27 17.66 2.75
C ALA B 1748 5.48 18.93 3.58
N PRO B 1749 5.29 18.90 4.93
CA PRO B 1749 5.55 20.19 5.62
C PRO B 1749 7.02 20.45 5.89
N ILE B 1750 7.82 19.39 5.97
CA ILE B 1750 9.25 19.56 6.20
C ILE B 1750 9.90 20.27 5.02
N LEU B 1751 9.44 19.99 3.82
CA LEU B 1751 10.05 20.58 2.63
C LEU B 1751 9.96 22.10 2.60
N ASN B 1752 8.85 22.67 3.02
CA ASN B 1752 8.72 24.12 2.92
C ASN B 1752 9.72 24.89 3.78
N SER B 1753 10.56 25.70 3.14
CA SER B 1753 11.51 26.49 3.84
C SER B 1753 11.46 27.99 3.79
N LYS B 1754 10.70 28.56 2.87
CA LYS B 1754 10.75 30.00 2.72
C LYS B 1754 9.38 30.64 2.78
N PRO B 1755 9.29 31.94 3.19
CA PRO B 1755 7.95 32.48 3.13
C PRO B 1755 7.47 32.53 1.71
N PRO B 1756 6.17 32.38 1.45
CA PRO B 1756 4.98 32.29 2.29
C PRO B 1756 4.64 30.86 2.59
N ASP B 1757 5.50 29.97 2.18
CA ASP B 1757 5.28 28.60 2.48
C ASP B 1757 5.52 28.39 3.94
N CYS B 1758 5.99 29.40 4.68
CA CYS B 1758 6.27 29.10 6.07
C CYS B 1758 6.42 30.42 6.81
N ASP B 1759 7.02 30.36 8.00
CA ASP B 1759 7.38 31.61 8.68
C ASP B 1759 8.57 31.32 9.59
N PRO B 1760 9.73 31.93 9.33
CA PRO B 1760 10.91 31.66 10.15
C PRO B 1760 11.11 32.58 11.34
N LYS B 1761 10.12 33.31 11.80
CA LYS B 1761 10.33 34.12 13.00
C LYS B 1761 9.09 34.02 13.79
N LYS B 1762 8.64 32.82 14.09
CA LYS B 1762 7.39 32.67 14.77
C LYS B 1762 7.73 32.22 16.12
N VAL B 1763 7.22 32.92 17.13
CA VAL B 1763 7.56 32.59 18.50
C VAL B 1763 6.58 31.58 19.06
N HIS B 1764 7.07 30.38 19.35
CA HIS B 1764 6.22 29.38 19.89
C HIS B 1764 6.05 29.69 21.35
N PRO B 1765 4.80 29.87 21.86
CA PRO B 1765 4.56 30.36 23.21
C PRO B 1765 5.13 29.52 24.26
N GLY B 1766 5.80 30.14 25.20
CA GLY B 1766 6.39 29.41 26.29
C GLY B 1766 7.64 28.63 25.98
N SER B 1767 8.28 28.86 24.84
CA SER B 1767 9.55 28.18 24.49
C SER B 1767 10.32 29.06 23.59
N SER B 1768 11.62 28.83 23.48
CA SER B 1768 12.44 29.75 22.71
C SER B 1768 12.76 29.49 21.27
N VAL B 1769 12.50 28.28 20.78
CA VAL B 1769 12.69 27.99 19.35
C VAL B 1769 11.79 28.88 18.49
N GLU B 1770 12.36 29.60 17.53
CA GLU B 1770 11.57 30.54 16.72
C GLU B 1770 11.22 30.21 15.26
N GLY B 1771 11.37 28.97 14.81
CA GLY B 1771 11.11 28.67 13.42
C GLY B 1771 9.95 27.73 13.16
N ASP B 1772 8.97 28.13 12.35
CA ASP B 1772 7.90 27.24 12.02
C ASP B 1772 8.18 26.34 10.90
N CYS B 1773 9.12 26.66 10.04
CA CYS B 1773 9.30 25.82 8.87
C CYS B 1773 10.66 25.17 8.87
N GLY B 1774 10.73 24.02 8.20
CA GLY B 1774 11.83 23.12 8.30
C GLY B 1774 12.87 23.26 7.20
N ASN B 1775 13.86 22.37 7.29
CA ASN B 1775 14.99 22.31 6.40
C ASN B 1775 14.73 21.26 5.33
N PRO B 1776 14.63 21.65 4.07
CA PRO B 1776 14.34 20.65 3.06
C PRO B 1776 15.39 19.58 2.98
N SER B 1777 16.66 19.98 2.99
CA SER B 1777 17.74 19.04 2.73
C SER B 1777 17.80 17.93 3.78
N VAL B 1778 17.78 18.30 5.05
CA VAL B 1778 17.80 17.28 6.10
C VAL B 1778 16.48 16.53 6.14
N GLY B 1779 15.38 17.18 5.77
CA GLY B 1779 14.11 16.47 5.72
C GLY B 1779 14.13 15.34 4.71
N ILE B 1780 14.60 15.63 3.49
CA ILE B 1780 14.70 14.60 2.46
C ILE B 1780 15.68 13.52 2.88
N PHE B 1781 16.84 13.90 3.41
CA PHE B 1781 17.78 12.85 3.79
C PHE B 1781 17.16 11.93 4.83
N TYR B 1782 16.52 12.51 5.84
CA TYR B 1782 15.90 11.74 6.91
C TYR B 1782 14.89 10.75 6.37
N PHE B 1783 13.94 11.22 5.57
CA PHE B 1783 12.83 10.35 5.20
C PHE B 1783 13.23 9.34 4.14
N VAL B 1784 14.01 9.75 3.14
CA VAL B 1784 14.50 8.78 2.18
C VAL B 1784 15.36 7.73 2.85
N SER B 1785 16.23 8.13 3.75
CA SER B 1785 17.04 7.16 4.39
C SER B 1785 16.18 6.18 5.11
N TYR B 1786 15.23 6.68 5.90
CA TYR B 1786 14.43 5.75 6.69
C TYR B 1786 13.73 4.75 5.80
N ILE B 1787 13.12 5.22 4.71
CA ILE B 1787 12.36 4.25 3.92
C ILE B 1787 13.29 3.20 3.34
N ILE B 1788 14.51 3.58 2.96
CA ILE B 1788 15.43 2.55 2.44
C ILE B 1788 15.85 1.57 3.54
N ILE B 1789 16.26 2.07 4.72
CA ILE B 1789 16.71 1.13 5.75
C ILE B 1789 15.58 0.21 6.18
N SER B 1790 14.37 0.75 6.33
CA SER B 1790 13.23 -0.08 6.66
C SER B 1790 12.97 -1.12 5.57
N PHE B 1791 13.16 -0.74 4.31
CA PHE B 1791 12.98 -1.72 3.25
C PHE B 1791 13.96 -2.88 3.41
N LEU B 1792 15.24 -2.58 3.67
CA LEU B 1792 16.20 -3.68 3.80
C LEU B 1792 15.93 -4.56 5.01
N VAL B 1793 15.63 -3.95 6.17
CA VAL B 1793 15.41 -4.80 7.34
C VAL B 1793 14.15 -5.64 7.17
N VAL B 1794 13.13 -5.08 6.52
CA VAL B 1794 11.92 -5.84 6.27
C VAL B 1794 12.17 -6.94 5.26
N VAL B 1795 13.03 -6.70 4.27
CA VAL B 1795 13.39 -7.78 3.35
C VAL B 1795 14.09 -8.89 4.10
N ASN B 1796 14.90 -8.54 5.09
CA ASN B 1796 15.51 -9.58 5.93
C ASN B 1796 14.45 -10.37 6.68
N MET B 1797 13.46 -9.67 7.22
CA MET B 1797 12.32 -10.34 7.86
C MET B 1797 11.69 -11.34 6.90
N TYR B 1798 11.48 -10.89 5.67
CA TYR B 1798 10.81 -11.66 4.63
C TYR B 1798 11.59 -12.92 4.33
N ILE B 1799 12.91 -12.77 4.18
CA ILE B 1799 13.78 -13.90 3.91
C ILE B 1799 13.72 -14.89 5.06
N ALA B 1800 13.76 -14.40 6.29
CA ALA B 1800 13.71 -15.30 7.44
C ALA B 1800 12.44 -16.15 7.39
N VAL B 1801 11.29 -15.50 7.27
CA VAL B 1801 10.03 -16.24 7.29
C VAL B 1801 9.97 -17.23 6.14
N ILE B 1802 10.29 -16.77 4.94
CA ILE B 1802 10.12 -17.61 3.76
C ILE B 1802 11.06 -18.80 3.81
N LEU B 1803 12.31 -18.58 4.24
CA LEU B 1803 13.26 -19.67 4.33
C LEU B 1803 12.80 -20.70 5.35
N GLU B 1804 12.24 -20.29 6.47
CA GLU B 1804 11.74 -21.30 7.39
C GLU B 1804 10.61 -22.04 6.76
N ASN B 1805 9.67 -21.35 6.11
CA ASN B 1805 8.54 -22.07 5.55
C ASN B 1805 9.00 -23.16 4.60
N PHE B 1806 9.90 -22.81 3.67
CA PHE B 1806 10.47 -23.84 2.79
C PHE B 1806 11.06 -24.97 3.60
N SER B 1807 11.92 -24.65 4.59
CA SER B 1807 12.64 -25.67 5.31
C SER B 1807 11.71 -26.60 6.08
N VAL B 1808 10.71 -26.04 6.76
CA VAL B 1808 9.83 -26.88 7.57
C VAL B 1808 8.85 -27.65 6.70
N ALA B 1809 8.53 -27.15 5.51
CA ALA B 1809 7.70 -27.94 4.61
C ALA B 1809 8.49 -29.05 3.93
N THR B 1810 9.83 -28.95 3.92
CA THR B 1810 10.65 -30.03 3.33
C THR B 1810 10.77 -31.23 4.24
N GLU B 1811 9.64 -31.74 4.69
CA GLU B 1811 9.63 -32.94 5.54
C GLU B 1811 8.52 -33.89 5.12
N GLY C 20 2.56 26.70 18.96
CA GLY C 20 3.06 25.39 19.36
C GLY C 20 3.19 25.42 20.83
N CYS C 21 2.19 25.95 21.47
CA CYS C 21 2.29 26.20 22.88
C CYS C 21 2.47 25.13 23.90
N VAL C 22 3.32 25.40 24.88
CA VAL C 22 3.47 24.51 25.97
C VAL C 22 3.07 25.43 27.10
N GLU C 23 2.35 24.96 28.10
CA GLU C 23 2.00 25.74 29.27
C GLU C 23 3.05 25.51 30.35
N VAL C 24 3.79 26.55 30.71
CA VAL C 24 4.84 26.42 31.71
C VAL C 24 4.62 27.43 32.82
N ASP C 25 4.69 26.94 34.04
CA ASP C 25 4.42 27.74 35.23
C ASP C 25 5.47 28.83 35.38
N SER C 26 5.09 29.89 36.07
CA SER C 26 5.98 31.02 36.27
C SER C 26 6.93 30.76 37.42
N GLU C 27 8.05 31.46 37.39
CA GLU C 27 8.90 31.50 38.56
C GLU C 27 8.30 32.42 39.61
N THR C 28 8.58 32.14 40.88
CA THR C 28 7.94 32.85 41.97
C THR C 28 8.89 33.69 42.80
N GLU C 29 10.20 33.59 42.57
CA GLU C 29 11.19 34.25 43.42
C GLU C 29 11.84 35.38 42.62
N ALA C 30 11.36 36.58 42.82
CA ALA C 30 11.85 37.76 42.13
C ALA C 30 12.91 38.41 42.99
N VAL C 31 14.17 38.31 42.58
CA VAL C 31 15.23 38.97 43.31
C VAL C 31 14.98 40.47 43.28
N TYR C 32 15.35 41.17 44.33
CA TYR C 32 15.09 42.60 44.44
C TYR C 32 15.94 43.39 43.56
N GLY C 33 15.37 44.39 42.93
CA GLY C 33 16.17 45.29 42.16
C GLY C 33 16.60 44.86 40.80
N MET C 34 16.14 43.73 40.35
CA MET C 34 16.45 43.37 38.99
C MET C 34 15.16 42.91 38.34
N THR C 35 14.99 42.96 37.03
CA THR C 35 13.73 42.67 36.37
C THR C 35 13.10 41.28 36.49
N PHE C 36 11.76 41.16 36.54
CA PHE C 36 11.08 39.85 36.59
C PHE C 36 10.04 39.63 35.55
N LYS C 37 9.94 38.41 35.02
CA LYS C 37 8.98 38.10 33.97
C LYS C 37 7.98 37.07 34.47
N ILE C 38 6.73 37.51 34.62
CA ILE C 38 5.66 36.69 35.15
C ILE C 38 5.05 35.93 33.98
N LEU C 39 4.95 34.61 34.12
CA LEU C 39 4.47 33.80 33.01
C LEU C 39 2.97 33.60 33.14
N CYS C 40 2.26 33.49 32.02
CA CYS C 40 0.82 33.18 32.03
C CYS C 40 0.50 32.63 30.66
N ILE C 41 0.71 31.33 30.45
CA ILE C 41 0.48 30.72 29.14
C ILE C 41 -0.88 30.04 29.03
N SER C 42 -1.63 30.30 27.97
CA SER C 42 -2.95 29.67 27.77
C SER C 42 -3.23 29.19 26.33
N CYS C 43 -2.76 28.01 25.95
CA CYS C 43 -3.04 27.48 24.61
C CYS C 43 -4.48 27.04 24.40
N LYS C 44 -4.94 27.06 23.14
CA LYS C 44 -6.28 26.57 22.85
C LYS C 44 -6.26 25.05 22.75
N ARG C 45 -7.39 24.42 23.06
CA ARG C 45 -7.49 22.95 23.01
C ARG C 45 -7.22 22.36 21.70
N ARG C 46 -7.75 22.95 20.68
CA ARG C 46 -7.42 22.48 19.39
C ARG C 46 -6.80 23.68 18.84
N SER C 47 -5.60 23.55 18.28
CA SER C 47 -4.84 24.71 17.83
C SER C 47 -5.34 25.59 16.74
N GLU C 48 -5.96 25.05 15.71
CA GLU C 48 -6.44 25.82 14.57
C GLU C 48 -7.50 26.84 14.83
N THR C 49 -8.42 26.56 15.73
CA THR C 49 -9.54 27.42 15.91
C THR C 49 -9.15 28.81 16.12
N ASN C 50 -9.82 29.73 15.47
CA ASN C 50 -9.49 31.13 15.58
C ASN C 50 -9.94 31.59 16.90
N ALA C 51 -9.52 32.72 17.40
CA ALA C 51 -10.06 33.20 18.63
C ALA C 51 -9.74 34.62 18.77
N GLU C 52 -10.32 35.31 19.71
CA GLU C 52 -9.91 36.67 19.92
C GLU C 52 -9.74 37.04 21.38
N THR C 53 -8.68 36.61 22.05
CA THR C 53 -8.48 36.82 23.46
C THR C 53 -8.09 38.15 24.03
N PHE C 54 -8.47 38.44 25.26
CA PHE C 54 -8.04 39.63 25.93
C PHE C 54 -7.81 39.25 27.35
N THR C 55 -6.87 39.83 28.06
CA THR C 55 -6.56 39.38 29.43
C THR C 55 -6.53 40.44 30.44
N GLU C 56 -6.76 40.12 31.68
CA GLU C 56 -6.63 41.13 32.67
C GLU C 56 -5.94 40.53 33.81
N TRP C 57 -5.25 41.29 34.64
CA TRP C 57 -4.45 40.68 35.67
C TRP C 57 -4.81 41.20 37.04
N THR C 58 -4.73 40.37 38.07
CA THR C 58 -5.15 40.85 39.36
C THR C 58 -4.13 40.53 40.39
N PHE C 59 -4.10 41.27 41.50
CA PHE C 59 -3.06 41.12 42.51
C PHE C 59 -3.55 41.41 43.92
N ARG C 60 -3.07 40.68 44.92
CA ARG C 60 -3.43 40.93 46.31
C ARG C 60 -2.15 41.10 46.98
N GLN C 61 -1.92 42.22 47.65
CA GLN C 61 -0.59 42.40 48.22
C GLN C 61 -0.37 41.50 49.37
N LYS C 62 0.87 41.11 49.63
CA LYS C 62 1.04 40.16 50.69
C LYS C 62 0.55 40.81 51.93
N GLY C 63 -0.20 40.07 52.70
CA GLY C 63 -0.75 40.60 53.92
C GLY C 63 -2.06 41.32 53.80
N THR C 64 -2.69 41.22 52.66
CA THR C 64 -3.91 41.97 52.47
C THR C 64 -4.92 41.00 51.93
N GLU C 65 -6.21 41.34 51.97
CA GLU C 65 -7.24 40.39 51.55
C GLU C 65 -7.89 40.43 50.17
N GLU C 66 -7.60 41.41 49.33
CA GLU C 66 -8.33 41.50 48.06
C GLU C 66 -7.50 41.64 46.81
N PHE C 67 -8.02 41.18 45.69
CA PHE C 67 -7.30 41.25 44.44
C PHE C 67 -7.77 42.49 43.71
N VAL C 68 -6.87 43.40 43.37
CA VAL C 68 -7.24 44.64 42.68
C VAL C 68 -6.62 44.61 41.30
N LYS C 69 -7.34 45.03 40.27
CA LYS C 69 -6.83 44.89 38.92
C LYS C 69 -5.58 45.68 38.62
N ILE C 70 -4.63 45.12 37.88
CA ILE C 70 -3.47 45.89 37.50
C ILE C 70 -3.35 46.33 36.03
N LEU C 71 -3.47 45.42 35.06
CA LEU C 71 -3.32 45.74 33.64
C LEU C 71 -4.36 45.06 32.82
N ARG C 72 -4.70 45.57 31.65
CA ARG C 72 -5.63 44.88 30.78
C ARG C 72 -5.21 44.92 29.37
N TYR C 73 -4.79 43.81 28.80
CA TYR C 73 -4.27 43.82 27.45
C TYR C 73 -5.27 43.35 26.47
N GLU C 74 -5.66 44.18 25.53
CA GLU C 74 -6.68 43.83 24.58
C GLU C 74 -6.29 44.55 23.36
N ASN C 75 -6.63 44.05 22.17
CA ASN C 75 -6.19 44.67 20.93
C ASN C 75 -4.71 44.58 20.99
N GLU C 76 -4.02 45.68 20.84
CA GLU C 76 -2.59 45.61 21.08
C GLU C 76 -2.15 46.53 22.19
N VAL C 77 -3.08 47.21 22.83
CA VAL C 77 -2.77 48.08 23.97
C VAL C 77 -2.54 47.40 25.33
N LEU C 78 -1.91 48.08 26.30
CA LEU C 78 -1.77 47.54 27.64
C LEU C 78 -2.26 48.64 28.52
N GLN C 79 -3.55 48.86 28.51
CA GLN C 79 -4.15 49.90 29.33
C GLN C 79 -3.96 49.56 30.77
N LEU C 80 -3.46 50.48 31.58
CA LEU C 80 -3.13 50.17 32.95
C LEU C 80 -3.91 50.91 33.96
N GLU C 81 -4.47 50.20 34.92
CA GLU C 81 -5.14 50.89 36.00
C GLU C 81 -4.08 51.52 36.83
N GLU C 82 -4.32 52.74 37.27
CA GLU C 82 -3.32 53.47 38.02
C GLU C 82 -3.12 52.92 39.39
N ASP C 83 -1.90 52.54 39.70
CA ASP C 83 -1.58 52.07 41.02
C ASP C 83 -0.17 52.49 41.15
N GLU C 84 0.19 53.07 42.28
CA GLU C 84 1.53 53.57 42.42
C GLU C 84 2.52 52.45 42.33
N ARG C 85 2.18 51.32 42.90
CA ARG C 85 3.14 50.28 42.93
C ARG C 85 3.54 49.84 41.55
N PHE C 86 2.60 49.67 40.66
CA PHE C 86 2.95 49.13 39.36
C PHE C 86 2.89 50.15 38.26
N GLU C 87 2.91 51.43 38.58
CA GLU C 87 2.70 52.42 37.54
C GLU C 87 3.68 52.43 36.44
N GLY C 88 4.95 52.39 36.74
CA GLY C 88 5.87 52.52 35.64
C GLY C 88 6.66 51.32 35.34
N ARG C 89 6.51 50.30 36.12
CA ARG C 89 7.36 49.15 35.95
C ARG C 89 6.81 47.93 35.27
N VAL C 90 5.67 48.01 34.64
CA VAL C 90 5.19 46.85 33.92
C VAL C 90 5.13 47.08 32.43
N VAL C 91 5.66 46.14 31.65
CA VAL C 91 5.57 46.26 30.21
C VAL C 91 5.14 44.95 29.60
N TRP C 92 4.41 45.00 28.50
CA TRP C 92 3.90 43.77 27.96
C TRP C 92 4.95 42.92 27.43
N ASN C 93 4.93 41.66 27.77
CA ASN C 93 5.83 40.77 27.12
C ASN C 93 5.03 39.56 26.86
N GLY C 94 3.92 39.73 26.16
CA GLY C 94 3.04 38.64 25.84
C GLY C 94 3.18 38.12 24.47
N SER C 95 2.08 37.91 23.77
CA SER C 95 2.17 37.49 22.40
C SER C 95 1.90 38.80 21.79
N ARG C 96 2.60 39.14 20.72
CA ARG C 96 2.51 40.48 20.18
C ARG C 96 1.83 40.65 18.88
N GLY C 97 1.01 41.66 18.79
CA GLY C 97 0.32 41.97 17.55
C GLY C 97 -0.58 40.97 16.87
N THR C 98 -1.33 40.18 17.64
CA THR C 98 -2.22 39.20 17.07
C THR C 98 -3.37 39.35 17.97
N LYS C 99 -4.50 38.81 17.60
CA LYS C 99 -5.63 38.83 18.46
C LYS C 99 -5.92 37.47 18.98
N ASP C 100 -5.03 36.52 18.82
CA ASP C 100 -5.29 35.14 19.22
C ASP C 100 -4.36 34.89 20.30
N LEU C 101 -4.17 35.83 21.20
CA LEU C 101 -3.12 35.68 22.17
C LEU C 101 -3.22 34.39 22.92
N GLN C 102 -2.16 33.62 22.94
CA GLN C 102 -2.15 32.44 23.69
C GLN C 102 -1.11 32.54 24.79
N ASP C 103 -0.28 33.57 24.84
CA ASP C 103 0.68 33.78 25.93
C ASP C 103 0.46 35.14 26.44
N LEU C 104 0.01 35.29 27.65
CA LEU C 104 -0.33 36.58 28.16
C LEU C 104 0.55 37.09 29.29
N SER C 105 1.84 36.80 29.33
CA SER C 105 2.76 37.19 30.39
C SER C 105 3.11 38.64 30.52
N ILE C 106 3.62 39.06 31.66
CA ILE C 106 3.90 40.45 31.90
C ILE C 106 5.28 40.56 32.46
N PHE C 107 5.91 41.73 32.37
CA PHE C 107 7.27 41.92 32.80
C PHE C 107 7.31 43.06 33.75
N ILE C 108 7.99 42.90 34.88
CA ILE C 108 8.11 43.95 35.87
C ILE C 108 9.54 44.41 35.77
N THR C 109 9.79 45.65 35.40
CA THR C 109 11.14 46.13 35.21
C THR C 109 12.09 46.30 36.42
N ASN C 110 11.65 46.84 37.55
CA ASN C 110 12.51 46.99 38.72
C ASN C 110 11.76 46.44 39.90
N VAL C 111 11.93 45.16 40.21
CA VAL C 111 11.15 44.54 41.25
C VAL C 111 11.35 45.21 42.56
N THR C 112 10.30 45.35 43.33
CA THR C 112 10.35 46.04 44.60
C THR C 112 9.82 45.10 45.63
N TYR C 113 9.89 45.44 46.89
CA TYR C 113 9.28 44.61 47.92
C TYR C 113 7.77 44.75 47.89
N ASN C 114 7.29 45.85 47.32
CA ASN C 114 5.85 46.08 47.21
C ASN C 114 5.16 45.15 46.24
N HIS C 115 5.92 44.57 45.35
CA HIS C 115 5.35 43.72 44.36
C HIS C 115 5.25 42.28 44.80
N SER C 116 5.54 41.96 46.03
CA SER C 116 5.31 40.59 46.44
C SER C 116 3.86 40.43 46.66
N GLY C 117 3.30 39.28 46.37
CA GLY C 117 1.86 39.13 46.48
C GLY C 117 1.39 37.91 45.75
N ASP C 118 0.10 37.82 45.47
CA ASP C 118 -0.38 36.73 44.64
C ASP C 118 -1.03 37.35 43.45
N TYR C 119 -0.56 37.01 42.26
CA TYR C 119 -1.06 37.64 41.06
C TYR C 119 -1.70 36.55 40.26
N GLU C 120 -2.92 36.73 39.78
CA GLU C 120 -3.51 35.75 38.88
C GLU C 120 -4.16 36.41 37.66
N CYS C 121 -4.27 35.70 36.54
CA CYS C 121 -4.78 36.27 35.31
C CYS C 121 -5.94 35.61 34.77
N HIS C 122 -6.72 36.35 34.08
CA HIS C 122 -7.83 35.77 33.50
C HIS C 122 -7.77 35.91 31.97
N VAL C 123 -7.98 34.87 31.17
CA VAL C 123 -8.03 35.03 29.74
C VAL C 123 -9.44 34.85 29.26
N TYR C 124 -10.07 35.86 28.69
CA TYR C 124 -11.42 35.76 28.15
C TYR C 124 -11.61 35.46 26.67
N ARG C 125 -11.32 34.27 26.18
CA ARG C 125 -11.35 33.92 24.74
C ARG C 125 -12.70 33.89 24.15
N LEU C 126 -12.85 34.10 22.85
CA LEU C 126 -14.14 33.98 22.19
C LEU C 126 -13.97 33.18 20.99
N LEU C 127 -13.82 31.89 21.10
CA LEU C 127 -13.50 31.13 19.94
C LEU C 127 -14.58 31.36 18.95
N PHE C 128 -14.24 31.53 17.70
CA PHE C 128 -15.18 31.74 16.67
C PHE C 128 -15.18 30.42 15.93
N PHE C 129 -16.32 29.77 15.83
CA PHE C 129 -16.39 28.45 15.24
C PHE C 129 -17.28 28.50 14.05
N GLU C 130 -17.76 27.36 13.56
CA GLU C 130 -18.51 27.33 12.29
C GLU C 130 -19.78 28.13 12.13
N ASN C 131 -20.70 28.05 13.07
CA ASN C 131 -21.83 28.95 13.01
C ASN C 131 -21.97 29.60 14.37
N TYR C 132 -21.06 29.31 15.31
CA TYR C 132 -21.22 29.80 16.67
C TYR C 132 -19.98 30.30 17.39
N GLU C 133 -20.14 31.20 18.37
CA GLU C 133 -19.04 31.73 19.10
C GLU C 133 -19.21 31.42 20.56
N HIS C 134 -18.18 30.89 21.25
CA HIS C 134 -18.27 30.45 22.63
C HIS C 134 -17.36 31.15 23.61
N ASN C 135 -17.75 32.27 24.20
CA ASN C 135 -16.94 33.02 25.14
C ASN C 135 -16.60 32.13 26.31
N THR C 136 -15.36 32.05 26.75
CA THR C 136 -14.93 31.13 27.80
C THR C 136 -13.93 31.82 28.68
N SER C 137 -13.64 31.29 29.85
CA SER C 137 -12.62 31.89 30.70
C SER C 137 -11.72 30.94 31.43
N VAL C 138 -10.46 31.28 31.57
CA VAL C 138 -9.55 30.46 32.32
C VAL C 138 -8.84 31.36 33.29
N VAL C 139 -8.71 31.00 34.54
CA VAL C 139 -7.99 31.83 35.45
C VAL C 139 -6.79 31.09 35.95
N LYS C 140 -5.61 31.69 35.90
CA LYS C 140 -4.40 31.06 36.37
C LYS C 140 -3.78 31.86 37.51
N LYS C 141 -3.39 31.19 38.60
CA LYS C 141 -2.88 31.87 39.81
C LYS C 141 -1.39 31.72 40.10
N ILE C 142 -0.69 32.78 40.52
CA ILE C 142 0.77 32.77 40.74
C ILE C 142 1.09 33.41 42.07
N HIS C 143 2.21 33.09 42.69
CA HIS C 143 2.63 33.75 43.92
C HIS C 143 4.01 34.32 43.75
N ILE C 144 4.23 35.57 44.13
CA ILE C 144 5.53 36.21 43.91
C ILE C 144 6.16 36.62 45.23
N GLU C 145 7.40 36.21 45.48
CA GLU C 145 8.08 36.53 46.71
C GLU C 145 9.36 37.22 46.38
N VAL C 146 9.60 38.38 46.95
CA VAL C 146 10.78 39.16 46.62
C VAL C 146 11.86 38.95 47.63
N VAL C 147 13.10 38.87 47.18
CA VAL C 147 14.17 38.56 48.07
C VAL C 147 15.32 39.47 47.81
N ASP C 148 16.20 39.63 48.76
CA ASP C 148 17.39 40.40 48.55
C ASP C 148 18.30 39.77 47.53
N LYS C 149 18.41 38.46 47.55
CA LYS C 149 19.31 37.77 46.64
C LYS C 149 18.85 36.39 46.24
N ALA C 150 19.27 35.91 45.08
CA ALA C 150 18.86 34.60 44.59
C ALA C 150 19.33 33.46 45.40
N ASN C 151 18.48 32.46 45.53
CA ASN C 151 18.89 31.28 46.21
C ASN C 151 18.74 30.27 45.13
N ARG C 152 19.78 29.49 44.89
CA ARG C 152 19.74 28.54 43.81
C ARG C 152 18.70 27.53 44.16
N ASP C 153 18.09 26.96 43.14
CA ASP C 153 17.03 26.02 43.40
C ASP C 153 17.52 24.78 44.12
N MET C 154 16.68 24.18 44.94
CA MET C 154 17.12 23.08 45.75
C MET C 154 17.66 21.97 44.92
N ALA C 155 17.04 21.69 43.79
CA ALA C 155 17.45 20.58 42.97
C ALA C 155 18.85 20.74 42.53
N SER C 156 19.21 21.95 42.20
CA SER C 156 20.53 22.11 41.68
C SER C 156 21.45 21.71 42.76
N ILE C 157 21.20 22.20 43.96
CA ILE C 157 22.14 21.94 45.01
C ILE C 157 22.25 20.48 45.29
N VAL C 158 21.12 19.80 45.39
CA VAL C 158 21.16 18.41 45.76
C VAL C 158 21.88 17.62 44.71
N SER C 159 21.68 17.96 43.43
CA SER C 159 22.39 17.28 42.35
C SER C 159 23.88 17.59 42.22
N GLU C 160 24.27 18.82 42.48
CA GLU C 160 25.65 19.18 42.28
C GLU C 160 26.35 18.31 43.18
N ILE C 161 25.87 18.26 44.41
CA ILE C 161 26.49 17.42 45.41
C ILE C 161 26.38 16.00 44.94
N MET C 162 25.26 15.65 44.34
CA MET C 162 25.12 14.32 43.81
C MET C 162 26.04 13.86 42.63
N MET C 163 26.27 14.69 41.61
CA MET C 163 27.12 14.29 40.52
C MET C 163 28.42 14.15 41.13
N TYR C 164 28.78 15.11 41.95
CA TYR C 164 30.10 15.06 42.46
C TYR C 164 30.23 13.82 43.26
N VAL C 165 29.26 13.51 44.09
CA VAL C 165 29.48 12.37 44.95
C VAL C 165 29.61 11.08 44.19
N LEU C 166 28.76 10.86 43.22
CA LEU C 166 28.83 9.63 42.51
C LEU C 166 30.10 9.52 41.73
N ILE C 167 30.52 10.61 41.11
CA ILE C 167 31.66 10.51 40.26
C ILE C 167 32.80 10.10 41.12
N VAL C 168 32.96 10.74 42.25
CA VAL C 168 34.12 10.44 43.05
C VAL C 168 34.11 9.01 43.58
N VAL C 169 32.98 8.55 44.05
CA VAL C 169 32.91 7.21 44.59
C VAL C 169 33.11 6.18 43.52
N LEU C 170 32.59 6.44 42.35
CA LEU C 170 32.71 5.48 41.28
C LEU C 170 34.14 5.28 40.96
N THR C 171 34.88 6.37 41.00
CA THR C 171 36.25 6.25 40.62
C THR C 171 36.81 5.27 41.59
N ILE C 172 36.39 5.36 42.84
CA ILE C 172 36.98 4.50 43.83
C ILE C 172 36.73 3.04 43.58
N TRP C 173 35.53 2.70 43.15
CA TRP C 173 35.23 1.30 42.98
C TRP C 173 36.19 0.84 41.93
N LEU C 174 36.36 1.64 40.91
CA LEU C 174 37.33 1.30 39.88
C LEU C 174 38.75 1.29 40.39
N VAL C 175 39.14 2.31 41.12
CA VAL C 175 40.51 2.40 41.54
C VAL C 175 40.87 1.30 42.50
N ALA C 176 39.98 1.06 43.43
CA ALA C 176 40.25 0.06 44.40
C ALA C 176 40.25 -1.30 43.77
N GLU C 177 39.30 -1.53 42.89
CA GLU C 177 39.19 -2.85 42.35
C GLU C 177 40.45 -3.14 41.66
N MET C 178 40.98 -2.15 40.97
CA MET C 178 42.16 -2.42 40.18
C MET C 178 43.29 -2.84 41.09
N ILE C 179 43.39 -2.23 42.25
CA ILE C 179 44.44 -2.64 43.16
C ILE C 179 44.21 -4.07 43.58
N TYR C 180 42.97 -4.45 43.82
CA TYR C 180 42.73 -5.79 44.31
C TYR C 180 43.19 -6.76 43.28
N CYS C 181 42.81 -6.48 42.05
CA CYS C 181 43.20 -7.36 40.96
C CYS C 181 44.67 -7.30 40.79
N TYR C 182 45.26 -6.13 40.99
CA TYR C 182 46.68 -5.97 40.76
C TYR C 182 47.34 -6.89 41.71
N LYS C 183 46.80 -6.96 42.90
CA LYS C 183 47.35 -7.84 43.89
C LYS C 183 47.24 -9.27 43.45
N LYS C 184 46.10 -9.63 42.86
CA LYS C 184 45.90 -10.99 42.44
C LYS C 184 46.87 -11.26 41.36
N ILE C 185 47.05 -10.28 40.51
CA ILE C 185 47.99 -10.41 39.43
C ILE C 185 49.34 -10.53 40.06
N ALA C 186 49.55 -9.82 41.14
CA ALA C 186 50.80 -9.89 41.84
C ALA C 186 50.95 -11.30 42.32
N ALA C 187 49.86 -11.90 42.76
CA ALA C 187 49.89 -13.29 43.17
C ALA C 187 50.22 -14.11 41.95
N ALA C 188 49.70 -13.68 40.81
CA ALA C 188 49.99 -14.37 39.57
C ALA C 188 51.47 -14.29 39.26
N THR C 189 52.07 -13.13 39.47
CA THR C 189 53.50 -13.02 39.28
C THR C 189 54.14 -13.90 40.29
N GLU C 190 53.55 -13.97 41.48
CA GLU C 190 54.17 -14.73 42.55
C GLU C 190 54.30 -16.19 42.19
N THR C 191 53.25 -16.77 41.64
CA THR C 191 53.37 -18.15 41.18
C THR C 191 54.37 -18.18 40.03
N ALA C 192 54.35 -17.14 39.19
CA ALA C 192 55.27 -17.07 38.07
C ALA C 192 56.68 -16.70 38.50
C1 NAG D . -11.13 33.05 -3.41
C2 NAG D . -11.87 34.06 -4.24
C3 NAG D . -12.78 34.90 -3.37
C4 NAG D . -13.70 34.01 -2.53
C5 NAG D . -12.89 32.95 -1.81
C6 NAG D . -13.75 31.92 -1.12
C7 NAG D . -11.05 35.13 -6.28
C8 NAG D . -10.03 36.03 -6.87
N2 NAG D . -10.94 34.91 -4.97
O3 NAG D . -13.56 35.75 -4.20
O4 NAG D . -14.38 34.82 -1.58
O5 NAG D . -12.06 32.22 -2.73
O6 NAG D . -14.96 31.71 -1.84
O7 NAG D . -11.94 34.61 -6.95
C1 NAG D . -15.80 34.71 -1.80
C2 NAG D . -16.50 34.98 -0.47
C3 NAG D . -18.00 34.86 -0.65
C4 NAG D . -18.47 35.76 -1.78
C5 NAG D . -17.67 35.50 -3.05
C6 NAG D . -17.97 36.49 -4.15
C7 NAG D . -15.13 34.48 1.50
C8 NAG D . -14.76 33.46 2.52
N2 NAG D . -16.03 34.11 0.58
O3 NAG D . -18.65 35.20 0.57
O4 NAG D . -19.85 35.51 -2.04
O5 NAG D . -16.26 35.63 -2.78
O6 NAG D . -18.70 35.88 -5.20
O7 NAG D . -14.65 35.61 1.50
C1 NAG E . -1.98 35.38 -21.77
C2 NAG E . -1.46 35.59 -23.18
C3 NAG E . -1.86 37.01 -23.49
C4 NAG E . -3.37 37.03 -23.59
C5 NAG E . -4.08 36.24 -22.50
C6 NAG E . -5.42 35.70 -22.96
C7 NAG E . 0.97 35.43 -22.59
C8 NAG E . 1.75 36.70 -22.63
N2 NAG E . -0.05 35.35 -23.44
O3 NAG E . -1.26 37.40 -24.71
O4 NAG E . -3.72 38.39 -23.40
O5 NAG E . -3.34 35.11 -22.03
O6 NAG E . -6.38 36.75 -22.92
O7 NAG E . 1.25 34.50 -21.86
C1 NAG E . -4.54 38.87 -24.46
C2 NAG E . -4.82 40.33 -24.16
C3 NAG E . -4.82 41.13 -25.44
C4 NAG E . -5.54 40.39 -26.56
C5 NAG E . -4.98 38.98 -26.74
C6 NAG E . -4.38 38.83 -28.12
C7 NAG E . -6.19 40.13 -22.18
C8 NAG E . -7.57 40.02 -21.64
N2 NAG E . -6.10 40.39 -23.48
O3 NAG E . -3.48 41.38 -25.82
O4 NAG E . -6.95 40.34 -26.27
O5 NAG E . -3.98 38.74 -25.76
O6 NAG E . -3.39 39.84 -28.30
O7 NAG E . -5.20 40.00 -21.48
C1 NAG F . -0.36 46.97 -9.87
C2 NAG F . 1.11 47.18 -10.25
C3 NAG F . 1.49 48.65 -10.16
C4 NAG F . 0.51 49.51 -10.94
C5 NAG F . -0.92 49.21 -10.51
C6 NAG F . -1.96 49.93 -11.33
C7 NAG F . 2.15 46.52 -8.10
C8 NAG F . 3.12 45.59 -7.45
N2 NAG F . 2.00 46.37 -9.43
O3 NAG F . 2.81 48.83 -10.68
O4 NAG F . 0.79 50.89 -10.71
O5 NAG F . -1.18 47.81 -10.66
O6 NAG F . -1.60 51.29 -11.55
O7 NAG F . 1.53 47.36 -7.46
C1 NAG G . -38.68 23.30 26.27
C2 NAG G . -39.76 24.21 26.87
C3 NAG G . -40.84 23.37 27.54
C4 NAG G . -41.39 22.34 26.57
C5 NAG G . -40.26 21.51 25.98
C6 NAG G . -40.72 20.54 24.91
C7 NAG G . -39.13 26.47 27.56
C8 NAG G . -38.53 27.32 28.64
N2 NAG G . -39.19 25.16 27.80
O3 NAG G . -41.87 24.21 28.03
O4 NAG G . -42.33 21.49 27.23
O5 NAG G . -39.29 22.36 25.36
O6 NAG G . -40.64 19.19 25.35
O7 NAG G . -39.56 26.96 26.51
C1 LPE H . 18.33 18.39 -0.73
O1 LPE H . 19.72 18.19 -0.54
C2 LPE H . 18.03 19.61 -1.59
O2H LPE H . 16.61 19.78 -1.65
C3 LPE H . 18.55 20.92 -1.03
C11 LPE H . 20.13 16.91 -0.99
C12 LPE H . 19.42 15.79 -0.25
O3 LPE H . 17.61 21.86 -1.54
P LPE H . 17.58 23.42 -1.13
O31 LPE H . 18.06 24.21 -2.32
O32 LPE H . 16.22 23.72 -0.54
O33 LPE H . 18.67 23.58 0.03
C31 LPE H . 18.65 24.75 0.85
C32 LPE H . 19.76 25.69 0.42
N LPE H . 19.47 27.06 0.87
C13 LPE H . 19.96 14.46 -0.73
C14 LPE H . 19.27 13.28 -0.07
C15 LPE H . 19.89 11.98 -0.52
C16 LPE H . 19.21 10.83 0.19
C17 LPE H . 19.97 9.54 -0.02
C18 LPE H . 19.72 8.64 1.16
C19 LPE H . 20.65 7.44 1.10
C20 LPE H . 20.52 6.58 2.34
C21 LPE H . 21.12 5.22 2.07
C22 LPE H . 20.91 4.29 3.25
C1 LPE I . 26.47 10.69 -7.89
O1 LPE I . 26.21 9.54 -7.09
C2 LPE I . 25.67 11.89 -7.41
O2H LPE I . 25.92 12.06 -6.01
C3 LPE I . 26.13 13.13 -8.16
C11 LPE I . 27.21 8.55 -7.28
C12 LPE I . 26.71 7.16 -6.88
O3 LPE I . 25.38 14.27 -7.73
P LPE I . 26.20 15.56 -7.24
O31 LPE I . 26.31 15.47 -5.74
O32 LPE I . 27.45 15.62 -8.09
O33 LPE I . 25.29 16.84 -7.58
C31 LPE I . 25.93 18.12 -7.69
C32 LPE I . 24.95 19.19 -8.15
N LPE I . 25.66 20.47 -8.22
C1N LPE I . 26.77 20.42 -7.28
C2N LPE I . 26.18 20.70 -9.58
C3N LPE I . 24.76 21.56 -7.84
C13 LPE I . 26.48 7.07 -5.38
C14 LPE I . 25.89 5.71 -5.01
C1 PCW J . 21.39 24.12 -6.36
C2 PCW J . 20.73 22.80 -6.03
C3 PCW J . 19.30 22.82 -6.57
C4 PCW J . 21.64 27.95 -7.44
C5 PCW J . 22.70 27.17 -8.19
C6 PCW J . 21.55 28.47 -9.83
C7 PCW J . 23.94 28.55 -9.68
C8 PCW J . 22.87 26.56 -10.49
C11 PCW J . 17.30 21.58 -5.78
C12 PCW J . 16.80 20.43 -4.95
C13 PCW J . 17.07 19.16 -5.74
C14 PCW J . 17.72 18.10 -4.89
C15 PCW J . 16.69 17.21 -4.21
C16 PCW J . 17.09 15.77 -4.46
C17 PCW J . 16.29 14.84 -3.58
C18 PCW J . 16.14 13.50 -4.28
C19 PCW J . 17.47 12.82 -4.38
C20 PCW J . 17.46 11.54 -4.10
C21 PCW J . 16.13 10.98 -3.69
C22 PCW J . 16.25 9.50 -3.42
C23 PCW J . 16.38 8.68 -4.70
C24 PCW J . 16.40 7.23 -4.27
C25 PCW J . 16.52 6.26 -5.44
C26 PCW J . 16.51 4.84 -4.92
C27 PCW J . 16.59 3.83 -6.05
C28 PCW J . 16.38 2.44 -5.50
C31 PCW J . 21.77 20.67 -5.70
C32 PCW J . 21.43 19.25 -6.11
C33 PCW J . 21.82 18.24 -5.05
C34 PCW J . 21.40 16.87 -5.55
C35 PCW J . 21.80 15.76 -4.59
C36 PCW J . 21.38 14.43 -5.17
C37 PCW J . 21.73 14.35 -6.66
C38 PCW J . 21.83 12.90 -7.12
C39 PCW J . 20.47 12.26 -7.08
C40 PCW J . 20.34 11.01 -6.68
C41 PCW J . 21.54 10.23 -6.25
C42 PCW J . 21.50 10.08 -4.73
C43 PCW J . 20.38 9.15 -4.28
C44 PCW J . 20.64 7.71 -4.70
C45 PCW J . 21.88 7.11 -4.04
C46 PCW J . 21.59 6.54 -2.66
C47 PCW J . 22.90 6.16 -1.99
N PCW J . 22.76 27.68 -9.55
O2 PCW J . 21.47 21.75 -6.62
O3 PCW J . 18.68 21.59 -6.25
O11 PCW J . 16.57 22.51 -6.07
O31 PCW J . 22.28 20.90 -4.63
O1P PCW J . 19.56 27.00 -4.59
O2P PCW J . 19.55 26.22 -7.08
O3P PCW J . 21.01 25.09 -5.37
O4P PCW J . 21.52 27.43 -6.12
P PCW J . 20.29 26.46 -5.79
C1 LPE K . 20.08 12.57 8.82
O1 LPE K . 20.35 11.57 9.80
C2 LPE K . 19.89 13.93 9.46
O2H LPE K . 18.79 13.89 10.37
C3 LPE K . 21.15 14.45 10.18
C11 LPE K . 19.23 10.72 10.00
C12 LPE K . 19.49 9.80 11.18
O3 LPE K . 20.85 15.68 10.83
P LPE K . 21.96 16.81 11.17
O31 LPE K . 22.93 16.92 10.03
O32 LPE K . 22.48 16.55 12.56
O33 LPE K . 21.08 18.16 11.22
C31 LPE K . 21.60 19.43 11.59
C32 LPE K . 21.14 20.47 10.56
N LPE K . 21.36 21.84 11.04
C1N LPE K . 20.33 22.73 10.49
C2N LPE K . 21.27 21.86 12.51
C3N LPE K . 22.68 22.31 10.61
C13 LPE K . 20.54 8.75 10.86
C14 LPE K . 20.63 7.82 12.05
C15 LPE K . 21.74 6.79 11.89
C16 LPE K . 21.29 5.51 11.22
C17 LPE K . 21.70 4.32 12.07
C18 LPE K . 21.38 3.01 11.38
C19 LPE K . 21.81 1.84 12.26
C20 LPE K . 21.56 0.50 11.57
C21 LPE K . 22.29 0.44 10.24
C22 LPE K . 22.07 -0.89 9.54
C1 LPE L . 28.73 -1.14 11.20
O1 LPE L . 28.21 -0.05 11.95
C2 LPE L . 30.23 -1.10 11.40
O2H LPE L . 30.44 -1.18 12.81
C3 LPE L . 30.92 -2.26 10.70
C11 LPE L . 26.90 0.31 11.53
C12 LPE L . 26.38 1.41 12.44
O3 LPE L . 30.79 -3.50 11.40
P LPE L . 31.75 -4.72 10.99
O31 LPE L . 32.77 -4.21 10.00
O32 LPE L . 30.90 -5.92 10.63
O33 LPE L . 32.53 -5.09 12.34
C31 LPE L . 33.64 -5.99 12.27
C32 LPE L . 33.67 -6.88 13.51
N LPE L . 32.89 -8.10 13.29
C1N LPE L . 31.48 -7.89 13.68
C2N LPE L . 32.94 -8.48 11.87
C3N LPE L . 33.44 -9.19 14.10
C13 LPE L . 27.08 2.74 12.19
C14 LPE L . 26.67 3.34 10.85
C15 LPE L . 26.86 4.85 10.82
C16 LPE L . 25.74 5.56 11.57
C17 LPE L . 25.91 7.07 11.57
C18 LPE L . 25.93 7.61 10.15
C19 LPE L . 25.73 9.13 10.10
C20 LPE L . 24.26 9.48 10.24
C21 LPE L . 23.96 10.91 9.79
C22 LPE L . 24.30 11.95 10.84
C1 PCW M . -25.40 -3.79 5.75
C2 PCW M . -24.90 -4.92 4.87
C3 PCW M . -25.76 -4.94 3.61
C4 PCW M . -24.28 0.92 5.88
C5 PCW M . -23.72 1.53 4.62
C6 PCW M . -23.63 3.60 3.45
C7 PCW M . -25.60 2.99 4.64
C8 PCW M . -23.65 3.57 5.86
C11 PCW M . -25.49 -6.02 1.38
C12 PCW M . -24.94 -7.14 0.56
C13 PCW M . -23.47 -7.27 0.89
C14 PCW M . -22.86 -8.44 0.18
C15 PCW M . -21.55 -8.77 0.88
C16 PCW M . -20.84 -9.94 0.24
C17 PCW M . -20.30 -9.57 -1.11
C18 PCW M . -19.28 -10.60 -1.53
C19 PCW M . -18.34 -10.77 -0.39
C20 PCW M . -17.26 -11.52 -0.50
C21 PCW M . -16.91 -12.25 -1.77
C22 PCW M . -15.39 -12.20 -1.91
C23 PCW M . -14.89 -13.30 -2.83
C24 PCW M . -15.25 -13.06 -4.28
C25 PCW M . -14.90 -14.28 -5.12
C26 PCW M . -13.54 -14.84 -4.72
C31 PCW M . -22.67 -5.58 5.16
C32 PCW M . -21.73 -6.46 4.39
C33 PCW M . -20.63 -5.60 3.81
C34 PCW M . -19.49 -6.45 3.27
C35 PCW M . -18.89 -7.32 4.36
C36 PCW M . -17.49 -7.79 4.02
C37 PCW M . -17.50 -8.82 2.91
C38 PCW M . -16.18 -9.58 2.85
C39 PCW M . -15.08 -8.62 2.50
C40 PCW M . -13.86 -9.05 2.20
C41 PCW M . -13.50 -10.52 2.21
C42 PCW M . -12.43 -10.77 1.15
C43 PCW M . -11.84 -12.17 1.25
N PCW M . -24.13 2.93 4.65
O2 PCW M . -23.56 -4.65 4.51
O3 PCW M . -25.33 -6.04 2.81
O11 PCW M . -26.09 -5.10 0.87
O31 PCW M . -22.70 -5.63 6.37
O1P PCW M . -25.99 -1.55 7.14
O2P PCW M . -26.62 -0.44 4.86
O3P PCW M . -25.33 -2.61 4.98
O4P PCW M . -24.26 -0.48 5.70
P PCW M . -25.66 -1.23 5.71
C1 PCW N . 1.63 -27.85 16.77
C2 PCW N . 1.09 -26.81 17.72
C3 PCW N . 0.81 -27.50 19.02
C4 PCW N . 3.83 -30.91 16.19
C5 PCW N . 4.47 -29.98 15.16
C6 PCW N . 2.74 -29.52 13.56
C7 PCW N . 4.94 -30.02 12.83
C8 PCW N . 3.59 -31.73 13.81
C11 PCW N . 2.23 -28.50 20.74
C12 PCW N . 1.92 -27.44 21.75
C13 PCW N . 0.97 -27.97 22.82
C14 PCW N . 0.40 -26.76 23.51
C15 PCW N . -0.19 -25.88 22.42
C16 PCW N . -0.33 -24.43 22.84
C17 PCW N . -0.84 -23.70 21.62
C18 PCW N . -0.90 -22.20 21.81
C19 PCW N . -1.48 -21.57 20.57
C20 PCW N . -2.80 -21.44 20.45
C21 PCW N . -3.34 -20.82 19.21
C22 PCW N . -2.67 -19.47 19.02
C23 PCW N . -3.05 -18.92 17.65
C24 PCW N . -2.89 -17.41 17.61
C25 PCW N . -3.63 -16.85 16.40
C26 PCW N . -3.97 -15.39 16.62
C27 PCW N . -4.88 -14.89 15.52
C31 PCW N . 1.72 -24.56 17.66
C32 PCW N . 1.62 -23.49 18.70
C33 PCW N . 1.23 -22.18 18.02
C34 PCW N . 2.03 -21.04 18.62
C35 PCW N . 1.57 -19.71 18.04
C36 PCW N . 2.44 -18.59 18.56
C37 PCW N . 1.89 -17.24 18.14
C38 PCW N . 2.81 -16.14 18.63
C39 PCW N . 2.23 -14.79 18.29
N PCW N . 3.93 -30.32 13.85
O2 PCW N . 2.12 -25.89 18.01
O3 PCW N . 2.02 -28.16 19.36
O11 PCW N . 2.62 -29.61 21.05
O31 PCW N . 1.49 -24.32 16.50
O1P PCW N . 1.09 -30.92 18.46
O2P PCW N . 1.11 -31.33 15.90
O3P PCW N . 0.80 -29.01 16.83
O4P PCW N . 3.01 -30.13 17.04
P PCW N . 1.45 -30.46 17.07
C1 PCW O . 4.88 -29.44 23.97
C2 PCW O . 4.55 -27.99 24.29
C3 PCW O . 4.15 -27.91 25.75
C4 PCW O . 4.31 -32.25 26.76
C5 PCW O . 4.09 -31.24 27.89
C6 PCW O . 6.47 -31.20 27.72
C7 PCW O . 5.36 -29.78 29.30
C8 PCW O . 5.41 -32.16 29.65
C11 PCW O . 2.76 -26.34 27.04
C12 PCW O . 1.56 -25.43 27.16
C13 PCW O . 1.69 -24.27 26.20
C14 PCW O . 0.55 -23.28 26.39
C15 PCW O . 0.39 -22.97 27.87
C16 PCW O . -0.86 -22.13 28.10
C17 PCW O . -0.75 -20.76 27.44
C18 PCW O . -2.07 -20.01 27.55
C19 PCW O . -1.87 -18.60 27.04
C20 PCW O . -2.82 -17.98 26.34
C21 PCW O . -4.13 -18.67 26.02
C22 PCW O . -5.30 -17.79 26.44
C23 PCW O . -5.35 -16.46 25.70
C24 PCW O . -6.46 -15.58 26.27
C25 PCW O . -6.47 -14.18 25.67
C26 PCW O . -6.81 -14.24 24.19
C27 PCW O . -6.75 -12.85 23.56
C31 PCW O . 5.33 -26.03 23.19
C32 PCW O . 5.06 -24.68 23.80
C33 PCW O . 4.33 -23.78 22.82
C34 PCW O . 3.83 -22.53 23.53
C35 PCW O . 3.09 -21.60 22.59
C36 PCW O . 2.50 -20.43 23.37
C37 PCW O . 1.64 -19.53 22.49
C38 PCW O . 0.73 -18.68 23.35
C39 PCW O . -0.25 -17.95 22.47
N PCW O . 5.34 -31.09 28.64
O2 PCW O . 5.68 -27.15 24.04
O3 PCW O . 2.97 -27.13 25.86
O11 PCW O . 3.57 -26.42 27.95
O31 PCW O . 5.25 -26.20 21.99
O1P PCW O . 5.17 -32.21 24.09
O2P PCW O . 2.68 -32.34 23.34
O3P PCW O . 3.69 -30.19 24.19
O4P PCW O . 3.30 -32.08 25.78
P PCW O . 3.73 -31.79 24.26
C1 LPE P . 1.65 7.12 23.95
O1 LPE P . 1.73 5.71 24.10
C2 LPE P . 0.63 7.76 24.88
O2H LPE P . 0.84 7.28 26.21
C3 LPE P . 0.82 9.26 24.86
C11 LPE P . 2.19 5.10 22.90
C12 LPE P . 3.54 4.44 23.13
O3 LPE P . 0.06 9.89 25.90
P LPE P . -0.21 11.48 25.90
O31 LPE P . -1.00 11.87 24.67
O32 LPE P . -0.76 11.85 27.25
O33 LPE P . 1.26 12.12 25.76
C31 LPE P . 1.91 12.70 26.89
C32 LPE P . 1.99 14.21 26.71
N LPE P . 2.13 14.82 28.04
C1N LPE P . 1.63 13.89 29.04
C2N LPE P . 3.54 15.09 28.30
C3N LPE P . 1.35 16.06 28.09
C13 LPE P . 4.43 4.70 21.93
C14 LPE P . 5.87 4.25 22.16
C15 LPE P . 6.06 2.76 21.90
C16 LPE P . 6.11 2.44 20.42
C17 LPE P . 6.54 1.00 20.19
C18 LPE P . 6.63 0.66 18.70
C19 LPE P . 7.30 -0.70 18.49
C1 LPE Q . 14.69 2.98 26.55
O1 LPE Q . 15.10 1.94 25.68
C2 LPE Q . 13.41 3.64 26.06
O2H LPE Q . 12.35 2.70 25.99
C3 LPE Q . 13.04 4.73 27.07
C11 LPE Q . 15.99 2.41 24.69
C12 LPE Q . 17.35 1.76 24.90
O3 LPE Q . 11.78 5.32 26.83
P LPE Q . 11.27 6.42 27.88
O31 LPE Q . 12.44 7.24 28.33
O32 LPE Q . 10.43 5.73 28.92
O33 LPE Q . 10.30 7.33 27.02
C31 LPE Q . 9.14 7.87 27.62
C32 LPE Q . 9.56 9.06 28.46
N LPE Q . 8.62 10.12 28.16
C1N LPE Q . 8.24 10.82 29.39
C2N LPE Q . 9.23 11.07 27.23
C3N LPE Q . 7.44 9.54 27.50
C13 LPE Q . 18.19 1.80 23.62
C14 LPE Q . 17.70 0.83 22.57
C15 LPE Q . 18.13 -0.60 22.91
C16 LPE Q . 16.94 -1.54 22.86
C17 LPE Q . 17.26 -2.87 23.55
C18 LPE Q . 17.23 -2.78 25.07
C19 LPE Q . 15.82 -2.65 25.62
C1 LPE R . 50.73 0.30 20.79
O1 LPE R . 51.97 0.88 20.40
C2 LPE R . 50.86 -1.21 20.91
O2H LPE R . 49.66 -1.74 21.46
C3 LPE R . 51.05 -1.84 19.54
C11 LPE R . 51.81 2.18 19.85
O3 LPE R . 52.39 -1.60 19.09
P LPE R . 52.68 -1.07 17.60
O31 LPE R . 54.15 -0.78 17.49
O32 LPE R . 51.68 0.02 17.28
O33 LPE R . 52.36 -2.34 16.69
C31 LPE R . 53.42 -3.18 16.28
C32 LPE R . 53.51 -3.14 14.75
N LPE R . 54.82 -3.69 14.36
C1N LPE R . 54.61 -4.89 13.55
C2N LPE R . 55.55 -2.68 13.58
C3N LPE R . 55.59 -4.04 15.56
C1 PCW S . 4.84 -22.44 27.42
C2 PCW S . 4.16 -21.57 28.46
C3 PCW S . 4.33 -22.23 29.82
C4 PCW S . 6.90 -25.60 29.15
C5 PCW S . 7.50 -26.82 28.48
C6 PCW S . 7.78 -27.63 30.71
C7 PCW S . 8.94 -28.69 28.88
C8 PCW S . 9.57 -26.50 29.62
C11 PCW S . 3.44 -24.29 30.97
C12 PCW S . 2.86 -23.65 32.21
C13 PCW S . 1.42 -23.20 31.93
C14 PCW S . 0.97 -22.21 33.00
C15 PCW S . 1.73 -20.91 32.85
C16 PCW S . 1.18 -20.09 31.70
C17 PCW S . -0.25 -19.69 32.02
C18 PCW S . -0.81 -18.73 30.98
C19 PCW S . -0.16 -17.37 31.13
C20 PCW S . -0.86 -16.29 30.80
C21 PCW S . -2.28 -16.49 30.32
C22 PCW S . -2.89 -15.18 29.84
C23 PCW S . -3.04 -14.17 30.97
C24 PCW S . -4.37 -13.42 30.86
C25 PCW S . -4.54 -12.74 29.50
C26 PCW S . -5.91 -12.08 29.38
C27 PCW S . -6.06 -11.35 28.05
C31 PCW S . 4.44 -19.52 27.25
C32 PCW S . 3.10 -18.86 27.11
C33 PCW S . 2.96 -17.78 28.16
C34 PCW S . 1.84 -16.82 27.78
C35 PCW S . 2.08 -16.33 26.36
C36 PCW S . 1.33 -15.05 26.06
C37 PCW S . -0.18 -15.21 26.26
C38 PCW S . -0.88 -13.88 26.06
C39 PCW S . -2.36 -14.05 26.31
N PCW S . 8.44 -27.42 29.41
O2 PCW S . 4.78 -20.29 28.44
O3 PCW S . 3.66 -23.50 29.78
O11 PCW S . 3.73 -25.48 30.98
O31 PCW S . 5.26 -19.41 26.37
O1P PCW S . 8.41 -23.39 28.33
O2P PCW S . 7.32 -23.96 26.03
O3P PCW S . 6.24 -22.33 27.64
O4P PCW S . 6.29 -24.77 28.18
P PCW S . 7.18 -23.63 27.49
C1 NAG T . 10.49 42.29 27.64
C2 NAG T . 11.26 41.83 26.43
C3 NAG T . 12.59 42.54 26.49
C4 NAG T . 12.33 44.04 26.41
C5 NAG T . 11.42 44.46 27.55
C6 NAG T . 11.01 45.92 27.46
C7 NAG T . 10.76 39.66 25.60
C8 NAG T . 10.56 38.23 26.00
N2 NAG T . 11.46 40.40 26.44
O3 NAG T . 13.40 42.12 25.39
O4 NAG T . 13.58 44.71 26.46
O5 NAG T . 10.24 43.68 27.48
O6 NAG T . 12.04 46.77 27.98
O7 NAG T . 10.29 40.11 24.59
C1 NAG U . -17.51 37.50 27.48
C2 NAG U . -16.70 37.38 28.77
C3 NAG U . -16.79 38.70 29.52
C4 NAG U . -16.33 39.82 28.60
C5 NAG U . -17.12 39.81 27.29
C6 NAG U . -16.62 40.90 26.35
C7 NAG U . -16.55 35.12 29.65
C8 NAG U . -17.41 33.95 30.01
N2 NAG U . -17.18 36.30 29.62
O3 NAG U . -15.95 38.66 30.68
O4 NAG U . -16.50 41.08 29.25
O5 NAG U . -16.99 38.54 26.65
O6 NAG U . -17.47 40.94 25.19
O7 NAG U . -15.36 35.02 29.40
C1 NAG V . 15.75 50.38 40.40
C2 NAG V . 16.93 50.37 39.45
C3 NAG V . 18.14 50.97 40.13
C4 NAG V . 17.84 52.40 40.56
C5 NAG V . 16.52 52.48 41.31
C6 NAG V . 16.07 53.94 41.44
C7 NAG V . 16.74 48.54 37.81
C8 NAG V . 17.09 47.13 37.45
N2 NAG V . 17.21 49.02 38.97
O3 NAG V . 19.24 50.98 39.21
O4 NAG V . 18.89 52.87 41.39
O5 NAG V . 15.49 51.77 40.64
O6 NAG V . 14.81 53.99 42.12
O7 NAG V . 16.03 49.20 37.07
C1 NAG W . 6.22 50.57 48.97
C2 NAG W . 5.08 51.55 48.70
C3 NAG W . 4.42 52.11 49.95
C4 NAG W . 4.12 50.99 50.92
C5 NAG W . 5.47 50.44 51.36
C6 NAG W . 5.31 49.30 52.36
C7 NAG W . 5.99 52.63 46.68
C8 NAG W . 6.48 53.92 46.11
N2 NAG W . 5.58 52.70 47.94
O3 NAG W . 3.21 52.77 49.57
O4 NAG W . 3.38 51.49 52.04
O5 NAG W . 6.18 49.90 50.24
O6 NAG W . 6.61 48.71 52.56
O7 NAG W . 5.96 51.61 46.01
#